data_5GZO
#
_entry.id   5GZO
#
_cell.length_a   128.668
_cell.length_b   97.504
_cell.length_c   165.753
_cell.angle_alpha   90.00
_cell.angle_beta   91.52
_cell.angle_gamma   90.00
#
_symmetry.space_group_name_H-M   'C 1 2 1'
#
loop_
_entity.id
_entity.type
_entity.pdbx_description
1 polymer 'Genome polyprotein'
2 polymer 'Antibody heavy chain'
3 polymer 'Antibody light chain'
#
loop_
_entity_poly.entity_id
_entity_poly.type
_entity_poly.pdbx_seq_one_letter_code
_entity_poly.pdbx_strand_id
1 'polypeptide(L)'
;IRCIGVSNRDFVEGMSGGTWVDVVLEHGGCVTVMAQDKPTVDIELVTTTVSNMAEVRSYCYEASISDMASDSRCPTQGEA
YLDKQSDTQYVCKRTLVDRGWGNGCGLFGKGSLVTCAKFACSKKMTGKSIQPENLEYRIMLSVHGSQHSGMIVNDTGHET
DENRAKVEITPNSPRAEATLGGFGSLGLDCEPRTGLDFSDLYYLTMNNKHWLVHKEWFHDIPLPWHAGADTGTPHWNNKE
ALVEFKDAHAKRQTVVVLGSQEGAVHTALAGALEAEMDGAKGRLSSGHLKCRLKMDKLRLKGVSYSLCTAAFTFTKIPAE
TLHGTVTVEVQYAGTDGPCKVPAQMAVDMQTLTPVGRLITANPVITESTENSKMMLELDPPFGDSYIVIGVGEKKITHHW
HRSGSTIGK
;
A,B
2 'polypeptide(L)'
;QVQLQESGPGLVKPSGTLSLTCAVSGGSISSSNWWSWVRQPPGKGLEWIGEIYHSGSTNYNPSLKSRVTISVDKSKNQFS
LKLSSVTAADTAVYYCARDRDDLSPFDYWGQGTLVTVSSASTKGPSVFPLAPSSKSTSGGTAALGCLVKDYFPEPVTVSW
NSGALTSGVHTFPAVLQSSGLYSLSSVVTVPSSSLGTQTYICNVNHKPSNTKVDKRVEPK
;
H,C
3 'polypeptide(L)'
;DIVMTQSPSSLSASVGDRVTITCRASQGIRNDLGWYQQKPGKAPKRLIYAASSLQSGVPSRFSGSGSGTEFTLTISSLQP
EDFATYYCLQHNSYPRTFGQGTKVEIKRTVAAPSVFIFPPSDEQLKSGTASVVCLLNNFYPREAKVQWKVDNALQSGNSQ
ESVTEQDSKDSTYSLSSTLTLSKADYEKHKVYACEVTHQGLSSPVTKSFNRGECS
;
L,D
#
# COMPACT_ATOMS: atom_id res chain seq x y z
N ILE A 1 0.50 32.51 11.39
CA ILE A 1 0.75 31.42 12.32
C ILE A 1 -0.57 30.78 12.77
N ARG A 2 -0.63 29.45 12.71
CA ARG A 2 -1.87 28.73 12.92
C ARG A 2 -2.08 28.34 14.39
N CYS A 3 -3.13 27.56 14.62
CA CYS A 3 -3.43 26.94 15.93
C CYS A 3 -3.86 27.88 17.05
N ILE A 4 -3.45 29.15 16.98
CA ILE A 4 -3.74 30.09 18.06
C ILE A 4 -5.24 30.27 18.28
N GLY A 5 -5.99 30.43 17.20
CA GLY A 5 -7.43 30.63 17.30
C GLY A 5 -8.21 29.35 17.51
N VAL A 6 -7.57 28.21 17.28
CA VAL A 6 -8.21 26.91 17.37
C VAL A 6 -8.63 26.56 18.80
N SER A 7 -9.90 26.19 18.96
CA SER A 7 -10.43 25.85 20.27
C SER A 7 -9.92 24.48 20.73
N ASN A 8 -9.88 23.51 19.83
CA ASN A 8 -9.43 22.16 20.16
C ASN A 8 -7.92 22.02 20.00
N ARG A 9 -7.17 22.68 20.87
CA ARG A 9 -5.71 22.69 20.77
C ARG A 9 -5.06 21.90 21.91
N ASP A 10 -4.18 20.98 21.55
CA ASP A 10 -3.41 20.22 22.53
C ASP A 10 -1.99 20.75 22.61
N PHE A 11 -1.38 20.65 23.78
CA PHE A 11 0.01 21.02 23.96
C PHE A 11 0.82 19.79 24.36
N VAL A 12 1.70 19.35 23.47
CA VAL A 12 2.52 18.18 23.77
C VAL A 12 3.99 18.55 23.95
N GLU A 13 4.51 18.28 25.13
CA GLU A 13 5.91 18.53 25.44
C GLU A 13 6.76 17.32 25.06
N GLY A 14 7.94 17.58 24.49
CA GLY A 14 8.86 16.51 24.12
C GLY A 14 9.49 15.85 25.32
N MET A 15 10.55 15.09 25.08
CA MET A 15 11.25 14.38 26.14
C MET A 15 12.76 14.40 25.92
N SER A 16 13.48 15.07 26.81
CA SER A 16 14.94 15.23 26.72
C SER A 16 15.33 15.79 25.36
N GLY A 17 16.20 15.05 24.67
CA GLY A 17 16.48 15.28 23.26
C GLY A 17 16.03 14.03 22.53
N GLY A 18 14.87 13.52 22.93
CA GLY A 18 14.37 12.24 22.46
C GLY A 18 13.86 12.21 21.03
N THR A 19 13.83 11.01 20.46
CA THR A 19 13.46 10.82 19.07
C THR A 19 11.98 11.10 18.77
N TRP A 20 11.09 10.49 19.55
CA TRP A 20 9.67 10.49 19.20
C TRP A 20 8.76 11.15 20.23
N VAL A 21 7.56 11.54 19.78
CA VAL A 21 6.46 11.93 20.66
C VAL A 21 5.13 11.52 20.03
N ASP A 22 4.22 11.01 20.84
CA ASP A 22 2.93 10.55 20.33
C ASP A 22 1.87 11.64 20.38
N VAL A 23 1.07 11.71 19.33
CA VAL A 23 0.01 12.72 19.25
C VAL A 23 -1.31 12.13 18.74
N VAL A 24 -2.42 12.75 19.15
CA VAL A 24 -3.72 12.38 18.64
C VAL A 24 -4.27 13.52 17.79
N LEU A 25 -4.47 13.25 16.51
CA LEU A 25 -4.91 14.28 15.57
C LEU A 25 -6.41 14.17 15.30
N GLU A 26 -7.15 15.18 15.73
CA GLU A 26 -8.59 15.23 15.51
C GLU A 26 -8.95 16.30 14.49
N HIS A 27 -10.11 16.16 13.87
CA HIS A 27 -10.56 17.10 12.84
C HIS A 27 -10.92 18.47 13.44
N GLY A 28 -10.42 19.53 12.81
CA GLY A 28 -10.68 20.87 13.28
C GLY A 28 -9.94 21.19 14.56
N GLY A 29 -9.04 20.29 14.94
CA GLY A 29 -8.21 20.50 16.11
C GLY A 29 -6.77 20.71 15.68
N CYS A 30 -5.92 21.05 16.64
CA CYS A 30 -4.51 21.31 16.35
C CYS A 30 -3.63 20.85 17.50
N VAL A 31 -2.43 20.37 17.18
CA VAL A 31 -1.48 19.98 18.21
C VAL A 31 -0.20 20.80 18.11
N THR A 32 0.16 21.45 19.20
CA THR A 32 1.40 22.22 19.27
C THR A 32 2.46 21.40 19.99
N VAL A 33 3.52 21.06 19.29
CA VAL A 33 4.59 20.25 19.86
C VAL A 33 5.80 21.10 20.21
N MET A 34 6.25 20.93 21.45
CA MET A 34 7.41 21.64 21.96
C MET A 34 8.43 20.65 22.53
N ALA A 35 9.66 20.72 22.04
CA ALA A 35 10.74 19.92 22.59
C ALA A 35 11.96 20.81 22.81
N GLN A 36 12.72 20.52 23.86
CA GLN A 36 13.89 21.35 24.16
C GLN A 36 14.92 21.23 23.05
N ASP A 37 15.51 22.36 22.68
CA ASP A 37 16.38 22.46 21.51
C ASP A 37 15.69 21.92 20.26
N LYS A 38 14.45 22.35 20.07
CA LYS A 38 13.71 22.06 18.84
C LYS A 38 12.86 23.28 18.50
N PRO A 39 12.67 23.55 17.21
CA PRO A 39 11.69 24.58 16.87
C PRO A 39 10.29 24.05 17.18
N THR A 40 9.43 24.89 17.76
CA THR A 40 8.07 24.46 18.07
C THR A 40 7.30 24.24 16.78
N VAL A 41 6.52 23.17 16.72
CA VAL A 41 5.81 22.85 15.48
C VAL A 41 4.31 22.70 15.68
N ASP A 42 3.57 22.83 14.59
CA ASP A 42 2.11 22.70 14.61
C ASP A 42 1.65 21.59 13.67
N ILE A 43 0.93 20.61 14.21
CA ILE A 43 0.35 19.55 13.39
C ILE A 43 -1.16 19.72 13.34
N GLU A 44 -1.74 19.60 12.14
CA GLU A 44 -3.18 19.73 11.98
C GLU A 44 -3.77 18.72 10.99
N LEU A 45 -4.76 17.95 11.43
CA LEU A 45 -5.52 17.12 10.52
C LEU A 45 -6.54 17.99 9.82
N VAL A 46 -6.29 18.29 8.54
CA VAL A 46 -7.08 19.25 7.78
C VAL A 46 -8.32 18.65 7.11
N THR A 47 -8.12 17.59 6.32
CA THR A 47 -9.23 16.96 5.59
C THR A 47 -9.06 15.45 5.46
N THR A 48 -10.07 14.70 5.90
CA THR A 48 -10.17 13.30 5.55
C THR A 48 -10.96 13.22 4.26
N THR A 49 -10.49 12.44 3.29
CA THR A 49 -11.21 12.36 2.00
C THR A 49 -11.25 10.95 1.41
N VAL A 50 -12.35 10.65 0.72
CA VAL A 50 -12.61 9.33 0.12
C VAL A 50 -12.97 9.47 -1.36
N SER A 51 -12.17 8.90 -2.26
CA SER A 51 -12.50 8.96 -3.68
C SER A 51 -12.99 7.60 -4.19
N ASN A 52 -13.45 7.57 -5.44
CA ASN A 52 -13.85 6.34 -6.11
C ASN A 52 -14.78 5.44 -5.29
N MET A 53 -15.91 5.98 -4.85
CA MET A 53 -16.83 5.19 -4.05
C MET A 53 -17.83 4.45 -4.93
N ALA A 54 -18.07 3.18 -4.60
CA ALA A 54 -18.89 2.30 -5.42
C ALA A 54 -20.33 2.21 -4.92
N GLU A 55 -21.28 2.51 -5.79
CA GLU A 55 -22.70 2.41 -5.46
C GLU A 55 -23.07 1.00 -5.03
N VAL A 56 -23.42 0.84 -3.76
CA VAL A 56 -23.85 -0.45 -3.25
C VAL A 56 -25.35 -0.64 -3.49
N ARG A 57 -26.14 0.36 -3.12
CA ARG A 57 -27.60 0.22 -3.26
C ARG A 57 -28.35 1.56 -3.23
N SER A 58 -29.39 1.69 -4.03
CA SER A 58 -30.22 2.89 -4.04
C SER A 58 -31.64 2.61 -3.51
N TYR A 59 -32.21 3.60 -2.82
CA TYR A 59 -33.56 3.53 -2.27
C TYR A 59 -34.41 4.66 -2.81
N CYS A 60 -35.56 4.34 -3.39
CA CYS A 60 -36.49 5.37 -3.84
C CYS A 60 -37.23 5.96 -2.65
N TYR A 61 -37.24 7.29 -2.55
CA TYR A 61 -37.97 7.94 -1.46
C TYR A 61 -39.07 8.87 -1.94
N GLU A 62 -39.19 9.04 -3.25
CA GLU A 62 -40.35 9.73 -3.83
C GLU A 62 -40.73 9.11 -5.17
N ALA A 63 -42.01 8.78 -5.31
CA ALA A 63 -42.55 8.11 -6.48
C ALA A 63 -43.90 8.67 -6.90
N SER A 64 -44.35 8.26 -8.08
CA SER A 64 -45.69 8.57 -8.55
C SER A 64 -46.31 7.35 -9.24
N ILE A 65 -47.64 7.25 -9.20
CA ILE A 65 -48.34 6.14 -9.84
C ILE A 65 -49.50 6.62 -10.70
N SER A 66 -49.80 5.86 -11.75
CA SER A 66 -50.96 6.15 -12.60
C SER A 66 -51.44 4.92 -13.35
N ASP A 67 -52.59 5.06 -14.01
CA ASP A 67 -53.10 4.06 -14.94
C ASP A 67 -53.38 2.71 -14.32
N MET A 68 -54.05 2.70 -13.18
CA MET A 68 -54.31 1.44 -12.48
C MET A 68 -55.33 0.57 -13.19
N ALA A 69 -55.15 -0.74 -13.08
CA ALA A 69 -56.10 -1.70 -13.63
C ALA A 69 -56.40 -2.75 -12.56
N SER A 70 -57.64 -3.24 -12.55
CA SER A 70 -58.04 -4.26 -11.59
C SER A 70 -58.66 -5.47 -12.26
N ASP A 71 -58.50 -6.62 -11.62
CA ASP A 71 -59.21 -7.81 -12.04
C ASP A 71 -59.86 -8.42 -10.82
N SER A 72 -61.12 -8.83 -10.96
CA SER A 72 -61.80 -9.46 -9.84
C SER A 72 -62.46 -10.75 -10.29
N ARG A 73 -62.53 -11.70 -9.37
CA ARG A 73 -63.16 -12.98 -9.64
C ARG A 73 -64.29 -13.22 -8.65
N CYS A 74 -65.34 -13.88 -9.12
CA CYS A 74 -66.42 -14.31 -8.25
C CYS A 74 -65.95 -15.38 -7.27
N PRO A 75 -66.67 -15.58 -6.16
CA PRO A 75 -66.37 -16.71 -5.28
C PRO A 75 -66.35 -18.03 -6.04
N THR A 76 -65.40 -18.91 -5.69
CA THR A 76 -65.20 -20.21 -6.36
C THR A 76 -64.81 -20.08 -7.83
N GLN A 77 -64.37 -18.90 -8.26
CA GLN A 77 -64.03 -18.73 -9.66
C GLN A 77 -62.55 -18.43 -9.89
N GLY A 78 -61.73 -18.76 -8.89
CA GLY A 78 -60.28 -18.75 -9.06
C GLY A 78 -59.53 -17.55 -8.50
N GLU A 79 -58.32 -17.35 -9.01
CA GLU A 79 -57.49 -16.22 -8.61
C GLU A 79 -57.59 -15.12 -9.66
N ALA A 80 -57.69 -13.88 -9.21
CA ALA A 80 -57.69 -12.74 -10.13
C ALA A 80 -56.32 -12.62 -10.80
N TYR A 81 -56.31 -12.05 -12.01
CA TYR A 81 -55.07 -11.98 -12.78
C TYR A 81 -55.02 -10.78 -13.73
N LEU A 82 -53.86 -10.13 -13.77
CA LEU A 82 -53.56 -9.11 -14.78
C LEU A 82 -52.21 -9.42 -15.41
N ASP A 83 -52.03 -9.07 -16.67
CA ASP A 83 -50.75 -9.26 -17.35
C ASP A 83 -49.63 -8.53 -16.62
N LYS A 84 -49.93 -7.31 -16.17
CA LYS A 84 -48.95 -6.42 -15.58
C LYS A 84 -48.54 -6.85 -14.17
N GLN A 85 -49.21 -7.86 -13.63
CA GLN A 85 -48.90 -8.43 -12.32
C GLN A 85 -47.43 -8.74 -12.09
N SER A 86 -46.73 -9.12 -13.16
CA SER A 86 -45.32 -9.49 -13.07
C SER A 86 -44.47 -8.53 -13.87
N ASP A 87 -45.11 -7.48 -14.36
CA ASP A 87 -44.43 -6.42 -15.09
C ASP A 87 -43.69 -5.50 -14.11
N THR A 88 -42.40 -5.29 -14.36
CA THR A 88 -41.56 -4.58 -13.39
C THR A 88 -41.84 -3.08 -13.33
N GLN A 89 -42.62 -2.57 -14.28
CA GLN A 89 -43.02 -1.17 -14.27
C GLN A 89 -44.32 -0.97 -13.49
N TYR A 90 -44.79 -2.02 -12.83
CA TYR A 90 -46.04 -1.96 -12.09
C TYR A 90 -45.92 -2.42 -10.65
N VAL A 91 -46.78 -1.89 -9.79
CA VAL A 91 -46.88 -2.34 -8.42
C VAL A 91 -48.31 -2.84 -8.19
N CYS A 92 -48.44 -4.02 -7.59
CA CYS A 92 -49.73 -4.65 -7.45
C CYS A 92 -50.09 -5.04 -6.03
N LYS A 93 -51.33 -5.47 -5.84
CA LYS A 93 -51.73 -6.03 -4.56
C LYS A 93 -52.93 -6.95 -4.76
N ARG A 94 -52.83 -8.15 -4.18
CA ARG A 94 -53.93 -9.10 -4.14
C ARG A 94 -54.68 -8.95 -2.83
N THR A 95 -56.00 -9.10 -2.89
CA THR A 95 -56.83 -9.08 -1.69
C THR A 95 -58.14 -9.82 -1.93
N LEU A 96 -58.98 -9.88 -0.89
CA LEU A 96 -60.30 -10.49 -1.00
C LEU A 96 -61.37 -9.43 -0.80
N VAL A 97 -62.53 -9.62 -1.42
CA VAL A 97 -63.60 -8.63 -1.29
C VAL A 97 -64.97 -9.27 -1.36
N ASP A 98 -65.92 -8.71 -0.62
CA ASP A 98 -67.28 -9.26 -0.57
C ASP A 98 -67.97 -9.20 -1.93
N ARG A 99 -68.53 -10.34 -2.32
CA ARG A 99 -69.23 -10.46 -3.60
C ARG A 99 -70.60 -11.08 -3.39
N GLY A 100 -71.54 -10.73 -4.26
CA GLY A 100 -72.88 -11.30 -4.22
C GLY A 100 -73.64 -10.96 -5.48
N TRP A 101 -74.96 -11.17 -5.44
CA TRP A 101 -75.82 -10.84 -6.56
C TRP A 101 -75.71 -9.36 -6.93
N GLY A 102 -75.48 -8.53 -5.92
CA GLY A 102 -75.40 -7.10 -6.10
C GLY A 102 -74.32 -6.64 -7.06
N ASN A 103 -73.26 -7.43 -7.20
CA ASN A 103 -72.14 -7.05 -8.06
C ASN A 103 -71.66 -8.14 -9.04
N GLY A 104 -72.61 -8.90 -9.59
CA GLY A 104 -72.32 -9.76 -10.72
C GLY A 104 -72.11 -11.23 -10.46
N CYS A 105 -71.81 -11.60 -9.22
CA CYS A 105 -71.61 -13.01 -8.89
C CYS A 105 -72.91 -13.69 -8.48
N GLY A 106 -73.02 -14.98 -8.76
CA GLY A 106 -74.23 -15.72 -8.47
C GLY A 106 -74.23 -16.39 -7.11
N LEU A 107 -73.32 -15.97 -6.24
CA LEU A 107 -73.22 -16.55 -4.90
C LEU A 107 -72.47 -15.59 -3.97
N PHE A 108 -72.82 -15.60 -2.69
CA PHE A 108 -72.35 -14.59 -1.75
C PHE A 108 -71.12 -15.01 -0.97
N GLY A 109 -69.97 -14.46 -1.35
CA GLY A 109 -68.74 -14.79 -0.65
C GLY A 109 -67.55 -13.97 -1.09
N LYS A 110 -66.38 -14.29 -0.55
CA LYS A 110 -65.14 -13.60 -0.88
C LYS A 110 -64.71 -13.89 -2.31
N GLY A 111 -64.36 -12.83 -3.03
CA GLY A 111 -63.81 -12.95 -4.36
C GLY A 111 -62.39 -12.42 -4.38
N SER A 112 -61.60 -12.89 -5.34
CA SER A 112 -60.22 -12.46 -5.51
C SER A 112 -60.18 -11.14 -6.24
N LEU A 113 -59.33 -10.23 -5.78
CA LEU A 113 -59.19 -8.93 -6.42
C LEU A 113 -57.72 -8.51 -6.49
N VAL A 114 -57.24 -8.25 -7.70
CA VAL A 114 -55.88 -7.76 -7.86
C VAL A 114 -55.91 -6.37 -8.46
N THR A 115 -55.07 -5.48 -7.93
CA THR A 115 -54.95 -4.15 -8.52
C THR A 115 -53.49 -3.80 -8.81
N CYS A 116 -53.22 -3.39 -10.04
CA CYS A 116 -51.88 -2.98 -10.45
C CYS A 116 -51.87 -1.53 -10.89
N ALA A 117 -50.72 -0.87 -10.76
CA ALA A 117 -50.58 0.52 -11.19
C ALA A 117 -49.15 0.79 -11.63
N LYS A 118 -49.02 1.59 -12.69
CA LYS A 118 -47.70 2.01 -13.18
C LYS A 118 -46.95 2.66 -12.05
N PHE A 119 -45.65 2.39 -11.98
CA PHE A 119 -44.83 2.91 -10.89
C PHE A 119 -43.63 3.64 -11.46
N ALA A 120 -43.40 4.86 -10.99
CA ALA A 120 -42.24 5.64 -11.41
C ALA A 120 -41.59 6.34 -10.21
N CYS A 121 -40.28 6.14 -10.07
CA CYS A 121 -39.55 6.77 -8.97
C CYS A 121 -39.12 8.17 -9.38
N SER A 122 -39.45 9.15 -8.53
CA SER A 122 -39.04 10.53 -8.76
C SER A 122 -37.64 10.77 -8.23
N LYS A 123 -37.42 10.42 -6.96
CA LYS A 123 -36.12 10.71 -6.34
C LYS A 123 -35.60 9.51 -5.55
N LYS A 124 -34.28 9.39 -5.45
CA LYS A 124 -33.68 8.28 -4.74
C LYS A 124 -32.44 8.68 -3.96
N MET A 125 -32.07 7.88 -2.97
CA MET A 125 -30.84 8.07 -2.21
C MET A 125 -29.89 6.91 -2.50
N THR A 126 -28.59 7.16 -2.41
CA THR A 126 -27.63 6.14 -2.80
C THR A 126 -26.57 5.87 -1.74
N GLY A 127 -26.43 4.59 -1.41
CA GLY A 127 -25.43 4.13 -0.48
C GLY A 127 -24.26 3.54 -1.22
N LYS A 128 -23.08 4.11 -0.97
CA LYS A 128 -21.85 3.70 -1.60
C LYS A 128 -20.88 3.05 -0.61
N SER A 129 -20.05 2.14 -1.10
CA SER A 129 -19.06 1.48 -0.26
C SER A 129 -17.84 2.37 -0.02
N ILE A 130 -17.16 2.13 1.09
CA ILE A 130 -15.93 2.86 1.38
C ILE A 130 -14.78 1.89 1.63
N GLN A 131 -13.83 1.87 0.70
CA GLN A 131 -12.68 1.01 0.82
C GLN A 131 -11.44 1.84 1.17
N PRO A 132 -10.65 1.35 2.14
CA PRO A 132 -9.47 2.07 2.66
C PRO A 132 -8.40 2.36 1.60
N GLU A 133 -8.55 1.83 0.40
CA GLU A 133 -7.61 2.11 -0.67
C GLU A 133 -7.77 3.53 -1.20
N ASN A 134 -8.96 4.09 -0.99
CA ASN A 134 -9.28 5.41 -1.49
C ASN A 134 -9.47 6.43 -0.37
N LEU A 135 -9.28 5.98 0.86
CA LEU A 135 -9.27 6.87 2.01
C LEU A 135 -7.96 7.64 2.05
N GLU A 136 -8.00 8.90 2.44
CA GLU A 136 -6.82 9.75 2.43
C GLU A 136 -6.90 10.93 3.40
N TYR A 137 -6.00 10.93 4.38
CA TYR A 137 -5.94 11.97 5.39
C TYR A 137 -4.92 13.05 4.99
N ARG A 138 -5.33 14.31 5.06
CA ARG A 138 -4.44 15.41 4.71
C ARG A 138 -3.97 16.12 5.97
N ILE A 139 -2.66 16.16 6.17
CA ILE A 139 -2.09 16.74 7.37
C ILE A 139 -1.20 17.92 7.06
N MET A 140 -1.38 19.02 7.79
CA MET A 140 -0.57 20.21 7.58
C MET A 140 0.36 20.46 8.75
N LEU A 141 1.62 20.72 8.43
CA LEU A 141 2.66 21.03 9.42
C LEU A 141 3.15 22.46 9.24
N SER A 142 3.18 23.23 10.33
CA SER A 142 3.66 24.61 10.26
C SER A 142 4.59 24.94 11.43
N VAL A 143 5.81 25.35 11.12
CA VAL A 143 6.76 25.76 12.14
C VAL A 143 6.15 26.82 13.05
N HIS A 144 6.48 26.87 14.32
CA HIS A 144 5.80 27.85 15.11
C HIS A 144 6.46 29.16 14.94
N GLY A 145 5.99 29.85 13.93
CA GLY A 145 6.34 31.20 13.55
C GLY A 145 7.31 31.26 12.39
N SER A 146 7.93 32.42 12.21
CA SER A 146 8.89 32.62 11.13
C SER A 146 8.78 34.05 10.57
N GLU A 162 8.71 27.76 2.64
CA GLU A 162 8.66 26.31 2.82
C GLU A 162 8.81 25.94 4.30
N ASN A 163 8.30 26.80 5.17
CA ASN A 163 8.24 26.48 6.59
C ASN A 163 6.93 25.78 6.91
N ARG A 164 6.17 25.49 5.86
CA ARG A 164 4.89 24.78 5.98
C ARG A 164 4.81 23.66 4.95
N ALA A 165 4.32 22.51 5.38
CA ALA A 165 4.19 21.36 4.51
C ALA A 165 2.80 20.76 4.59
N LYS A 166 2.40 20.06 3.54
CA LYS A 166 1.17 19.28 3.55
C LYS A 166 1.50 17.86 3.10
N VAL A 167 1.14 16.88 3.94
CA VAL A 167 1.42 15.49 3.64
C VAL A 167 0.14 14.65 3.57
N GLU A 168 0.23 13.53 2.89
CA GLU A 168 -0.93 12.68 2.67
C GLU A 168 -0.73 11.32 3.30
N ILE A 169 -1.43 11.06 4.40
CA ILE A 169 -1.38 9.78 5.09
C ILE A 169 -2.55 8.90 4.64
N THR A 170 -2.22 7.73 4.08
CA THR A 170 -3.26 6.79 3.65
C THR A 170 -3.13 5.50 4.45
N PRO A 171 -4.21 4.71 4.51
CA PRO A 171 -4.09 3.41 5.20
C PRO A 171 -3.07 2.50 4.54
N ASN A 172 -2.78 2.75 3.26
CA ASN A 172 -1.82 1.96 2.51
C ASN A 172 -0.45 2.61 2.49
N SER A 173 -0.34 3.77 3.14
CA SER A 173 0.94 4.44 3.32
C SER A 173 0.88 5.36 4.53
N PRO A 174 0.81 4.77 5.74
CA PRO A 174 0.66 5.53 6.99
C PRO A 174 1.94 6.23 7.44
N ARG A 175 3.01 6.12 6.65
CA ARG A 175 4.28 6.75 6.98
C ARG A 175 4.63 7.81 5.95
N ALA A 176 4.87 9.04 6.41
CA ALA A 176 5.22 10.13 5.51
C ALA A 176 6.26 11.05 6.13
N GLU A 177 7.12 11.62 5.29
CA GLU A 177 8.11 12.57 5.80
C GLU A 177 7.90 13.93 5.14
N ALA A 178 8.18 14.99 5.90
CA ALA A 178 7.95 16.35 5.43
C ALA A 178 9.11 17.26 5.77
N THR A 179 9.72 17.86 4.75
CA THR A 179 10.84 18.77 4.99
C THR A 179 10.32 20.18 5.28
N LEU A 180 11.07 20.91 6.10
CA LEU A 180 10.65 22.23 6.55
C LEU A 180 11.74 23.28 6.38
N GLY A 181 12.30 23.36 5.18
CA GLY A 181 13.33 24.33 4.88
C GLY A 181 14.54 24.20 5.77
N GLY A 182 14.98 25.32 6.33
CA GLY A 182 16.15 25.35 7.20
C GLY A 182 15.93 24.73 8.57
N PHE A 183 14.76 24.14 8.77
CA PHE A 183 14.47 23.46 10.03
C PHE A 183 14.64 21.95 9.87
N GLY A 184 15.05 21.53 8.68
CA GLY A 184 15.26 20.11 8.42
C GLY A 184 13.96 19.42 8.03
N SER A 185 13.59 18.39 8.78
CA SER A 185 12.40 17.61 8.44
C SER A 185 11.77 16.91 9.64
N LEU A 186 10.47 16.64 9.52
CA LEU A 186 9.73 15.84 10.49
C LEU A 186 9.22 14.56 9.85
N GLY A 187 8.97 13.56 10.68
CA GLY A 187 8.49 12.27 10.23
C GLY A 187 7.22 11.85 10.95
N LEU A 188 6.31 11.24 10.22
CA LEU A 188 5.02 10.81 10.75
C LEU A 188 4.77 9.32 10.52
N ASP A 189 4.51 8.59 11.59
CA ASP A 189 4.04 7.22 11.47
C ASP A 189 2.70 7.08 12.16
N CYS A 190 1.62 7.09 11.37
CA CYS A 190 0.28 7.10 11.93
C CYS A 190 -0.38 5.73 11.86
N GLU A 191 -1.34 5.49 12.77
CA GLU A 191 -2.18 4.30 12.70
C GLU A 191 -3.51 4.67 12.07
N PRO A 192 -3.68 4.34 10.78
CA PRO A 192 -4.91 4.66 10.05
C PRO A 192 -6.03 3.69 10.39
N ARG A 193 -5.67 2.57 11.00
CA ARG A 193 -6.64 1.57 11.42
C ARG A 193 -7.49 2.09 12.57
N THR A 194 -6.83 2.64 13.57
CA THR A 194 -7.53 3.11 14.80
C THR A 194 -8.13 4.49 14.60
N GLY A 195 -8.21 4.95 13.35
CA GLY A 195 -8.82 6.21 13.01
C GLY A 195 -10.32 6.32 13.07
N LEU A 196 -11.00 5.66 12.13
CA LEU A 196 -12.43 5.45 12.21
C LEU A 196 -12.77 4.20 11.41
N ASP A 197 -13.72 3.43 11.90
CA ASP A 197 -14.04 2.13 11.31
C ASP A 197 -14.97 2.27 10.12
N PHE A 198 -14.47 1.96 8.93
CA PHE A 198 -15.24 2.10 7.69
C PHE A 198 -15.60 0.76 7.03
N SER A 199 -15.65 -0.31 7.81
CA SER A 199 -16.04 -1.60 7.30
C SER A 199 -17.47 -1.91 7.79
N ASP A 200 -18.00 -0.99 8.60
CA ASP A 200 -19.37 -1.08 9.08
C ASP A 200 -20.13 0.18 8.68
N LEU A 201 -19.62 0.85 7.66
CA LEU A 201 -20.17 2.14 7.23
C LEU A 201 -20.38 2.27 5.71
N TYR A 202 -21.47 2.93 5.36
CA TYR A 202 -21.78 3.31 3.99
C TYR A 202 -21.80 4.82 3.85
N TYR A 203 -21.50 5.30 2.65
CA TYR A 203 -21.63 6.72 2.32
C TYR A 203 -22.98 6.94 1.65
N LEU A 204 -23.93 7.47 2.40
CA LEU A 204 -25.27 7.70 1.89
C LEU A 204 -25.41 9.13 1.41
N THR A 205 -25.91 9.30 0.20
CA THR A 205 -26.24 10.63 -0.29
C THR A 205 -27.72 10.68 -0.63
N MET A 206 -28.35 11.80 -0.30
CA MET A 206 -29.78 12.01 -0.54
C MET A 206 -30.03 13.49 -0.75
N ASN A 207 -30.45 13.86 -1.96
CA ASN A 207 -30.67 15.25 -2.32
C ASN A 207 -29.51 16.16 -1.87
N ASN A 208 -28.31 15.83 -2.31
CA ASN A 208 -27.13 16.64 -2.01
C ASN A 208 -26.85 16.83 -0.52
N LYS A 209 -27.40 15.93 0.30
CA LYS A 209 -27.02 15.85 1.71
C LYS A 209 -26.31 14.51 1.91
N HIS A 210 -25.28 14.48 2.75
CA HIS A 210 -24.42 13.30 2.83
C HIS A 210 -24.11 12.86 4.26
N TRP A 211 -24.32 11.57 4.53
CA TRP A 211 -23.97 11.00 5.83
C TRP A 211 -23.15 9.73 5.71
N LEU A 212 -22.48 9.37 6.81
CA LEU A 212 -21.90 8.04 6.98
C LEU A 212 -22.87 7.27 7.86
N VAL A 213 -23.36 6.13 7.38
CA VAL A 213 -24.35 5.36 8.12
C VAL A 213 -23.88 3.93 8.34
N HIS A 214 -24.54 3.19 9.22
CA HIS A 214 -24.17 1.80 9.47
C HIS A 214 -24.82 0.88 8.45
N LYS A 215 -24.08 -0.17 8.09
CA LYS A 215 -24.51 -1.07 7.01
C LYS A 215 -25.84 -1.74 7.30
N GLU A 216 -26.00 -2.32 8.48
CA GLU A 216 -27.24 -3.01 8.79
C GLU A 216 -28.43 -2.05 8.75
N TRP A 217 -28.27 -0.88 9.36
CA TRP A 217 -29.32 0.12 9.35
C TRP A 217 -29.72 0.47 7.92
N PHE A 218 -28.72 0.58 7.06
CA PHE A 218 -28.94 0.90 5.66
C PHE A 218 -29.71 -0.20 4.94
N HIS A 219 -29.35 -1.45 5.22
CA HIS A 219 -30.02 -2.60 4.63
C HIS A 219 -31.47 -2.75 5.13
N ASP A 220 -31.72 -2.29 6.35
CA ASP A 220 -33.04 -2.42 6.96
C ASP A 220 -34.01 -1.35 6.51
N ILE A 221 -33.50 -0.32 5.84
CA ILE A 221 -34.34 0.76 5.33
C ILE A 221 -35.45 0.22 4.44
N PRO A 222 -36.71 0.34 4.89
CA PRO A 222 -37.86 -0.24 4.20
C PRO A 222 -38.40 0.69 3.10
N LEU A 223 -37.60 0.93 2.08
CA LEU A 223 -38.01 1.68 0.90
C LEU A 223 -37.77 0.81 -0.34
N PRO A 224 -38.39 1.17 -1.47
CA PRO A 224 -38.12 0.40 -2.68
C PRO A 224 -36.65 0.53 -3.07
N TRP A 225 -36.04 -0.55 -3.56
CA TRP A 225 -34.60 -0.52 -3.80
C TRP A 225 -34.14 -1.26 -5.04
N HIS A 226 -32.94 -0.90 -5.51
CA HIS A 226 -32.25 -1.64 -6.56
C HIS A 226 -30.75 -1.63 -6.26
N ALA A 227 -29.99 -2.59 -6.79
CA ALA A 227 -28.54 -2.65 -6.57
C ALA A 227 -27.73 -2.02 -7.69
N GLY A 228 -27.08 -0.88 -7.45
CA GLY A 228 -26.03 -0.42 -8.36
C GLY A 228 -26.17 0.64 -9.46
N ALA A 229 -27.40 0.87 -9.90
CA ALA A 229 -27.69 1.92 -10.88
C ALA A 229 -27.30 1.52 -12.29
N ASP A 230 -27.67 0.30 -12.70
CA ASP A 230 -27.38 -0.12 -14.07
C ASP A 230 -28.19 0.70 -15.07
N THR A 231 -27.85 0.56 -16.35
CA THR A 231 -28.39 1.42 -17.40
C THR A 231 -29.82 1.03 -17.76
N GLY A 232 -30.39 1.72 -18.75
CA GLY A 232 -31.72 1.42 -19.23
C GLY A 232 -32.77 1.68 -18.18
N THR A 233 -33.22 0.62 -17.52
CA THR A 233 -34.24 0.74 -16.48
C THR A 233 -33.84 0.02 -15.20
N PRO A 234 -33.71 0.78 -14.10
CA PRO A 234 -33.52 0.17 -12.79
C PRO A 234 -34.76 -0.63 -12.39
N HIS A 235 -34.54 -1.85 -11.89
CA HIS A 235 -35.62 -2.70 -11.41
C HIS A 235 -35.85 -2.45 -9.93
N TRP A 236 -36.99 -1.86 -9.60
CA TRP A 236 -37.27 -1.47 -8.22
C TRP A 236 -37.90 -2.60 -7.42
N ASN A 237 -37.19 -3.07 -6.39
CA ASN A 237 -37.75 -4.03 -5.46
C ASN A 237 -38.64 -3.32 -4.47
N ASN A 238 -39.65 -4.03 -3.96
CA ASN A 238 -40.46 -3.55 -2.84
C ASN A 238 -41.13 -2.19 -3.10
N LYS A 239 -41.69 -2.02 -4.30
CA LYS A 239 -42.37 -0.77 -4.66
C LYS A 239 -43.53 -0.47 -3.70
N GLU A 240 -44.11 -1.55 -3.17
CA GLU A 240 -45.22 -1.46 -2.22
C GLU A 240 -44.94 -0.46 -1.11
N ALA A 241 -43.67 -0.35 -0.73
CA ALA A 241 -43.25 0.49 0.39
C ALA A 241 -43.60 1.96 0.21
N LEU A 242 -43.81 2.40 -1.03
CA LEU A 242 -44.11 3.81 -1.29
C LEU A 242 -45.54 4.01 -1.78
N VAL A 243 -46.34 2.94 -1.67
CA VAL A 243 -47.67 2.93 -2.27
C VAL A 243 -48.68 2.21 -1.39
N GLU A 244 -49.75 2.89 -1.01
CA GLU A 244 -50.77 2.24 -0.18
C GLU A 244 -52.07 1.99 -0.95
N PHE A 245 -52.60 0.78 -0.77
CA PHE A 245 -53.85 0.36 -1.40
C PHE A 245 -54.98 0.47 -0.38
N LYS A 246 -56.14 0.94 -0.83
CA LYS A 246 -57.25 1.28 0.06
C LYS A 246 -58.61 0.90 -0.49
N ASP A 247 -59.54 0.68 0.44
CA ASP A 247 -60.97 0.69 0.18
C ASP A 247 -61.37 -0.24 -0.96
N ALA A 248 -61.07 -1.52 -0.79
CA ALA A 248 -61.35 -2.52 -1.81
C ALA A 248 -62.85 -2.65 -2.10
N HIS A 249 -63.22 -2.30 -3.33
CA HIS A 249 -64.59 -2.53 -3.79
C HIS A 249 -64.66 -3.86 -4.53
N ALA A 250 -65.83 -4.17 -5.08
CA ALA A 250 -66.04 -5.44 -5.76
C ALA A 250 -65.14 -5.56 -7.00
N LYS A 251 -65.01 -4.47 -7.75
CA LYS A 251 -64.31 -4.54 -9.03
C LYS A 251 -63.07 -3.64 -9.13
N ARG A 252 -62.75 -2.92 -8.06
CA ARG A 252 -61.62 -2.04 -8.07
C ARG A 252 -61.08 -1.71 -6.70
N GLN A 253 -60.05 -0.89 -6.64
CA GLN A 253 -59.35 -0.66 -5.38
C GLN A 253 -58.48 0.59 -5.54
N THR A 254 -58.55 1.52 -4.60
CA THR A 254 -57.87 2.79 -4.80
C THR A 254 -56.40 2.74 -4.39
N VAL A 255 -55.53 3.25 -5.26
CA VAL A 255 -54.11 3.26 -4.97
C VAL A 255 -53.64 4.68 -4.81
N VAL A 256 -52.77 4.92 -3.84
CA VAL A 256 -52.24 6.26 -3.62
C VAL A 256 -50.82 6.22 -3.05
N VAL A 257 -49.94 7.06 -3.57
CA VAL A 257 -48.57 7.13 -3.05
C VAL A 257 -48.55 7.71 -1.64
N LEU A 258 -47.59 7.23 -0.85
CA LEU A 258 -47.26 7.91 0.38
C LEU A 258 -46.56 9.20 -0.02
N GLY A 259 -46.21 10.03 0.95
CA GLY A 259 -45.46 11.23 0.61
C GLY A 259 -44.01 10.92 0.30
N SER A 260 -43.25 11.97 0.00
CA SER A 260 -41.80 11.84 -0.04
C SER A 260 -41.31 11.47 1.35
N GLN A 261 -40.44 10.48 1.44
CA GLN A 261 -39.91 10.07 2.73
C GLN A 261 -38.55 10.72 3.00
N GLU A 262 -38.31 11.86 2.37
CA GLU A 262 -37.02 12.53 2.51
C GLU A 262 -36.81 13.06 3.91
N GLY A 263 -37.70 13.96 4.34
CA GLY A 263 -37.64 14.53 5.67
C GLY A 263 -37.61 13.46 6.74
N ALA A 264 -38.31 12.36 6.49
CA ALA A 264 -38.36 11.24 7.43
C ALA A 264 -36.98 10.63 7.60
N VAL A 265 -36.30 10.40 6.49
CA VAL A 265 -34.95 9.87 6.52
C VAL A 265 -34.01 10.84 7.23
N HIS A 266 -34.09 12.11 6.85
CA HIS A 266 -33.28 13.16 7.47
C HIS A 266 -33.44 13.14 8.99
N THR A 267 -34.67 13.00 9.45
CA THR A 267 -34.98 12.89 10.87
C THR A 267 -34.35 11.63 11.45
N ALA A 268 -34.40 10.55 10.70
CA ALA A 268 -33.82 9.29 11.13
C ALA A 268 -32.29 9.34 11.13
N LEU A 269 -31.73 10.43 10.59
CA LEU A 269 -30.28 10.60 10.51
C LEU A 269 -29.78 11.74 11.40
N ALA A 270 -30.60 12.13 12.38
CA ALA A 270 -30.31 13.25 13.24
C ALA A 270 -28.92 13.17 13.88
N GLY A 271 -28.54 11.97 14.32
CA GLY A 271 -27.28 11.79 15.03
C GLY A 271 -26.22 10.97 14.30
N ALA A 272 -26.25 10.98 12.97
CA ALA A 272 -25.25 10.26 12.20
C ALA A 272 -24.14 11.19 11.74
N LEU A 273 -22.96 10.64 11.50
CA LEU A 273 -21.82 11.42 11.04
C LEU A 273 -22.16 12.12 9.74
N GLU A 274 -22.03 13.45 9.73
CA GLU A 274 -22.32 14.21 8.52
C GLU A 274 -21.06 14.44 7.70
N ALA A 275 -21.18 14.25 6.39
CA ALA A 275 -20.06 14.45 5.47
C ALA A 275 -20.45 15.40 4.33
N GLU A 276 -19.50 15.73 3.46
CA GLU A 276 -19.82 16.58 2.32
C GLU A 276 -19.20 16.07 1.04
N MET A 277 -19.60 16.64 -0.09
CA MET A 277 -19.05 16.23 -1.38
C MET A 277 -18.16 17.31 -1.97
N ASP A 278 -17.24 16.89 -2.83
CA ASP A 278 -16.34 17.80 -3.52
C ASP A 278 -15.91 17.14 -4.82
N GLY A 279 -16.52 17.57 -5.92
CA GLY A 279 -16.31 16.92 -7.19
C GLY A 279 -16.87 15.52 -7.12
N ALA A 280 -16.01 14.51 -7.30
CA ALA A 280 -16.43 13.13 -7.16
C ALA A 280 -16.03 12.58 -5.80
N LYS A 281 -15.24 13.36 -5.07
CA LYS A 281 -14.62 12.89 -3.84
C LYS A 281 -15.39 13.33 -2.59
N GLY A 282 -15.72 12.36 -1.75
CA GLY A 282 -16.30 12.62 -0.45
C GLY A 282 -15.27 13.23 0.48
N ARG A 283 -15.74 14.11 1.35
CA ARG A 283 -14.89 14.77 2.33
C ARG A 283 -15.54 14.65 3.71
N LEU A 284 -14.82 14.00 4.62
CA LEU A 284 -15.33 13.69 5.95
C LEU A 284 -14.78 14.65 7.00
N SER A 285 -15.46 14.74 8.15
CA SER A 285 -15.03 15.63 9.22
C SER A 285 -15.12 14.97 10.60
N SER A 286 -15.11 13.64 10.62
CA SER A 286 -15.09 12.91 11.87
C SER A 286 -13.68 12.40 12.13
N GLY A 287 -12.73 13.35 12.22
CA GLY A 287 -11.32 13.04 12.27
C GLY A 287 -10.78 12.49 13.58
N HIS A 288 -9.97 11.45 13.46
CA HIS A 288 -9.24 10.88 14.59
C HIS A 288 -8.07 10.08 14.02
N LEU A 289 -6.88 10.33 14.52
CA LEU A 289 -5.68 9.70 13.97
C LEU A 289 -4.52 9.67 14.96
N LYS A 290 -4.18 8.47 15.44
CA LYS A 290 -3.01 8.32 16.29
C LYS A 290 -1.76 8.44 15.44
N CYS A 291 -0.77 9.20 15.92
CA CYS A 291 0.46 9.38 15.17
C CYS A 291 1.70 9.40 16.04
N ARG A 292 2.81 8.97 15.45
CA ARG A 292 4.11 9.00 16.08
C ARG A 292 4.97 10.02 15.35
N LEU A 293 5.38 11.05 16.08
CA LEU A 293 6.18 12.15 15.55
C LEU A 293 7.66 11.88 15.76
N LYS A 294 8.40 11.73 14.67
CA LYS A 294 9.85 11.53 14.74
C LYS A 294 10.58 12.85 14.59
N MET A 295 11.41 13.20 15.57
CA MET A 295 11.96 14.55 15.63
C MET A 295 13.48 14.63 15.75
N ASP A 296 14.18 13.60 15.27
CA ASP A 296 15.64 13.61 15.33
C ASP A 296 16.22 14.51 14.25
N LYS A 297 15.55 14.58 13.10
CA LYS A 297 16.04 15.36 11.97
C LYS A 297 15.49 16.77 11.99
N LEU A 298 14.76 17.13 13.05
CA LEU A 298 14.24 18.47 13.21
C LEU A 298 15.24 19.35 13.97
N ARG A 299 15.40 20.59 13.54
CA ARG A 299 16.43 21.47 14.09
C ARG A 299 16.02 22.94 14.10
N LEU A 300 16.51 23.67 15.10
CA LEU A 300 16.36 25.10 15.15
C LEU A 300 17.25 25.47 14.06
N LYS A 301 17.02 26.62 13.45
CA LYS A 301 17.85 27.07 12.35
C LYS A 301 19.22 27.04 13.02
N GLY A 302 20.14 26.19 12.52
CA GLY A 302 21.24 25.84 13.42
C GLY A 302 22.35 26.85 13.69
N VAL A 303 21.99 28.07 14.05
CA VAL A 303 22.99 29.12 14.12
C VAL A 303 22.53 29.92 15.32
N SER A 304 23.39 30.03 16.31
CA SER A 304 23.14 30.92 17.40
C SER A 304 23.49 32.27 16.75
N TYR A 305 22.47 32.91 16.19
CA TYR A 305 22.62 34.23 15.59
C TYR A 305 22.99 35.34 16.61
N SER A 306 23.45 36.46 16.09
CA SER A 306 23.59 37.65 16.92
C SER A 306 22.20 38.12 17.31
N LEU A 307 22.05 38.62 18.54
CA LEU A 307 20.78 39.20 18.95
C LEU A 307 20.48 40.42 18.10
N CYS A 308 19.21 40.65 17.83
CA CYS A 308 18.78 41.83 17.08
C CYS A 308 19.14 43.10 17.84
N THR A 309 19.79 44.04 17.16
CA THR A 309 20.34 45.23 17.81
C THR A 309 19.33 46.38 17.86
N ALA A 310 18.60 46.56 16.76
CA ALA A 310 17.65 47.66 16.66
C ALA A 310 16.42 47.43 17.52
N ALA A 311 15.47 48.37 17.47
CA ALA A 311 14.32 48.36 18.36
C ALA A 311 13.05 47.86 17.68
N PHE A 312 12.27 47.07 18.41
CA PHE A 312 10.98 46.58 17.94
C PHE A 312 9.89 47.57 18.32
N THR A 313 8.70 47.36 17.76
CA THR A 313 7.49 48.06 18.20
C THR A 313 6.27 47.14 18.04
N PHE A 314 5.31 47.28 18.94
CA PHE A 314 4.07 46.51 18.86
C PHE A 314 3.18 46.97 17.73
N THR A 315 2.84 46.06 16.82
CA THR A 315 1.90 46.34 15.75
C THR A 315 0.47 46.14 16.24
N LYS A 316 0.34 45.51 17.41
CA LYS A 316 -0.94 45.20 18.02
C LYS A 316 -0.75 45.08 19.48
N ILE A 317 -1.78 45.36 20.24
CA ILE A 317 -1.71 45.09 21.65
C ILE A 317 -1.76 43.58 21.90
N PRO A 318 -0.89 43.09 22.75
CA PRO A 318 -0.82 41.65 23.04
C PRO A 318 -2.16 41.08 23.49
N ALA A 319 -2.58 39.99 22.87
CA ALA A 319 -3.90 39.42 23.12
C ALA A 319 -3.80 38.02 23.74
N GLU A 320 -4.77 37.69 24.57
CA GLU A 320 -4.79 36.40 25.26
C GLU A 320 -5.61 35.38 24.48
N THR A 321 -4.97 34.26 24.15
CA THR A 321 -5.63 33.16 23.47
C THR A 321 -6.59 32.43 24.42
N LEU A 322 -7.43 31.56 23.88
CA LEU A 322 -8.38 30.80 24.69
C LEU A 322 -7.68 29.94 25.73
N HIS A 323 -6.39 29.69 25.51
CA HIS A 323 -5.64 28.75 26.35
C HIS A 323 -4.70 29.44 27.35
N GLY A 324 -4.88 30.74 27.53
CA GLY A 324 -4.10 31.48 28.51
C GLY A 324 -2.83 32.09 27.96
N THR A 325 -2.33 31.53 26.86
CA THR A 325 -1.11 32.05 26.25
C THR A 325 -1.36 33.42 25.62
N VAL A 326 -0.28 34.11 25.25
CA VAL A 326 -0.41 35.46 24.73
C VAL A 326 0.31 35.63 23.40
N THR A 327 -0.43 36.08 22.39
CA THR A 327 0.17 36.38 21.11
C THR A 327 0.55 37.85 21.02
N VAL A 328 1.76 38.10 20.53
CA VAL A 328 2.23 39.46 20.28
C VAL A 328 2.74 39.56 18.85
N GLU A 329 2.69 40.75 18.28
CA GLU A 329 3.28 40.96 16.96
C GLU A 329 4.12 42.24 16.95
N VAL A 330 5.36 42.11 16.52
CA VAL A 330 6.29 43.23 16.56
C VAL A 330 6.90 43.55 15.20
N GLN A 331 7.16 44.83 14.97
CA GLN A 331 7.83 45.29 13.76
C GLN A 331 9.25 45.69 14.11
N TYR A 332 10.22 45.21 13.34
CA TYR A 332 11.63 45.44 13.68
C TYR A 332 12.29 46.44 12.74
N ALA A 333 13.10 47.35 13.29
CA ALA A 333 13.64 48.49 12.55
C ALA A 333 15.10 48.31 12.10
N GLY A 334 15.63 47.09 12.19
CA GLY A 334 17.01 46.86 11.84
C GLY A 334 17.19 46.13 10.52
N THR A 335 18.40 46.23 9.97
CA THR A 335 18.75 45.54 8.74
C THR A 335 19.83 44.52 8.99
N ASP A 336 20.04 44.19 10.26
CA ASP A 336 21.05 43.21 10.65
C ASP A 336 20.47 41.80 10.66
N GLY A 337 19.38 41.60 9.93
CA GLY A 337 18.80 40.29 9.76
C GLY A 337 19.68 39.46 8.85
N PRO A 338 19.70 38.13 9.04
CA PRO A 338 18.92 37.40 10.06
C PRO A 338 19.51 37.52 11.47
N CYS A 339 18.63 37.76 12.45
CA CYS A 339 19.07 37.96 13.83
C CYS A 339 18.11 37.32 14.84
N LYS A 340 18.65 36.96 15.99
CA LYS A 340 17.89 36.28 17.04
C LYS A 340 17.08 37.26 17.88
N VAL A 341 15.75 37.09 17.87
CA VAL A 341 14.86 38.00 18.60
C VAL A 341 15.03 37.85 20.11
N PRO A 342 15.29 38.98 20.80
CA PRO A 342 15.32 38.98 22.27
C PRO A 342 13.91 39.09 22.81
N ALA A 343 13.43 38.02 23.43
CA ALA A 343 12.07 38.00 23.95
C ALA A 343 11.98 37.17 25.23
N GLN A 344 11.38 37.76 26.25
CA GLN A 344 11.23 37.07 27.52
C GLN A 344 10.11 37.69 28.33
N MET A 345 9.85 37.14 29.50
CA MET A 345 8.95 37.77 30.45
C MET A 345 9.65 37.91 31.80
N ALA A 346 9.34 38.99 32.51
CA ALA A 346 10.01 39.26 33.78
C ALA A 346 9.07 39.92 34.78
N VAL A 347 9.19 39.54 36.04
CA VAL A 347 8.44 40.21 37.09
C VAL A 347 9.28 41.38 37.64
N ASP A 348 10.57 41.11 37.85
CA ASP A 348 11.48 42.13 38.35
C ASP A 348 12.29 42.72 37.19
N MET A 349 12.14 44.04 37.00
CA MET A 349 12.76 44.71 35.86
C MET A 349 14.21 45.12 36.13
N GLN A 350 14.78 44.64 37.24
CA GLN A 350 16.18 44.92 37.55
C GLN A 350 17.04 43.71 37.21
N THR A 351 16.70 42.56 37.79
CA THR A 351 17.42 41.32 37.51
C THR A 351 16.95 40.70 36.20
N LEU A 352 15.74 41.04 35.78
CA LEU A 352 15.13 40.51 34.57
C LEU A 352 15.16 38.99 34.55
N THR A 353 14.72 38.38 35.64
CA THR A 353 14.68 36.93 35.75
C THR A 353 13.60 36.37 34.83
N PRO A 354 13.99 35.52 33.87
CA PRO A 354 13.06 34.91 32.91
C PRO A 354 11.98 34.07 33.58
N VAL A 355 10.73 34.45 33.42
CA VAL A 355 9.61 33.69 33.96
C VAL A 355 8.66 33.28 32.83
N GLY A 356 7.87 32.24 33.07
CA GLY A 356 7.04 31.68 32.02
C GLY A 356 7.94 31.06 30.96
N ARG A 357 7.41 30.88 29.75
CA ARG A 357 8.22 30.37 28.66
C ARG A 357 7.74 30.92 27.32
N LEU A 358 8.28 30.36 26.24
CA LEU A 358 7.88 30.73 24.89
C LEU A 358 7.30 29.53 24.17
N ILE A 359 6.09 29.64 23.66
CA ILE A 359 5.55 28.60 22.80
C ILE A 359 6.34 28.66 21.50
N THR A 360 6.37 29.83 20.88
CA THR A 360 7.24 30.07 19.74
C THR A 360 8.69 30.12 20.23
N ALA A 361 9.36 28.99 20.19
CA ALA A 361 10.68 28.85 20.81
C ALA A 361 11.81 29.38 19.93
N ASN A 362 12.69 30.16 20.55
CA ASN A 362 13.80 30.82 19.87
C ASN A 362 13.37 31.51 18.57
N PRO A 363 12.63 32.63 18.69
CA PRO A 363 12.15 33.38 17.53
C PRO A 363 13.28 34.04 16.76
N VAL A 364 13.12 34.15 15.44
CA VAL A 364 14.18 34.67 14.59
C VAL A 364 13.65 35.63 13.53
N ILE A 365 14.22 36.84 13.47
CA ILE A 365 14.02 37.71 12.32
C ILE A 365 14.89 37.18 11.20
N THR A 366 14.30 36.80 10.08
CA THR A 366 15.05 36.21 8.98
C THR A 366 15.24 37.17 7.82
N GLU A 367 14.50 38.27 7.85
CA GLU A 367 14.58 39.25 6.77
C GLU A 367 15.57 40.38 7.08
N SER A 368 16.43 40.67 6.11
CA SER A 368 17.49 41.65 6.30
C SER A 368 17.04 43.07 5.96
N THR A 369 15.75 43.21 5.65
CA THR A 369 15.18 44.52 5.38
C THR A 369 14.39 45.01 6.59
N GLU A 370 14.53 46.30 6.91
CA GLU A 370 13.86 46.87 8.07
C GLU A 370 12.35 46.79 7.92
N ASN A 371 11.64 46.99 9.04
CA ASN A 371 10.18 46.95 9.08
C ASN A 371 9.61 45.60 8.68
N SER A 372 10.21 44.54 9.20
CA SER A 372 9.65 43.20 9.06
C SER A 372 8.80 42.89 10.29
N LYS A 373 7.87 41.96 10.15
CA LYS A 373 6.96 41.64 11.25
C LYS A 373 7.20 40.22 11.78
N MET A 374 6.94 40.04 13.07
CA MET A 374 7.12 38.74 13.70
C MET A 374 6.04 38.51 14.76
N MET A 375 5.49 37.30 14.77
CA MET A 375 4.54 36.92 15.80
C MET A 375 5.22 36.01 16.82
N LEU A 376 4.95 36.27 18.09
CA LEU A 376 5.44 35.41 19.17
C LEU A 376 4.27 34.94 20.03
N GLU A 377 4.30 33.67 20.43
CA GLU A 377 3.32 33.19 21.40
C GLU A 377 4.02 32.83 22.71
N LEU A 378 3.72 33.59 23.76
CA LEU A 378 4.37 33.40 25.05
C LEU A 378 3.42 32.71 26.01
N ASP A 379 3.98 32.07 27.04
CA ASP A 379 3.19 31.34 28.04
C ASP A 379 3.41 31.94 29.44
N PRO A 380 2.73 33.07 29.73
CA PRO A 380 2.94 33.84 30.96
C PRO A 380 2.68 33.05 32.23
N PRO A 381 3.34 33.44 33.34
CA PRO A 381 3.02 32.91 34.65
C PRO A 381 1.74 33.54 35.18
N PHE A 382 1.23 33.06 36.30
CA PHE A 382 0.03 33.63 36.89
C PHE A 382 0.34 34.98 37.54
N GLY A 383 -0.69 35.76 37.78
CA GLY A 383 -0.54 37.08 38.37
C GLY A 383 0.08 38.08 37.40
N ASP A 384 0.70 39.12 37.96
CA ASP A 384 1.34 40.15 37.15
C ASP A 384 2.66 39.65 36.53
N SER A 385 3.02 40.26 35.40
CA SER A 385 4.28 39.97 34.73
C SER A 385 4.48 40.97 33.59
N TYR A 386 5.70 41.03 33.06
CA TYR A 386 6.01 41.97 31.99
C TYR A 386 6.52 41.26 30.75
N ILE A 387 5.87 41.51 29.62
CA ILE A 387 6.37 41.05 28.33
C ILE A 387 7.49 41.98 27.88
N VAL A 388 8.68 41.41 27.72
CA VAL A 388 9.87 42.17 27.38
C VAL A 388 10.46 41.75 26.04
N ILE A 389 10.60 42.71 25.13
CA ILE A 389 11.12 42.43 23.79
C ILE A 389 12.09 43.50 23.32
N GLY A 390 13.37 43.14 23.21
CA GLY A 390 14.40 44.06 22.79
C GLY A 390 15.61 44.01 23.69
N VAL A 391 16.59 44.88 23.43
CA VAL A 391 17.82 44.92 24.21
C VAL A 391 18.17 46.32 24.70
N GLY A 392 18.44 46.43 26.00
CA GLY A 392 18.86 47.68 26.59
C GLY A 392 17.84 48.81 26.55
N GLU A 393 18.31 50.02 26.26
CA GLU A 393 17.50 51.22 26.36
C GLU A 393 16.17 51.17 25.62
N LYS A 394 16.21 50.79 24.34
CA LYS A 394 15.02 50.83 23.50
C LYS A 394 14.15 49.57 23.60
N LYS A 395 14.47 48.68 24.53
CA LYS A 395 13.69 47.47 24.73
C LYS A 395 12.25 47.83 25.09
N ILE A 396 11.30 47.00 24.68
CA ILE A 396 9.89 47.24 25.00
C ILE A 396 9.41 46.41 26.18
N THR A 397 8.53 47.01 26.98
CA THR A 397 7.88 46.31 28.06
C THR A 397 6.37 46.43 27.90
N HIS A 398 5.64 45.44 28.41
CA HIS A 398 4.18 45.49 28.39
C HIS A 398 3.59 44.74 29.58
N HIS A 399 2.82 45.45 30.39
CA HIS A 399 2.21 44.87 31.60
C HIS A 399 1.19 43.81 31.23
N TRP A 400 1.23 42.68 31.95
CA TRP A 400 0.30 41.58 31.67
C TRP A 400 -0.15 40.82 32.91
N HIS A 401 -1.45 40.60 33.02
CA HIS A 401 -2.03 39.84 34.12
C HIS A 401 -2.65 38.55 33.60
N ARG A 402 -2.37 37.44 34.30
CA ARG A 402 -2.97 36.15 33.95
C ARG A 402 -3.80 35.61 35.11
N SER A 403 -5.11 35.79 35.04
CA SER A 403 -6.01 35.39 36.10
C SER A 403 -6.34 33.89 36.08
N GLY A 404 -5.46 33.09 35.48
CA GLY A 404 -5.63 31.65 35.44
C GLY A 404 -6.73 31.20 34.52
N SER A 405 -7.98 31.36 34.97
CA SER A 405 -9.13 30.96 34.18
C SER A 405 -9.49 32.00 33.13
N GLN B 1 -35.90 19.34 -26.32
CA GLN B 1 -35.68 17.95 -25.93
C GLN B 1 -35.89 16.99 -27.09
N VAL B 2 -37.13 16.57 -27.28
CA VAL B 2 -37.44 15.44 -28.16
C VAL B 2 -38.45 15.81 -29.24
N GLN B 3 -38.29 15.24 -30.44
CA GLN B 3 -39.22 15.48 -31.54
C GLN B 3 -39.75 14.16 -32.11
N LEU B 4 -41.06 14.13 -32.36
CA LEU B 4 -41.73 12.92 -32.84
C LEU B 4 -42.31 13.14 -34.23
N GLN B 5 -42.02 12.24 -35.17
CA GLN B 5 -42.64 12.35 -36.48
C GLN B 5 -43.24 11.03 -36.98
N GLU B 6 -44.53 11.08 -37.33
CA GLU B 6 -45.24 9.92 -37.84
C GLU B 6 -45.05 9.77 -39.34
N SER B 7 -45.11 8.53 -39.81
CA SER B 7 -45.04 8.25 -41.24
C SER B 7 -45.71 6.92 -41.52
N GLY B 8 -46.43 6.87 -42.63
CA GLY B 8 -47.08 5.66 -43.07
C GLY B 8 -48.02 6.01 -44.21
N PRO B 9 -48.48 4.99 -44.95
CA PRO B 9 -49.46 5.20 -46.02
C PRO B 9 -50.72 5.90 -45.51
N GLY B 10 -51.23 6.86 -46.26
CA GLY B 10 -52.41 7.60 -45.86
C GLY B 10 -53.68 6.95 -46.32
N LEU B 11 -53.56 5.83 -47.02
CA LEU B 11 -54.72 5.10 -47.53
C LEU B 11 -54.65 3.62 -47.16
N VAL B 12 -55.77 3.08 -46.72
CA VAL B 12 -55.85 1.66 -46.33
C VAL B 12 -57.15 1.03 -46.85
N LYS B 13 -57.02 -0.11 -47.52
CA LYS B 13 -58.19 -0.87 -47.97
C LYS B 13 -59.05 -1.28 -46.78
N PRO B 14 -60.38 -1.24 -46.94
CA PRO B 14 -61.27 -1.83 -45.94
C PRO B 14 -60.86 -3.26 -45.64
N SER B 15 -60.86 -3.63 -44.36
CA SER B 15 -60.40 -4.94 -43.87
C SER B 15 -58.89 -5.12 -44.04
N GLY B 16 -58.21 -4.08 -44.53
CA GLY B 16 -56.77 -4.09 -44.67
C GLY B 16 -56.08 -3.81 -43.35
N THR B 17 -54.76 -3.62 -43.38
CA THR B 17 -54.02 -3.31 -42.17
C THR B 17 -53.30 -1.96 -42.23
N LEU B 18 -53.62 -1.10 -41.28
CA LEU B 18 -52.97 0.19 -41.11
C LEU B 18 -51.61 0.00 -40.42
N SER B 19 -50.56 0.55 -41.01
CA SER B 19 -49.25 0.54 -40.38
C SER B 19 -48.69 1.95 -40.28
N LEU B 20 -48.25 2.32 -39.09
CA LEU B 20 -47.62 3.62 -38.90
C LEU B 20 -46.37 3.50 -38.06
N THR B 21 -45.44 4.42 -38.29
CA THR B 21 -44.20 4.47 -37.53
C THR B 21 -43.98 5.87 -36.96
N CYS B 22 -43.50 5.93 -35.72
CA CYS B 22 -43.09 7.18 -35.10
C CYS B 22 -41.59 7.20 -34.90
N ALA B 23 -40.93 8.16 -35.54
CA ALA B 23 -39.49 8.35 -35.42
C ALA B 23 -39.19 9.43 -34.39
N VAL B 24 -38.41 9.05 -33.39
CA VAL B 24 -38.08 9.93 -32.29
C VAL B 24 -36.65 10.44 -32.43
N SER B 25 -36.48 11.75 -32.35
CA SER B 25 -35.16 12.36 -32.39
C SER B 25 -34.96 13.29 -31.19
N GLY B 26 -33.72 13.71 -30.95
CA GLY B 26 -33.44 14.59 -29.82
C GLY B 26 -33.25 13.84 -28.50
N GLY B 27 -33.83 12.65 -28.43
CA GLY B 27 -33.72 11.80 -27.25
C GLY B 27 -33.88 10.33 -27.59
N SER B 28 -33.36 9.48 -26.72
CA SER B 28 -33.50 8.05 -26.91
C SER B 28 -34.93 7.61 -26.65
N ILE B 29 -35.34 6.53 -27.29
CA ILE B 29 -36.66 5.99 -27.05
C ILE B 29 -36.61 5.07 -25.85
N SER B 30 -35.39 4.85 -25.33
CA SER B 30 -35.18 3.94 -24.21
C SER B 30 -35.13 4.68 -22.88
N SER B 31 -35.53 5.95 -22.89
CA SER B 31 -35.64 6.71 -21.65
C SER B 31 -36.82 6.22 -20.82
N SER B 32 -36.90 6.63 -19.56
CA SER B 32 -38.01 6.24 -18.70
C SER B 32 -39.29 6.96 -19.11
N ASN B 33 -39.86 6.54 -20.25
CA ASN B 33 -41.03 7.18 -20.81
C ASN B 33 -41.94 6.19 -21.52
N TRP B 34 -43.23 6.32 -21.30
CA TRP B 34 -44.20 5.54 -22.06
C TRP B 34 -44.51 6.27 -23.34
N TRP B 35 -44.70 5.53 -24.43
CA TRP B 35 -44.99 6.09 -25.73
C TRP B 35 -46.37 5.64 -26.20
N SER B 36 -47.21 6.59 -26.58
CA SER B 36 -48.59 6.27 -26.90
C SER B 36 -48.97 6.54 -28.35
N TRP B 37 -50.03 5.87 -28.79
CA TRP B 37 -50.70 6.21 -30.02
C TRP B 37 -52.08 6.71 -29.63
N VAL B 38 -52.42 7.87 -30.17
CA VAL B 38 -53.70 8.51 -29.96
C VAL B 38 -54.26 8.76 -31.35
N ARG B 39 -55.59 8.81 -31.49
CA ARG B 39 -56.16 9.19 -32.78
C ARG B 39 -57.39 10.08 -32.65
N GLN B 40 -57.75 10.71 -33.77
CA GLN B 40 -58.84 11.65 -33.81
C GLN B 40 -59.54 11.65 -35.17
N PRO B 41 -60.72 11.03 -35.23
CA PRO B 41 -61.55 11.14 -36.44
C PRO B 41 -61.83 12.60 -36.73
N PRO B 42 -61.88 12.99 -38.00
CA PRO B 42 -62.04 14.39 -38.38
C PRO B 42 -63.31 15.01 -37.80
N GLY B 43 -63.17 16.19 -37.22
CA GLY B 43 -64.31 16.90 -36.64
C GLY B 43 -64.83 16.25 -35.37
N LYS B 44 -64.09 15.27 -34.86
CA LYS B 44 -64.47 14.59 -33.62
C LYS B 44 -63.35 14.64 -32.60
N GLY B 45 -63.54 13.93 -31.49
CA GLY B 45 -62.65 14.02 -30.35
C GLY B 45 -61.50 13.02 -30.38
N LEU B 46 -60.72 13.00 -29.31
CA LEU B 46 -59.50 12.20 -29.24
C LEU B 46 -59.74 10.86 -28.60
N GLU B 47 -59.10 9.83 -29.15
CA GLU B 47 -59.22 8.48 -28.63
C GLU B 47 -57.86 7.85 -28.44
N TRP B 48 -57.54 7.48 -27.20
CA TRP B 48 -56.26 6.85 -26.91
C TRP B 48 -56.23 5.44 -27.47
N ILE B 49 -55.27 5.19 -28.35
CA ILE B 49 -55.17 3.89 -29.01
C ILE B 49 -54.41 2.91 -28.16
N GLY B 50 -53.21 3.29 -27.74
CA GLY B 50 -52.37 2.36 -27.02
C GLY B 50 -51.05 2.91 -26.54
N GLU B 51 -50.17 2.01 -26.09
CA GLU B 51 -49.06 2.42 -25.25
C GLU B 51 -47.98 1.36 -25.19
N ILE B 52 -46.71 1.79 -25.18
CA ILE B 52 -45.61 0.86 -25.03
C ILE B 52 -44.45 1.48 -24.25
N TYR B 53 -43.78 0.64 -23.47
CA TYR B 53 -42.55 1.00 -22.76
C TYR B 53 -41.39 0.31 -23.47
N HIS B 54 -40.18 0.85 -23.35
CA HIS B 54 -39.07 0.34 -24.16
C HIS B 54 -38.71 -1.10 -23.83
N SER B 55 -39.24 -1.61 -22.71
CA SER B 55 -39.05 -3.00 -22.34
C SER B 55 -39.90 -3.92 -23.22
N GLY B 56 -40.74 -3.33 -24.07
CA GLY B 56 -41.62 -4.10 -24.94
C GLY B 56 -43.01 -4.21 -24.37
N SER B 57 -43.14 -3.89 -23.09
CA SER B 57 -44.40 -3.96 -22.37
C SER B 57 -45.45 -3.03 -22.97
N THR B 58 -46.66 -3.56 -23.18
CA THR B 58 -47.71 -2.81 -23.88
C THR B 58 -49.02 -2.71 -23.09
N ASN B 59 -49.77 -1.65 -23.37
CA ASN B 59 -51.14 -1.50 -22.89
C ASN B 59 -52.01 -0.98 -24.04
N TYR B 60 -53.08 -1.69 -24.36
CA TYR B 60 -53.95 -1.29 -25.46
C TYR B 60 -55.33 -0.90 -24.96
N ASN B 61 -55.99 0.00 -25.67
CA ASN B 61 -57.40 0.30 -25.45
C ASN B 61 -58.20 -0.97 -25.68
N PRO B 62 -59.05 -1.35 -24.71
CA PRO B 62 -59.88 -2.56 -24.82
C PRO B 62 -60.86 -2.51 -25.97
N SER B 63 -61.40 -1.34 -26.27
CA SER B 63 -62.34 -1.17 -27.39
C SER B 63 -61.73 -1.67 -28.69
N LEU B 64 -60.40 -1.59 -28.76
CA LEU B 64 -59.62 -2.10 -29.88
C LEU B 64 -58.26 -2.59 -29.40
N LYS B 65 -58.22 -3.78 -28.82
CA LYS B 65 -57.00 -4.35 -28.25
C LYS B 65 -56.80 -5.58 -29.14
N SER B 66 -57.89 -6.17 -29.60
CA SER B 66 -57.82 -7.37 -30.41
C SER B 66 -57.21 -7.07 -31.78
N ARG B 67 -57.24 -5.80 -32.18
CA ARG B 67 -56.79 -5.40 -33.52
C ARG B 67 -55.48 -4.62 -33.55
N VAL B 68 -55.03 -4.11 -32.40
CA VAL B 68 -53.77 -3.35 -32.36
C VAL B 68 -52.60 -4.18 -31.92
N THR B 69 -51.44 -3.90 -32.49
CA THR B 69 -50.18 -4.32 -31.87
C THR B 69 -49.21 -3.14 -31.98
N ILE B 70 -48.50 -2.87 -30.90
CA ILE B 70 -47.57 -1.75 -30.85
C ILE B 70 -46.21 -2.30 -30.53
N SER B 71 -45.17 -1.83 -31.24
CA SER B 71 -43.83 -2.37 -31.01
C SER B 71 -42.71 -1.33 -31.03
N VAL B 72 -41.50 -1.75 -30.68
CA VAL B 72 -40.37 -0.82 -30.60
C VAL B 72 -39.16 -1.27 -31.41
N ASP B 73 -38.48 -0.32 -32.04
CA ASP B 73 -37.20 -0.59 -32.69
C ASP B 73 -36.15 0.39 -32.16
N LYS B 74 -35.44 -0.03 -31.11
CA LYS B 74 -34.40 0.80 -30.50
C LYS B 74 -33.29 1.10 -31.51
N SER B 75 -33.11 0.18 -32.44
CA SER B 75 -32.10 0.29 -33.48
C SER B 75 -32.26 1.58 -34.30
N LYS B 76 -33.50 1.88 -34.69
CA LYS B 76 -33.78 3.08 -35.46
C LYS B 76 -34.44 4.14 -34.60
N ASN B 77 -34.54 3.86 -33.30
CA ASN B 77 -35.16 4.79 -32.36
C ASN B 77 -36.61 5.11 -32.74
N GLN B 78 -37.45 4.13 -32.95
CA GLN B 78 -38.81 4.41 -33.27
C GLN B 78 -39.74 3.38 -32.74
N PHE B 79 -41.02 3.62 -32.89
CA PHE B 79 -41.99 2.60 -32.47
C PHE B 79 -43.17 2.59 -33.43
N SER B 80 -43.90 1.48 -33.47
CA SER B 80 -44.85 1.26 -34.55
C SER B 80 -46.23 0.83 -34.09
N LEU B 81 -47.21 1.10 -34.94
CA LEU B 81 -48.57 0.69 -34.73
C LEU B 81 -49.12 -0.12 -35.92
N LYS B 82 -49.57 -1.34 -35.62
CA LYS B 82 -50.34 -2.15 -36.56
C LYS B 82 -51.80 -2.15 -36.11
N LEU B 83 -52.70 -1.84 -37.04
CA LEU B 83 -54.13 -1.90 -36.75
C LEU B 83 -54.83 -2.71 -37.84
N SER B 84 -55.32 -3.89 -37.49
CA SER B 84 -55.86 -4.82 -38.48
C SER B 84 -57.38 -4.70 -38.68
N SER B 85 -57.86 -5.30 -39.76
CA SER B 85 -59.30 -5.36 -40.05
C SER B 85 -59.99 -4.01 -39.95
N VAL B 86 -59.42 -3.00 -40.61
CA VAL B 86 -59.93 -1.65 -40.48
C VAL B 86 -61.28 -1.46 -41.15
N THR B 87 -62.05 -0.51 -40.65
CA THR B 87 -63.28 -0.07 -41.29
C THR B 87 -63.20 1.43 -41.44
N ALA B 88 -64.29 2.06 -41.89
CA ALA B 88 -64.32 3.51 -42.03
C ALA B 88 -64.24 4.19 -40.66
N ALA B 89 -64.50 3.42 -39.61
CA ALA B 89 -64.43 3.93 -38.25
C ALA B 89 -62.99 4.13 -37.81
N ASP B 90 -62.05 3.64 -38.60
CA ASP B 90 -60.64 3.81 -38.29
C ASP B 90 -60.05 4.98 -39.08
N THR B 91 -60.90 5.64 -39.87
CA THR B 91 -60.49 6.84 -40.59
C THR B 91 -60.25 7.97 -39.60
N ALA B 92 -59.00 8.40 -39.46
CA ALA B 92 -58.66 9.41 -38.45
C ALA B 92 -57.27 9.99 -38.62
N VAL B 93 -57.01 11.09 -37.92
CA VAL B 93 -55.66 11.60 -37.78
C VAL B 93 -54.98 10.85 -36.65
N TYR B 94 -53.78 10.34 -36.90
CA TYR B 94 -53.06 9.55 -35.91
C TYR B 94 -51.83 10.30 -35.37
N TYR B 95 -51.72 10.32 -34.04
CA TYR B 95 -50.62 10.96 -33.36
C TYR B 95 -49.83 9.94 -32.56
N CYS B 96 -48.51 10.04 -32.60
CA CYS B 96 -47.68 9.38 -31.59
C CYS B 96 -47.38 10.41 -30.52
N ALA B 97 -47.12 9.94 -29.30
CA ALA B 97 -46.97 10.84 -28.16
C ALA B 97 -46.06 10.24 -27.10
N ARG B 98 -45.65 11.06 -26.15
CA ARG B 98 -44.81 10.60 -25.07
C ARG B 98 -45.45 10.98 -23.75
N ASP B 99 -45.26 10.16 -22.73
CA ASP B 99 -45.60 10.55 -21.38
C ASP B 99 -44.33 11.10 -20.74
N ARG B 100 -44.50 11.91 -19.71
CA ARG B 100 -43.40 12.44 -18.95
C ARG B 100 -43.01 11.36 -18.00
N ASP B 101 -41.97 11.54 -17.23
CA ASP B 101 -41.55 10.51 -16.31
C ASP B 101 -42.27 10.36 -14.97
N ASP B 102 -42.98 11.37 -14.49
CA ASP B 102 -43.84 11.19 -13.33
C ASP B 102 -45.17 10.59 -13.75
N LEU B 103 -45.13 9.80 -14.83
CA LEU B 103 -46.29 9.09 -15.38
C LEU B 103 -47.34 10.04 -15.90
N SER B 104 -47.11 11.34 -15.70
CA SER B 104 -47.99 12.39 -16.21
C SER B 104 -48.30 12.29 -17.70
N PRO B 105 -49.50 12.73 -18.07
CA PRO B 105 -50.04 12.56 -19.42
C PRO B 105 -49.21 13.25 -20.50
N PHE B 106 -49.65 13.10 -21.74
CA PHE B 106 -48.88 13.44 -22.93
C PHE B 106 -48.16 14.78 -22.79
N ASP B 107 -46.84 14.72 -22.74
CA ASP B 107 -46.00 15.91 -22.65
C ASP B 107 -45.33 16.26 -23.99
N TYR B 108 -45.38 15.33 -24.95
CA TYR B 108 -44.91 15.61 -26.31
C TYR B 108 -45.79 14.94 -27.35
N TRP B 109 -45.96 15.58 -28.50
CA TRP B 109 -46.79 15.04 -29.58
C TRP B 109 -46.09 15.10 -30.93
N GLY B 110 -46.50 14.22 -31.83
CA GLY B 110 -46.02 14.25 -33.20
C GLY B 110 -46.87 15.21 -34.01
N GLN B 111 -46.59 15.35 -35.29
CA GLN B 111 -47.35 16.26 -36.10
C GLN B 111 -48.71 15.78 -36.39
N GLY B 112 -48.85 14.49 -36.49
CA GLY B 112 -50.13 13.90 -36.82
C GLY B 112 -50.20 13.57 -38.30
N THR B 113 -50.58 12.33 -38.63
CA THR B 113 -50.77 11.97 -40.03
C THR B 113 -52.17 11.44 -40.26
N LEU B 114 -52.85 11.94 -41.28
CA LEU B 114 -54.19 11.47 -41.60
C LEU B 114 -54.15 10.11 -42.31
N VAL B 115 -55.01 9.20 -41.87
CA VAL B 115 -55.18 7.92 -42.55
C VAL B 115 -56.66 7.69 -42.84
N THR B 116 -56.95 7.48 -44.11
CA THR B 116 -58.31 7.27 -44.57
C THR B 116 -58.50 5.80 -44.90
N VAL B 117 -59.68 5.27 -44.58
CA VAL B 117 -60.01 3.90 -44.95
C VAL B 117 -61.04 3.90 -46.09
N SER B 118 -60.62 3.45 -47.27
CA SER B 118 -61.49 3.52 -48.45
C SER B 118 -61.03 2.58 -49.56
N SER B 119 -62.00 2.08 -50.31
CA SER B 119 -61.74 1.20 -51.45
C SER B 119 -61.35 2.00 -52.67
N ALA B 120 -61.47 3.33 -52.58
CA ALA B 120 -61.04 4.21 -53.65
C ALA B 120 -59.52 4.23 -53.70
N SER B 121 -58.95 4.60 -54.84
CA SER B 121 -57.51 4.70 -54.96
C SER B 121 -57.10 6.16 -54.93
N THR B 122 -55.80 6.40 -54.76
CA THR B 122 -55.31 7.77 -54.69
C THR B 122 -55.19 8.38 -56.08
N LYS B 123 -55.49 9.67 -56.17
CA LYS B 123 -55.32 10.43 -57.41
C LYS B 123 -54.65 11.77 -57.11
N GLY B 124 -53.60 12.08 -57.86
CA GLY B 124 -52.90 13.34 -57.71
C GLY B 124 -53.74 14.52 -58.16
N PRO B 125 -53.51 15.70 -57.57
CA PRO B 125 -54.34 16.88 -57.89
C PRO B 125 -53.90 17.61 -59.16
N SER B 126 -54.79 18.48 -59.65
CA SER B 126 -54.45 19.41 -60.71
C SER B 126 -54.42 20.80 -60.11
N VAL B 127 -53.43 21.60 -60.46
CA VAL B 127 -53.35 22.95 -59.91
C VAL B 127 -53.64 24.00 -60.98
N PHE B 128 -54.54 24.93 -60.65
CA PHE B 128 -54.90 26.00 -61.57
C PHE B 128 -54.67 27.35 -60.91
N PRO B 129 -54.31 28.36 -61.70
CA PRO B 129 -54.14 29.69 -61.11
C PRO B 129 -55.46 30.42 -60.89
N LEU B 130 -55.54 31.15 -59.77
CA LEU B 130 -56.60 32.11 -59.55
C LEU B 130 -55.97 33.49 -59.67
N ALA B 131 -55.96 34.00 -60.90
CA ALA B 131 -55.28 35.25 -61.21
C ALA B 131 -55.99 36.48 -60.63
N PRO B 132 -55.20 37.50 -60.24
CA PRO B 132 -55.77 38.79 -59.84
C PRO B 132 -56.26 39.56 -61.07
N SER B 133 -57.14 40.54 -60.87
CA SER B 133 -57.67 41.30 -62.00
C SER B 133 -57.92 42.76 -61.65
N SER B 134 -57.23 43.63 -62.37
CA SER B 134 -57.37 45.08 -62.34
C SER B 134 -58.67 45.62 -61.71
N GLY B 140 -55.96 49.48 -54.05
CA GLY B 140 -55.62 49.25 -52.65
C GLY B 140 -54.90 47.92 -52.46
N THR B 141 -55.67 46.85 -52.28
CA THR B 141 -55.10 45.52 -52.14
C THR B 141 -55.76 44.53 -53.11
N ALA B 142 -54.95 43.60 -53.63
CA ALA B 142 -55.43 42.61 -54.59
C ALA B 142 -55.46 41.23 -53.97
N ALA B 143 -56.23 40.32 -54.58
CA ALA B 143 -56.30 38.94 -54.13
C ALA B 143 -55.97 37.96 -55.24
N LEU B 144 -55.39 36.82 -54.88
CA LEU B 144 -55.04 35.80 -55.86
C LEU B 144 -54.94 34.44 -55.19
N GLY B 145 -54.87 33.35 -55.96
CA GLY B 145 -54.74 32.05 -55.33
C GLY B 145 -54.41 30.90 -56.25
N CYS B 146 -54.64 29.70 -55.73
CA CYS B 146 -54.47 28.45 -56.46
C CYS B 146 -55.66 27.54 -56.21
N LEU B 147 -56.11 26.86 -57.25
CA LEU B 147 -57.17 25.86 -57.12
C LEU B 147 -56.56 24.49 -57.23
N VAL B 148 -56.61 23.74 -56.13
CA VAL B 148 -56.06 22.39 -56.07
C VAL B 148 -57.22 21.42 -56.19
N LYS B 149 -57.39 20.83 -57.35
CA LYS B 149 -58.64 20.16 -57.69
C LYS B 149 -58.51 18.66 -57.98
N ASP B 150 -59.54 17.91 -57.61
CA ASP B 150 -59.71 16.50 -57.99
C ASP B 150 -58.57 15.60 -57.52
N TYR B 151 -58.47 15.43 -56.20
CA TYR B 151 -57.46 14.55 -55.62
C TYR B 151 -58.06 13.67 -54.54
N PHE B 152 -57.32 12.62 -54.17
CA PHE B 152 -57.74 11.70 -53.11
C PHE B 152 -56.52 10.86 -52.69
N PRO B 153 -56.42 10.53 -51.40
CA PRO B 153 -57.23 11.02 -50.29
C PRO B 153 -56.63 12.32 -49.75
N GLU B 154 -57.16 12.82 -48.64
CA GLU B 154 -56.62 14.02 -48.03
C GLU B 154 -55.32 13.71 -47.29
N PRO B 155 -54.50 14.73 -46.99
CA PRO B 155 -54.66 16.16 -47.27
C PRO B 155 -53.78 16.65 -48.41
N VAL B 156 -53.91 17.94 -48.72
CA VAL B 156 -52.87 18.65 -49.46
C VAL B 156 -52.40 19.82 -48.60
N THR B 157 -51.11 20.09 -48.64
CA THR B 157 -50.56 21.26 -48.00
C THR B 157 -50.22 22.24 -49.10
N VAL B 158 -50.32 23.54 -48.84
CA VAL B 158 -49.96 24.50 -49.88
C VAL B 158 -49.33 25.75 -49.29
N SER B 159 -48.09 26.02 -49.70
CA SER B 159 -47.36 27.20 -49.24
C SER B 159 -47.26 28.23 -50.35
N TRP B 160 -46.68 29.39 -50.05
CA TRP B 160 -46.48 30.41 -51.07
C TRP B 160 -45.04 30.92 -51.06
N ASN B 161 -44.48 31.07 -52.26
CA ASN B 161 -43.09 31.51 -52.44
C ASN B 161 -42.11 30.74 -51.57
N SER B 162 -42.23 29.41 -51.61
CA SER B 162 -41.41 28.50 -50.83
C SER B 162 -41.52 28.77 -49.33
N GLY B 163 -42.67 29.30 -48.92
CA GLY B 163 -42.95 29.53 -47.51
C GLY B 163 -42.71 30.97 -47.08
N ALA B 164 -42.25 31.80 -48.01
CA ALA B 164 -41.81 33.15 -47.68
C ALA B 164 -42.93 34.20 -47.71
N LEU B 165 -44.11 33.76 -48.10
CA LEU B 165 -45.29 34.59 -48.10
C LEU B 165 -46.18 33.83 -47.18
N THR B 166 -46.43 34.37 -46.01
CA THR B 166 -47.04 33.59 -44.98
C THR B 166 -48.19 34.38 -44.48
N SER B 167 -48.20 35.60 -44.89
CA SER B 167 -49.11 36.58 -44.30
C SER B 167 -50.31 36.88 -45.20
N GLY B 168 -51.50 36.93 -44.59
CA GLY B 168 -52.71 37.16 -45.33
C GLY B 168 -53.12 35.96 -46.16
N VAL B 169 -52.51 34.82 -45.86
CA VAL B 169 -52.80 33.58 -46.57
C VAL B 169 -53.96 32.83 -45.88
N HIS B 170 -54.86 32.31 -46.70
CA HIS B 170 -55.95 31.47 -46.24
C HIS B 170 -56.03 30.22 -47.11
N THR B 171 -55.73 29.06 -46.53
CA THR B 171 -56.02 27.81 -47.20
C THR B 171 -57.29 27.22 -46.62
N PHE B 172 -58.29 27.07 -47.48
CA PHE B 172 -59.59 26.59 -47.03
C PHE B 172 -59.60 25.07 -46.89
N PRO B 173 -60.42 24.56 -45.95
CA PRO B 173 -60.62 23.12 -45.87
C PRO B 173 -61.23 22.57 -47.17
N ALA B 174 -60.81 21.38 -47.57
CA ALA B 174 -61.25 20.80 -48.82
C ALA B 174 -62.68 20.32 -48.73
N VAL B 175 -63.44 20.48 -49.81
CA VAL B 175 -64.78 19.92 -49.88
C VAL B 175 -64.74 18.64 -50.72
N LEU B 176 -65.69 17.74 -50.46
CA LEU B 176 -65.82 16.53 -51.25
C LEU B 176 -66.85 16.75 -52.35
N GLN B 177 -66.57 16.23 -53.54
CA GLN B 177 -67.46 16.41 -54.68
C GLN B 177 -68.15 15.11 -55.04
N SER B 178 -69.11 15.17 -55.95
CA SER B 178 -69.85 13.99 -56.42
C SER B 178 -68.89 12.94 -56.97
N SER B 179 -67.80 13.42 -57.57
CA SER B 179 -66.77 12.53 -58.10
C SER B 179 -66.09 11.75 -56.98
N GLY B 180 -66.33 12.16 -55.74
CA GLY B 180 -65.68 11.54 -54.60
C GLY B 180 -64.25 12.02 -54.51
N LEU B 181 -63.95 13.08 -55.25
CA LEU B 181 -62.63 13.69 -55.23
C LEU B 181 -62.68 14.99 -54.46
N TYR B 182 -61.60 15.29 -53.75
CA TYR B 182 -61.51 16.54 -52.99
C TYR B 182 -61.07 17.69 -53.88
N SER B 183 -61.58 18.86 -53.56
CA SER B 183 -61.15 20.10 -54.19
C SER B 183 -60.90 21.12 -53.10
N LEU B 184 -60.00 22.07 -53.38
CA LEU B 184 -59.55 23.02 -52.38
C LEU B 184 -59.04 24.29 -53.04
N SER B 185 -59.08 25.40 -52.34
CA SER B 185 -58.47 26.62 -52.85
C SER B 185 -57.61 27.27 -51.77
N SER B 186 -56.44 27.76 -52.17
CA SER B 186 -55.57 28.53 -51.29
C SER B 186 -55.51 29.94 -51.82
N VAL B 187 -55.48 30.92 -50.93
CA VAL B 187 -55.74 32.30 -51.32
C VAL B 187 -54.85 33.27 -50.54
N VAL B 188 -54.54 34.42 -51.11
CA VAL B 188 -53.70 35.41 -50.44
C VAL B 188 -53.95 36.83 -50.98
N THR B 189 -53.94 37.81 -50.08
CA THR B 189 -54.06 39.20 -50.47
C THR B 189 -52.71 39.91 -50.38
N VAL B 190 -52.39 40.66 -51.43
CA VAL B 190 -51.10 41.35 -51.55
C VAL B 190 -51.35 42.82 -51.88
N PRO B 191 -50.31 43.66 -51.85
CA PRO B 191 -50.55 45.02 -52.38
C PRO B 191 -50.75 44.97 -53.90
N SER B 192 -51.68 45.79 -54.40
CA SER B 192 -51.89 45.88 -55.84
C SER B 192 -50.63 46.36 -56.56
N SER B 193 -49.98 47.35 -55.97
CA SER B 193 -48.77 47.94 -56.52
C SER B 193 -47.67 46.92 -56.81
N SER B 194 -47.69 45.82 -56.05
CA SER B 194 -46.66 44.79 -56.15
C SER B 194 -46.96 43.77 -57.25
N LEU B 195 -48.17 43.81 -57.80
CA LEU B 195 -48.63 42.78 -58.72
C LEU B 195 -47.68 42.54 -59.91
N GLY B 196 -47.14 43.62 -60.47
CA GLY B 196 -46.24 43.50 -61.59
C GLY B 196 -44.78 43.37 -61.17
N THR B 197 -44.49 43.69 -59.93
CA THR B 197 -43.12 43.73 -59.45
C THR B 197 -42.82 42.65 -58.41
N GLN B 198 -43.57 41.55 -58.46
CA GLN B 198 -43.34 40.44 -57.55
C GLN B 198 -43.90 39.14 -58.11
N THR B 199 -43.06 38.12 -58.19
CA THR B 199 -43.48 36.79 -58.62
C THR B 199 -44.18 36.05 -57.49
N TYR B 200 -45.33 35.47 -57.79
CA TYR B 200 -46.10 34.72 -56.79
C TYR B 200 -46.32 33.28 -57.25
N ILE B 201 -45.72 32.34 -56.53
CA ILE B 201 -45.86 30.92 -56.83
C ILE B 201 -46.44 30.16 -55.65
N CYS B 202 -47.38 29.25 -55.90
CA CYS B 202 -47.89 28.42 -54.81
C CYS B 202 -47.32 27.01 -54.94
N ASN B 203 -46.90 26.47 -53.79
CA ASN B 203 -46.28 25.16 -53.72
C ASN B 203 -47.25 24.16 -53.13
N VAL B 204 -47.79 23.32 -54.00
CA VAL B 204 -48.84 22.38 -53.64
C VAL B 204 -48.24 21.01 -53.43
N ASN B 205 -48.61 20.40 -52.31
CA ASN B 205 -48.02 19.15 -51.88
C ASN B 205 -49.09 18.14 -51.55
N HIS B 206 -49.05 16.99 -52.21
CA HIS B 206 -49.98 15.91 -51.96
C HIS B 206 -49.19 14.63 -51.74
N LYS B 207 -48.93 14.30 -50.47
CA LYS B 207 -48.04 13.20 -50.14
C LYS B 207 -48.49 11.79 -50.54
N PRO B 208 -49.79 11.48 -50.46
CA PRO B 208 -50.13 10.11 -50.87
C PRO B 208 -49.81 9.83 -52.34
N SER B 209 -49.96 10.84 -53.18
CA SER B 209 -49.64 10.70 -54.59
C SER B 209 -48.21 11.12 -54.88
N ASN B 210 -47.50 11.57 -53.85
CA ASN B 210 -46.13 12.05 -53.99
C ASN B 210 -46.07 13.18 -55.03
N THR B 211 -47.11 14.00 -55.06
CA THR B 211 -47.18 15.09 -56.03
C THR B 211 -46.69 16.39 -55.43
N LYS B 212 -45.93 17.12 -56.24
CA LYS B 212 -45.33 18.38 -55.86
C LYS B 212 -45.49 19.33 -57.04
N VAL B 213 -46.24 20.41 -56.87
CA VAL B 213 -46.48 21.32 -57.98
C VAL B 213 -46.23 22.77 -57.59
N ASP B 214 -45.34 23.42 -58.33
CA ASP B 214 -45.16 24.86 -58.18
C ASP B 214 -45.90 25.58 -59.31
N LYS B 215 -46.88 26.40 -58.95
CA LYS B 215 -47.67 27.11 -59.96
C LYS B 215 -47.56 28.62 -59.83
N ARG B 216 -47.20 29.28 -60.91
CA ARG B 216 -47.11 30.72 -60.94
C ARG B 216 -48.47 31.35 -61.18
N VAL B 217 -48.82 32.32 -60.39
CA VAL B 217 -50.06 33.07 -60.56
C VAL B 217 -49.76 34.47 -61.08
N GLU B 218 -50.16 34.71 -62.33
CA GLU B 218 -49.83 35.97 -63.01
C GLU B 218 -51.10 36.69 -63.46
N PRO B 219 -51.03 38.01 -63.62
CA PRO B 219 -52.18 38.80 -64.09
C PRO B 219 -52.48 38.60 -65.57
N ASP C 1 -65.21 1.31 -18.02
CA ASP C 1 -64.39 2.41 -18.54
C ASP C 1 -64.95 3.75 -18.10
N ILE C 2 -64.12 4.56 -17.44
CA ILE C 2 -64.54 5.86 -16.93
C ILE C 2 -64.88 6.83 -18.05
N VAL C 3 -66.09 7.37 -18.01
CA VAL C 3 -66.53 8.34 -19.00
C VAL C 3 -66.28 9.77 -18.52
N MET C 4 -65.71 10.59 -19.39
CA MET C 4 -65.45 11.99 -19.09
C MET C 4 -66.39 12.88 -19.89
N THR C 5 -67.23 13.63 -19.19
CA THR C 5 -68.20 14.51 -19.84
C THR C 5 -67.81 15.97 -19.64
N GLN C 6 -67.51 16.65 -20.75
CA GLN C 6 -67.21 18.08 -20.72
C GLN C 6 -68.46 18.90 -20.96
N SER C 7 -68.54 20.06 -20.33
CA SER C 7 -69.65 20.98 -20.57
C SER C 7 -69.17 22.41 -20.44
N PRO C 8 -69.56 23.28 -21.38
CA PRO C 8 -70.41 22.94 -22.52
C PRO C 8 -69.63 22.31 -23.67
N SER C 9 -70.32 22.03 -24.77
CA SER C 9 -69.68 21.47 -25.95
C SER C 9 -68.99 22.58 -26.73
N SER C 10 -69.65 23.73 -26.81
CA SER C 10 -69.12 24.89 -27.49
C SER C 10 -69.49 26.14 -26.71
N LEU C 11 -68.85 27.26 -27.03
CA LEU C 11 -68.86 28.41 -26.15
C LEU C 11 -68.33 29.64 -26.88
N SER C 12 -69.11 30.72 -26.86
CA SER C 12 -68.69 31.97 -27.51
C SER C 12 -68.51 33.07 -26.47
N ALA C 13 -67.31 33.64 -26.40
CA ALA C 13 -67.01 34.65 -25.39
C ALA C 13 -66.14 35.78 -25.96
N SER C 14 -66.33 36.98 -25.41
CA SER C 14 -65.58 38.15 -25.87
C SER C 14 -64.18 38.17 -25.27
N VAL C 15 -63.27 38.87 -25.93
CA VAL C 15 -61.92 39.03 -25.41
C VAL C 15 -61.99 39.65 -24.01
N GLY C 16 -61.19 39.13 -23.08
CA GLY C 16 -61.15 39.65 -21.73
C GLY C 16 -62.08 38.93 -20.78
N ASP C 17 -63.06 38.21 -21.34
CA ASP C 17 -64.02 37.47 -20.53
C ASP C 17 -63.38 36.37 -19.70
N ARG C 18 -64.10 35.93 -18.68
CA ARG C 18 -63.71 34.76 -17.89
C ARG C 18 -64.45 33.54 -18.42
N VAL C 19 -63.70 32.52 -18.83
CA VAL C 19 -64.32 31.32 -19.38
C VAL C 19 -64.10 30.12 -18.48
N THR C 20 -65.20 29.44 -18.15
CA THR C 20 -65.18 28.26 -17.29
C THR C 20 -65.65 27.01 -18.03
N ILE C 21 -64.74 26.05 -18.21
CA ILE C 21 -65.08 24.76 -18.80
C ILE C 21 -65.10 23.71 -17.72
N THR C 22 -66.17 22.91 -17.68
CA THR C 22 -66.32 21.90 -16.62
C THR C 22 -66.11 20.49 -17.15
N CYS C 23 -65.52 19.64 -16.31
CA CYS C 23 -65.29 18.25 -16.66
C CYS C 23 -65.78 17.33 -15.54
N ARG C 24 -66.55 16.31 -15.88
CA ARG C 24 -67.08 15.38 -14.87
C ARG C 24 -66.76 13.92 -15.19
N ALA C 25 -66.36 13.17 -14.17
CA ALA C 25 -65.97 11.78 -14.36
C ALA C 25 -66.99 10.84 -13.71
N SER C 26 -67.31 9.74 -14.40
CA SER C 26 -68.30 8.81 -13.93
C SER C 26 -67.85 8.12 -12.64
N GLN C 27 -66.53 8.01 -12.46
CA GLN C 27 -65.97 7.46 -11.23
C GLN C 27 -64.90 8.39 -10.67
N GLY C 28 -64.48 8.15 -9.44
CA GLY C 28 -63.44 8.95 -8.82
C GLY C 28 -62.11 8.73 -9.52
N ILE C 29 -61.44 9.84 -9.85
CA ILE C 29 -60.16 9.79 -10.52
C ILE C 29 -59.03 10.39 -9.67
N ARG C 30 -59.40 10.81 -8.46
CA ARG C 30 -58.56 11.63 -7.59
C ARG C 30 -58.26 12.90 -8.39
N ASN C 31 -56.98 13.22 -8.54
CA ASN C 31 -56.60 14.44 -9.23
C ASN C 31 -55.77 14.15 -10.47
N ASP C 32 -55.80 12.89 -10.92
CA ASP C 32 -55.10 12.50 -12.13
C ASP C 32 -55.89 12.94 -13.35
N LEU C 33 -55.90 14.25 -13.59
CA LEU C 33 -56.59 14.82 -14.73
C LEU C 33 -55.71 15.88 -15.39
N GLY C 34 -55.75 15.93 -16.70
CA GLY C 34 -54.96 16.89 -17.47
C GLY C 34 -55.81 17.69 -18.42
N TRP C 35 -55.38 18.93 -18.70
CA TRP C 35 -56.06 19.78 -19.67
C TRP C 35 -55.15 20.06 -20.85
N TYR C 36 -55.73 19.98 -22.05
CA TYR C 36 -55.01 20.17 -23.30
C TYR C 36 -55.69 21.20 -24.18
N GLN C 37 -54.90 21.98 -24.89
CA GLN C 37 -55.43 22.93 -25.85
C GLN C 37 -55.13 22.46 -27.27
N GLN C 38 -56.17 22.27 -28.08
CA GLN C 38 -55.91 21.88 -29.46
C GLN C 38 -56.31 23.01 -30.40
N LYS C 39 -55.29 23.64 -30.99
CA LYS C 39 -55.47 24.57 -32.08
C LYS C 39 -55.71 23.72 -33.33
N PRO C 40 -56.46 24.26 -34.30
CA PRO C 40 -56.79 23.56 -35.54
C PRO C 40 -55.58 23.20 -36.40
N GLY C 41 -55.54 21.97 -36.88
CA GLY C 41 -54.46 21.52 -37.75
C GLY C 41 -53.26 20.98 -36.99
N LYS C 42 -53.18 21.34 -35.70
CA LYS C 42 -52.05 20.97 -34.87
C LYS C 42 -52.42 19.91 -33.83
N ALA C 43 -51.40 19.36 -33.18
CA ALA C 43 -51.62 18.40 -32.09
C ALA C 43 -51.96 19.14 -30.81
N PRO C 44 -52.70 18.49 -29.90
CA PRO C 44 -53.04 19.15 -28.64
C PRO C 44 -51.80 19.43 -27.79
N LYS C 45 -51.83 20.50 -27.01
CA LYS C 45 -50.72 20.84 -26.12
C LYS C 45 -51.18 20.84 -24.67
N ARG C 46 -50.36 20.26 -23.80
CA ARG C 46 -50.70 20.20 -22.39
C ARG C 46 -50.74 21.59 -21.79
N LEU C 47 -51.85 21.90 -21.14
CA LEU C 47 -51.97 23.13 -20.37
C LEU C 47 -51.76 22.81 -18.91
N ILE C 48 -52.44 21.75 -18.44
CA ILE C 48 -52.42 21.46 -17.00
C ILE C 48 -52.30 19.98 -16.65
N TYR C 49 -51.50 19.69 -15.63
CA TYR C 49 -51.41 18.35 -15.05
C TYR C 49 -51.81 17.35 -13.99
N ALA C 50 -52.05 17.83 -12.78
CA ALA C 50 -52.48 16.98 -11.67
C ALA C 50 -53.73 17.57 -11.02
N ALA C 51 -54.43 18.26 -11.90
CA ALA C 51 -55.69 18.91 -11.70
C ALA C 51 -55.60 20.37 -11.38
N SER C 52 -54.36 20.79 -11.17
CA SER C 52 -54.05 22.09 -10.67
C SER C 52 -52.81 22.68 -11.22
N SER C 53 -51.87 21.82 -11.57
CA SER C 53 -50.50 22.25 -11.86
C SER C 53 -50.34 22.92 -13.20
N LEU C 54 -50.09 24.22 -13.16
CA LEU C 54 -49.85 25.00 -14.37
C LEU C 54 -48.52 24.58 -14.98
N GLN C 55 -48.50 24.32 -16.29
CA GLN C 55 -47.28 23.83 -16.94
C GLN C 55 -46.42 24.93 -17.57
N SER C 56 -45.14 24.65 -17.76
CA SER C 56 -44.20 25.62 -18.29
C SER C 56 -44.54 26.01 -19.72
N GLY C 57 -44.35 27.29 -20.05
CA GLY C 57 -44.61 27.77 -21.39
C GLY C 57 -46.07 28.06 -21.60
N VAL C 58 -46.83 28.08 -20.52
CA VAL C 58 -48.28 28.30 -20.59
C VAL C 58 -48.69 29.47 -19.69
N PRO C 59 -49.33 30.49 -20.28
CA PRO C 59 -49.68 31.72 -19.55
C PRO C 59 -50.46 31.43 -18.28
N SER C 60 -50.29 32.23 -17.25
CA SER C 60 -50.91 31.97 -15.95
C SER C 60 -52.42 32.27 -15.95
N ARG C 61 -52.96 32.72 -17.08
CA ARG C 61 -54.40 32.96 -17.15
C ARG C 61 -55.18 31.66 -17.25
N PHE C 62 -54.48 30.56 -17.49
CA PHE C 62 -55.08 29.23 -17.42
C PHE C 62 -54.91 28.65 -16.03
N SER C 63 -55.96 28.05 -15.48
CA SER C 63 -55.91 27.46 -14.15
C SER C 63 -56.86 26.28 -14.05
N GLY C 64 -56.51 25.31 -13.23
CA GLY C 64 -57.34 24.12 -13.05
C GLY C 64 -57.66 23.86 -11.60
N SER C 65 -58.87 23.39 -11.35
CA SER C 65 -59.28 23.09 -9.98
C SER C 65 -60.23 21.90 -9.96
N GLY C 66 -60.47 21.37 -8.77
CA GLY C 66 -61.40 20.27 -8.59
C GLY C 66 -60.74 18.97 -8.20
N SER C 67 -61.53 17.93 -7.95
CA SER C 67 -61.03 16.63 -7.58
C SER C 67 -62.14 15.66 -7.64
N GLY C 68 -61.84 14.41 -7.42
CA GLY C 68 -62.85 13.39 -7.42
C GLY C 68 -63.44 13.45 -8.79
N THR C 69 -64.69 13.85 -8.88
CA THR C 69 -65.50 13.69 -10.07
C THR C 69 -65.75 14.98 -10.78
N GLU C 70 -65.39 16.08 -10.15
CA GLU C 70 -65.69 17.40 -10.70
C GLU C 70 -64.44 18.26 -10.83
N PHE C 71 -64.21 18.74 -12.04
CA PHE C 71 -63.03 19.52 -12.37
C PHE C 71 -63.41 20.74 -13.19
N THR C 72 -62.53 21.72 -13.21
CA THR C 72 -62.78 22.97 -13.90
C THR C 72 -61.51 23.57 -14.48
N LEU C 73 -61.54 23.86 -15.77
CA LEU C 73 -60.52 24.69 -16.40
C LEU C 73 -61.05 26.11 -16.53
N THR C 74 -60.40 27.05 -15.86
CA THR C 74 -60.76 28.44 -15.98
C THR C 74 -59.68 29.16 -16.78
N ILE C 75 -60.10 29.93 -17.77
CA ILE C 75 -59.21 30.86 -18.45
C ILE C 75 -59.69 32.26 -18.05
N SER C 76 -58.84 32.96 -17.31
CA SER C 76 -59.25 34.17 -16.60
C SER C 76 -59.53 35.35 -17.53
N SER C 77 -58.64 35.56 -18.49
CA SER C 77 -58.79 36.65 -19.43
C SER C 77 -58.64 36.15 -20.85
N LEU C 78 -59.76 36.03 -21.55
CA LEU C 78 -59.74 35.48 -22.90
C LEU C 78 -58.86 36.29 -23.84
N GLN C 79 -58.24 35.59 -24.77
CA GLN C 79 -57.36 36.22 -25.76
C GLN C 79 -57.67 35.65 -27.13
N PRO C 80 -57.33 36.40 -28.20
CA PRO C 80 -57.58 35.88 -29.55
C PRO C 80 -56.86 34.56 -29.83
N GLU C 81 -55.67 34.39 -29.27
CA GLU C 81 -54.90 33.16 -29.49
C GLU C 81 -55.50 31.98 -28.73
N ASP C 82 -56.51 32.24 -27.91
CA ASP C 82 -57.13 31.19 -27.13
C ASP C 82 -58.29 30.53 -27.87
N PHE C 83 -58.57 30.96 -29.09
CA PHE C 83 -59.55 30.26 -29.92
C PHE C 83 -59.03 28.85 -30.16
N ALA C 84 -59.75 27.86 -29.65
CA ALA C 84 -59.24 26.49 -29.72
C ALA C 84 -60.30 25.51 -29.28
N THR C 85 -59.94 24.24 -29.22
CA THR C 85 -60.87 23.28 -28.63
C THR C 85 -60.10 22.50 -27.56
N TYR C 86 -60.65 22.51 -26.34
CA TYR C 86 -59.95 22.10 -25.14
C TYR C 86 -60.44 20.73 -24.67
N TYR C 87 -59.51 19.87 -24.27
CA TYR C 87 -59.83 18.52 -23.84
C TYR C 87 -59.36 18.26 -22.42
N CYS C 88 -60.10 17.40 -21.72
CA CYS C 88 -59.64 16.87 -20.43
C CYS C 88 -59.37 15.38 -20.56
N LEU C 89 -58.36 14.91 -19.85
CA LEU C 89 -57.94 13.52 -19.92
C LEU C 89 -57.74 12.96 -18.51
N GLN C 90 -58.45 11.89 -18.18
CA GLN C 90 -58.19 11.20 -16.93
C GLN C 90 -57.18 10.08 -17.19
N HIS C 91 -56.22 9.93 -16.30
CA HIS C 91 -55.25 8.85 -16.42
C HIS C 91 -55.10 8.15 -15.08
N ASN C 92 -56.14 8.25 -14.26
CA ASN C 92 -56.16 7.57 -12.97
C ASN C 92 -56.42 6.09 -13.14
N SER C 93 -57.22 5.75 -14.14
CA SER C 93 -57.57 4.36 -14.41
C SER C 93 -57.30 3.98 -15.85
N TYR C 94 -56.62 2.86 -16.04
CA TYR C 94 -56.52 2.25 -17.36
C TYR C 94 -57.90 1.79 -17.81
N PRO C 95 -58.31 2.15 -19.04
CA PRO C 95 -57.60 3.00 -20.00
C PRO C 95 -57.85 4.48 -19.79
N ARG C 96 -56.87 5.32 -20.13
CA ARG C 96 -57.03 6.77 -20.06
C ARG C 96 -58.11 7.16 -21.06
N THR C 97 -58.91 8.17 -20.73
CA THR C 97 -60.06 8.54 -21.55
C THR C 97 -60.29 10.04 -21.64
N PHE C 98 -60.56 10.52 -22.85
CA PHE C 98 -60.77 11.95 -23.09
C PHE C 98 -62.22 12.35 -22.98
N GLY C 99 -62.45 13.63 -22.68
CA GLY C 99 -63.79 14.20 -22.75
C GLY C 99 -64.05 14.58 -24.20
N GLN C 100 -65.30 14.79 -24.52
CA GLN C 100 -65.74 15.10 -25.86
C GLN C 100 -65.11 16.34 -26.42
N GLY C 101 -64.54 17.18 -25.57
CA GLY C 101 -63.90 18.40 -25.99
C GLY C 101 -64.86 19.57 -25.93
N THR C 102 -64.31 20.75 -25.66
CA THR C 102 -65.10 21.97 -25.60
C THR C 102 -64.51 23.03 -26.53
N LYS C 103 -65.28 23.42 -27.55
CA LYS C 103 -64.80 24.40 -28.51
C LYS C 103 -65.02 25.82 -27.99
N VAL C 104 -63.94 26.59 -27.92
CA VAL C 104 -63.98 28.00 -27.53
C VAL C 104 -63.72 28.91 -28.72
N GLU C 105 -64.79 29.63 -29.10
CA GLU C 105 -64.80 30.64 -30.15
C GLU C 105 -64.64 32.02 -29.52
N ILE C 106 -64.60 33.05 -30.36
CA ILE C 106 -64.40 34.41 -29.87
C ILE C 106 -65.42 35.38 -30.48
N LYS C 107 -65.90 36.32 -29.66
CA LYS C 107 -66.76 37.38 -30.14
C LYS C 107 -65.98 38.67 -30.40
N ARG C 108 -66.24 39.34 -31.50
CA ARG C 108 -65.50 40.52 -31.74
C ARG C 108 -66.40 41.51 -32.38
N THR C 109 -65.87 42.67 -32.69
CA THR C 109 -66.62 43.69 -33.38
C THR C 109 -66.81 43.09 -34.72
N VAL C 110 -67.86 43.46 -35.39
CA VAL C 110 -68.33 42.68 -36.56
C VAL C 110 -67.57 43.46 -37.63
N ALA C 111 -67.19 42.75 -38.69
CA ALA C 111 -66.46 43.36 -39.80
C ALA C 111 -66.95 42.80 -41.13
N ALA C 112 -66.93 43.63 -42.17
CA ALA C 112 -67.45 43.25 -43.48
C ALA C 112 -66.40 42.51 -44.31
N PRO C 113 -66.85 41.57 -45.15
CA PRO C 113 -65.92 40.83 -46.01
C PRO C 113 -65.34 41.66 -47.15
N SER C 114 -64.12 41.33 -47.56
CA SER C 114 -63.60 41.81 -48.82
C SER C 114 -63.97 40.80 -49.88
N VAL C 115 -64.85 41.17 -50.80
CA VAL C 115 -65.29 40.22 -51.81
C VAL C 115 -64.42 40.27 -53.06
N PHE C 116 -64.04 39.09 -53.55
CA PHE C 116 -63.24 38.95 -54.76
C PHE C 116 -63.83 37.86 -55.63
N ILE C 117 -63.58 37.91 -56.93
CA ILE C 117 -64.11 36.90 -57.83
C ILE C 117 -63.08 36.51 -58.90
N PHE C 118 -63.01 35.22 -59.17
CA PHE C 118 -62.02 34.64 -60.05
C PHE C 118 -62.70 33.78 -61.11
N PRO C 119 -62.51 34.14 -62.38
CA PRO C 119 -63.02 33.33 -63.51
C PRO C 119 -62.23 32.04 -63.65
N PRO C 120 -62.76 31.07 -64.41
CA PRO C 120 -61.97 29.89 -64.77
C PRO C 120 -60.69 30.28 -65.50
N SER C 121 -59.61 29.55 -65.25
CA SER C 121 -58.40 29.73 -66.03
C SER C 121 -58.53 28.94 -67.32
N ASP C 122 -57.90 29.43 -68.38
CA ASP C 122 -57.96 28.75 -69.68
C ASP C 122 -57.32 27.37 -69.56
N GLU C 123 -56.36 27.26 -68.68
CA GLU C 123 -55.68 26.04 -68.42
C GLU C 123 -56.65 24.97 -67.95
N GLN C 124 -57.57 25.34 -67.10
CA GLN C 124 -58.57 24.41 -66.60
C GLN C 124 -59.63 24.11 -67.66
N LEU C 125 -59.96 25.12 -68.46
CA LEU C 125 -60.91 24.95 -69.55
C LEU C 125 -60.42 23.91 -70.53
N LYS C 126 -59.10 23.86 -70.72
CA LYS C 126 -58.47 22.86 -71.59
C LYS C 126 -58.89 21.43 -71.26
N SER C 127 -59.29 21.19 -70.02
CA SER C 127 -59.65 19.84 -69.57
C SER C 127 -61.14 19.67 -69.29
N GLY C 128 -61.97 20.53 -69.90
CA GLY C 128 -63.40 20.29 -69.95
C GLY C 128 -64.26 20.68 -68.76
N THR C 129 -63.67 21.38 -67.78
CA THR C 129 -64.44 21.83 -66.63
C THR C 129 -64.12 23.28 -66.31
N ALA C 130 -65.08 23.99 -65.73
CA ALA C 130 -64.91 25.38 -65.36
C ALA C 130 -65.29 25.61 -63.90
N SER C 131 -64.34 26.13 -63.13
CA SER C 131 -64.60 26.48 -61.74
C SER C 131 -64.53 27.98 -61.56
N VAL C 132 -65.65 28.58 -61.15
CA VAL C 132 -65.71 29.99 -60.84
C VAL C 132 -65.59 30.13 -59.32
N VAL C 133 -64.73 31.04 -58.87
CA VAL C 133 -64.45 31.15 -57.44
C VAL C 133 -64.77 32.52 -56.84
N CYS C 134 -65.71 32.54 -55.90
CA CYS C 134 -65.96 33.74 -55.12
C CYS C 134 -65.27 33.65 -53.75
N LEU C 135 -64.73 34.77 -53.28
CA LEU C 135 -63.98 34.82 -52.03
C LEU C 135 -64.46 35.94 -51.12
N LEU C 136 -64.67 35.60 -49.85
CA LEU C 136 -65.10 36.56 -48.84
C LEU C 136 -64.02 36.63 -47.76
N ASN C 137 -63.26 37.73 -47.73
CA ASN C 137 -62.08 37.78 -46.88
C ASN C 137 -62.24 38.57 -45.58
N ASN C 138 -61.94 37.90 -44.46
CA ASN C 138 -61.84 38.53 -43.15
C ASN C 138 -63.10 39.24 -42.67
N PHE C 139 -64.10 38.46 -42.27
CA PHE C 139 -65.37 39.00 -41.79
C PHE C 139 -65.82 38.36 -40.50
N TYR C 140 -66.71 39.04 -39.78
CA TYR C 140 -67.32 38.51 -38.57
C TYR C 140 -68.72 39.08 -38.42
N PRO C 141 -69.70 38.24 -38.04
CA PRO C 141 -69.57 36.84 -37.64
C PRO C 141 -69.57 35.84 -38.81
N ARG C 142 -69.70 34.57 -38.47
CA ARG C 142 -69.61 33.47 -39.43
C ARG C 142 -70.71 33.50 -40.50
N GLU C 143 -71.90 33.95 -40.13
CA GLU C 143 -73.04 33.92 -41.04
C GLU C 143 -72.80 34.80 -42.27
N ALA C 144 -73.10 34.25 -43.44
CA ALA C 144 -72.94 34.97 -44.69
C ALA C 144 -73.76 34.30 -45.79
N LYS C 145 -74.23 35.08 -46.76
CA LYS C 145 -75.08 34.55 -47.82
C LYS C 145 -74.50 34.83 -49.21
N VAL C 146 -73.99 33.79 -49.86
CA VAL C 146 -73.46 33.93 -51.20
C VAL C 146 -74.36 33.26 -52.22
N GLN C 147 -74.91 34.07 -53.12
CA GLN C 147 -75.74 33.55 -54.19
C GLN C 147 -75.05 33.76 -55.54
N TRP C 148 -75.14 32.76 -56.41
CA TRP C 148 -74.52 32.81 -57.73
C TRP C 148 -75.54 33.20 -58.80
N LYS C 149 -75.13 34.06 -59.72
CA LYS C 149 -76.03 34.51 -60.77
C LYS C 149 -75.37 34.46 -62.15
N VAL C 150 -75.81 33.50 -62.96
CA VAL C 150 -75.33 33.34 -64.32
C VAL C 150 -76.35 33.94 -65.29
N ASP C 151 -76.00 35.08 -65.88
CA ASP C 151 -76.92 35.83 -66.74
C ASP C 151 -78.20 36.15 -65.98
N ASN C 152 -78.03 36.57 -64.73
CA ASN C 152 -79.14 36.91 -63.83
C ASN C 152 -80.06 35.72 -63.53
N ALA C 153 -79.60 34.51 -63.83
CA ALA C 153 -80.31 33.31 -63.42
C ALA C 153 -79.77 32.83 -62.07
N LEU C 154 -80.62 32.87 -61.05
CA LEU C 154 -80.25 32.46 -59.71
C LEU C 154 -79.83 30.99 -59.69
N GLN C 155 -78.59 30.74 -59.29
CA GLN C 155 -78.04 29.40 -59.32
C GLN C 155 -78.27 28.68 -58.01
N SER C 156 -78.38 27.36 -58.08
CA SER C 156 -78.58 26.53 -56.89
C SER C 156 -78.19 25.08 -57.17
N GLY C 157 -77.65 24.41 -56.16
CA GLY C 157 -77.30 23.01 -56.26
C GLY C 157 -76.08 22.71 -57.12
N ASN C 158 -75.41 23.76 -57.60
CA ASN C 158 -74.19 23.58 -58.38
C ASN C 158 -73.04 24.43 -57.84
N SER C 159 -72.98 24.58 -56.52
CA SER C 159 -71.88 25.29 -55.88
C SER C 159 -71.55 24.66 -54.53
N GLN C 160 -70.34 24.91 -54.04
CA GLN C 160 -69.96 24.40 -52.72
C GLN C 160 -69.21 25.45 -51.90
N GLU C 161 -69.47 25.47 -50.61
CA GLU C 161 -68.84 26.45 -49.71
C GLU C 161 -67.80 25.80 -48.81
N SER C 162 -66.81 26.61 -48.42
CA SER C 162 -65.82 26.19 -47.45
C SER C 162 -65.45 27.42 -46.61
N VAL C 163 -65.21 27.21 -45.32
CA VAL C 163 -64.91 28.31 -44.40
C VAL C 163 -63.63 28.05 -43.61
N THR C 164 -62.77 29.07 -43.50
CA THR C 164 -61.57 28.94 -42.68
C THR C 164 -61.92 28.86 -41.20
N GLU C 165 -60.98 28.34 -40.42
CA GLU C 165 -61.11 28.34 -38.98
C GLU C 165 -60.85 29.77 -38.48
N GLN C 166 -61.39 30.10 -37.30
CA GLN C 166 -61.28 31.45 -36.77
C GLN C 166 -59.84 31.88 -36.61
N ASP C 167 -59.53 33.07 -37.13
CA ASP C 167 -58.18 33.62 -37.03
C ASP C 167 -57.80 33.84 -35.56
N SER C 168 -56.55 33.56 -35.22
CA SER C 168 -56.12 33.63 -33.83
C SER C 168 -55.53 35.00 -33.49
N LYS C 169 -55.59 35.93 -34.44
CA LYS C 169 -55.13 37.29 -34.19
C LYS C 169 -56.25 38.31 -34.36
N ASP C 170 -56.97 38.28 -35.47
CA ASP C 170 -58.04 39.25 -35.68
C ASP C 170 -59.42 38.60 -35.56
N SER C 171 -59.45 37.35 -35.12
CA SER C 171 -60.69 36.63 -34.81
C SER C 171 -61.68 36.53 -35.96
N THR C 172 -61.20 36.65 -37.19
CA THR C 172 -62.10 36.66 -38.33
C THR C 172 -62.26 35.28 -38.99
N TYR C 173 -63.24 35.21 -39.88
CA TYR C 173 -63.48 34.04 -40.70
C TYR C 173 -63.36 34.42 -42.17
N SER C 174 -62.97 33.46 -43.01
CA SER C 174 -62.91 33.69 -44.45
C SER C 174 -63.63 32.57 -45.19
N LEU C 175 -64.23 32.89 -46.33
CA LEU C 175 -65.09 31.95 -47.00
C LEU C 175 -64.75 31.83 -48.49
N SER C 176 -64.83 30.63 -49.01
CA SER C 176 -64.69 30.40 -50.44
C SER C 176 -65.96 29.72 -50.95
N SER C 177 -66.44 30.18 -52.10
CA SER C 177 -67.59 29.55 -52.74
C SER C 177 -67.21 29.19 -54.16
N THR C 178 -67.40 27.93 -54.54
CA THR C 178 -67.02 27.50 -55.87
C THR C 178 -68.20 27.00 -56.70
N LEU C 179 -68.45 27.71 -57.79
CA LEU C 179 -69.45 27.33 -58.79
C LEU C 179 -68.78 26.44 -59.81
N THR C 180 -69.35 25.27 -60.07
CA THR C 180 -68.75 24.37 -61.05
C THR C 180 -69.68 24.13 -62.23
N LEU C 181 -69.15 24.28 -63.43
CA LEU C 181 -69.92 24.12 -64.65
C LEU C 181 -69.12 23.31 -65.66
N SER C 182 -69.78 22.52 -66.48
CA SER C 182 -69.10 21.88 -67.60
C SER C 182 -68.62 22.99 -68.52
N LYS C 183 -67.50 22.78 -69.20
CA LYS C 183 -66.97 23.78 -70.12
C LYS C 183 -68.06 24.27 -71.05
N ALA C 184 -68.73 23.32 -71.70
CA ALA C 184 -69.85 23.59 -72.61
C ALA C 184 -70.85 24.60 -72.05
N ASP C 185 -71.38 24.31 -70.86
CA ASP C 185 -72.38 25.18 -70.26
C ASP C 185 -71.76 26.49 -69.77
N TYR C 186 -70.44 26.51 -69.63
CA TYR C 186 -69.75 27.73 -69.24
C TYR C 186 -69.68 28.68 -70.43
N GLU C 187 -69.46 28.14 -71.63
CA GLU C 187 -69.40 28.96 -72.84
C GLU C 187 -70.78 29.46 -73.23
N LYS C 188 -71.81 28.71 -72.84
CA LYS C 188 -73.20 29.03 -73.18
C LYS C 188 -73.71 30.31 -72.51
N HIS C 189 -72.91 30.89 -71.63
CA HIS C 189 -73.32 32.10 -70.91
C HIS C 189 -72.21 33.14 -70.91
N LYS C 190 -72.51 34.34 -70.43
CA LYS C 190 -71.55 35.43 -70.54
C LYS C 190 -71.36 36.30 -69.32
N VAL C 191 -72.39 36.45 -68.50
CA VAL C 191 -72.23 37.25 -67.28
C VAL C 191 -72.24 36.39 -66.02
N TYR C 192 -71.12 36.36 -65.30
CA TYR C 192 -71.03 35.58 -64.07
C TYR C 192 -70.88 36.47 -62.84
N ALA C 193 -71.87 36.40 -61.96
CA ALA C 193 -71.93 37.28 -60.81
C ALA C 193 -72.03 36.51 -59.49
N CYS C 194 -71.55 37.16 -58.43
CA CYS C 194 -71.52 36.62 -57.09
C CYS C 194 -72.05 37.67 -56.12
N GLU C 195 -73.14 37.35 -55.42
CA GLU C 195 -73.78 38.31 -54.54
C GLU C 195 -73.62 37.90 -53.08
N VAL C 196 -73.15 38.85 -52.27
CA VAL C 196 -72.77 38.59 -50.88
C VAL C 196 -73.57 39.43 -49.90
N THR C 197 -74.27 38.75 -49.00
CA THR C 197 -75.05 39.40 -47.96
C THR C 197 -74.44 39.10 -46.60
N HIS C 198 -74.13 40.16 -45.86
CA HIS C 198 -73.51 40.01 -44.55
C HIS C 198 -73.98 41.15 -43.65
N GLN C 199 -74.15 40.86 -42.37
CA GLN C 199 -74.65 41.85 -41.42
C GLN C 199 -73.73 43.07 -41.36
N GLY C 200 -72.46 42.88 -41.70
CA GLY C 200 -71.52 43.97 -41.78
C GLY C 200 -71.66 44.78 -43.06
N LEU C 201 -72.55 44.35 -43.94
CA LEU C 201 -72.83 45.07 -45.18
C LEU C 201 -74.17 45.78 -45.08
N SER C 202 -74.21 47.03 -45.53
CA SER C 202 -75.43 47.83 -45.49
C SER C 202 -76.34 47.51 -46.66
N SER C 203 -75.82 46.70 -47.59
CA SER C 203 -76.54 46.22 -48.77
C SER C 203 -75.65 45.22 -49.48
N PRO C 204 -76.24 44.24 -50.18
CA PRO C 204 -75.48 43.16 -50.82
C PRO C 204 -74.36 43.68 -51.72
N VAL C 205 -73.24 42.97 -51.72
CA VAL C 205 -72.12 43.32 -52.58
C VAL C 205 -72.07 42.36 -53.75
N THR C 206 -72.02 42.89 -54.96
CA THR C 206 -71.93 42.03 -56.15
C THR C 206 -70.60 42.19 -56.86
N LYS C 207 -69.89 41.08 -57.01
CA LYS C 207 -68.66 41.07 -57.80
C LYS C 207 -68.90 40.17 -59.00
N SER C 208 -68.50 40.62 -60.18
CA SER C 208 -68.84 39.89 -61.39
C SER C 208 -67.82 40.07 -62.50
N PHE C 209 -67.99 39.27 -63.55
CA PHE C 209 -67.15 39.38 -64.73
C PHE C 209 -67.90 38.92 -65.96
N ASN C 210 -67.42 39.33 -67.13
CA ASN C 210 -67.94 38.85 -68.40
C ASN C 210 -66.90 37.99 -69.08
N ARG C 211 -67.34 36.86 -69.63
CA ARG C 211 -66.43 35.85 -70.16
C ARG C 211 -65.45 36.41 -71.19
N GLY C 212 -64.17 36.13 -70.97
CA GLY C 212 -63.12 36.53 -71.89
C GLY C 212 -62.69 37.98 -71.73
N GLU C 213 -62.84 38.53 -70.52
CA GLU C 213 -62.46 39.91 -70.26
C GLU C 213 -61.79 40.06 -68.89
N ILE D 1 81.88 -8.61 0.12
CA ILE D 1 81.72 -7.46 -0.76
C ILE D 1 80.38 -7.54 -1.48
N ARG D 2 79.80 -6.39 -1.80
CA ARG D 2 78.43 -6.34 -2.32
C ARG D 2 78.36 -5.93 -3.79
N CYS D 3 77.13 -5.79 -4.28
CA CYS D 3 76.84 -5.27 -5.62
C CYS D 3 77.30 -6.15 -6.78
N ILE D 4 78.19 -7.10 -6.51
CA ILE D 4 78.71 -7.96 -7.56
C ILE D 4 77.65 -8.89 -8.12
N GLY D 5 76.85 -9.49 -7.25
CA GLY D 5 75.80 -10.40 -7.66
C GLY D 5 74.55 -9.68 -8.13
N VAL D 6 74.45 -8.40 -7.76
CA VAL D 6 73.29 -7.58 -8.12
C VAL D 6 73.13 -7.43 -9.63
N SER D 7 71.92 -7.66 -10.11
CA SER D 7 71.63 -7.57 -11.54
C SER D 7 71.47 -6.13 -11.98
N ASN D 8 70.86 -5.32 -11.12
CA ASN D 8 70.61 -3.92 -11.44
C ASN D 8 71.70 -3.01 -10.89
N ARG D 9 72.88 -3.06 -11.53
CA ARG D 9 74.04 -2.31 -11.06
C ARG D 9 74.40 -1.15 -11.99
N ASP D 10 74.49 0.04 -11.42
CA ASP D 10 74.90 1.23 -12.18
C ASP D 10 76.31 1.66 -11.81
N PHE D 11 77.21 1.65 -12.78
CA PHE D 11 78.54 2.22 -12.57
C PHE D 11 78.44 3.73 -12.75
N VAL D 12 78.92 4.48 -11.76
CA VAL D 12 78.91 5.94 -11.86
C VAL D 12 80.33 6.50 -11.68
N GLU D 13 80.95 6.82 -12.81
CA GLU D 13 82.32 7.34 -12.82
C GLU D 13 82.33 8.78 -12.30
N GLY D 14 83.39 9.12 -11.57
CA GLY D 14 83.56 10.48 -11.06
C GLY D 14 84.24 11.40 -12.05
N MET D 15 84.14 12.69 -11.81
CA MET D 15 84.74 13.68 -12.71
C MET D 15 85.88 14.43 -12.04
N SER D 16 87.04 14.42 -12.71
CA SER D 16 88.25 15.09 -12.22
C SER D 16 88.57 14.71 -10.77
N GLY D 17 88.67 15.72 -9.92
CA GLY D 17 88.73 15.52 -8.48
C GLY D 17 87.57 16.30 -7.89
N GLY D 18 86.39 16.08 -8.47
CA GLY D 18 85.22 16.88 -8.20
C GLY D 18 84.65 16.83 -6.79
N THR D 19 83.46 17.37 -6.63
CA THR D 19 82.82 17.47 -5.32
C THR D 19 81.42 16.84 -5.31
N TRP D 20 80.97 16.37 -6.47
CA TRP D 20 79.62 15.81 -6.57
C TRP D 20 79.46 14.81 -7.71
N VAL D 21 78.59 13.83 -7.49
CA VAL D 21 78.07 13.00 -8.58
C VAL D 21 76.58 12.75 -8.32
N ASP D 22 75.84 12.36 -9.35
CA ASP D 22 74.41 12.14 -9.18
C ASP D 22 74.04 10.70 -9.47
N VAL D 23 73.27 10.09 -8.56
CA VAL D 23 72.92 8.68 -8.66
C VAL D 23 71.43 8.40 -8.60
N VAL D 24 71.00 7.45 -9.44
CA VAL D 24 69.62 6.97 -9.44
C VAL D 24 69.54 5.67 -8.65
N LEU D 25 69.01 5.75 -7.44
CA LEU D 25 68.93 4.59 -6.55
C LEU D 25 67.60 3.87 -6.66
N GLU D 26 67.63 2.63 -7.15
CA GLU D 26 66.42 1.82 -7.24
C GLU D 26 66.46 0.68 -6.23
N HIS D 27 65.38 -0.08 -6.16
CA HIS D 27 65.27 -1.16 -5.19
C HIS D 27 65.77 -2.47 -5.78
N GLY D 28 66.53 -3.22 -4.99
CA GLY D 28 67.16 -4.44 -5.47
C GLY D 28 68.24 -4.11 -6.49
N GLY D 29 68.71 -2.87 -6.43
CA GLY D 29 69.73 -2.38 -7.34
C GLY D 29 70.81 -1.63 -6.58
N CYS D 30 72.03 -1.66 -7.12
CA CYS D 30 73.18 -1.04 -6.48
C CYS D 30 73.88 -0.06 -7.39
N VAL D 31 74.61 0.87 -6.79
CA VAL D 31 75.41 1.82 -7.56
C VAL D 31 76.88 1.82 -7.12
N THR D 32 77.76 1.48 -8.05
CA THR D 32 79.19 1.52 -7.80
C THR D 32 79.75 2.89 -8.19
N VAL D 33 80.41 3.54 -7.25
CA VAL D 33 80.95 4.88 -7.46
C VAL D 33 82.47 4.91 -7.32
N MET D 34 83.14 5.14 -8.45
CA MET D 34 84.59 5.28 -8.48
C MET D 34 84.97 6.70 -8.87
N ALA D 35 85.81 7.33 -8.07
CA ALA D 35 86.41 8.61 -8.44
C ALA D 35 87.92 8.48 -8.30
N GLN D 36 88.67 9.07 -9.24
CA GLN D 36 90.12 8.90 -9.24
C GLN D 36 90.74 9.51 -7.99
N ASP D 37 91.68 8.77 -7.39
CA ASP D 37 92.23 9.08 -6.07
C ASP D 37 91.13 9.15 -5.00
N LYS D 38 90.17 8.25 -5.11
CA LYS D 38 89.15 8.05 -4.08
C LYS D 38 88.91 6.55 -3.92
N PRO D 39 88.50 6.11 -2.72
CA PRO D 39 88.15 4.70 -2.58
C PRO D 39 86.80 4.42 -3.22
N THR D 40 86.67 3.26 -3.86
CA THR D 40 85.42 2.91 -4.52
C THR D 40 84.33 2.63 -3.49
N VAL D 41 83.13 3.17 -3.71
CA VAL D 41 82.04 2.99 -2.75
C VAL D 41 80.76 2.44 -3.38
N ASP D 42 80.15 1.50 -2.67
CA ASP D 42 78.88 0.92 -3.10
C ASP D 42 77.73 1.56 -2.34
N ILE D 43 76.74 2.05 -3.09
CA ILE D 43 75.56 2.67 -2.52
C ILE D 43 74.32 1.82 -2.83
N GLU D 44 73.56 1.46 -1.79
CA GLU D 44 72.41 0.57 -1.95
C GLU D 44 71.15 1.08 -1.27
N LEU D 45 70.02 1.02 -1.98
CA LEU D 45 68.74 1.32 -1.37
C LEU D 45 68.14 0.03 -0.80
N VAL D 46 68.21 -0.12 0.52
CA VAL D 46 67.78 -1.35 1.19
C VAL D 46 66.26 -1.48 1.31
N THR D 47 65.67 -0.75 2.25
CA THR D 47 64.23 -0.80 2.45
C THR D 47 63.56 0.57 2.54
N THR D 48 62.41 0.69 1.90
CA THR D 48 61.52 1.81 2.11
C THR D 48 60.45 1.34 3.07
N THR D 49 60.35 1.96 4.24
CA THR D 49 59.41 1.47 5.27
C THR D 49 58.48 2.54 5.83
N VAL D 50 57.19 2.20 5.93
CA VAL D 50 56.16 3.14 6.36
C VAL D 50 55.45 2.64 7.62
N SER D 51 55.58 3.37 8.72
CA SER D 51 54.93 2.97 9.96
C SER D 51 53.68 3.79 10.27
N ASN D 52 52.92 3.35 11.27
CA ASN D 52 51.76 4.09 11.77
C ASN D 52 50.77 4.53 10.69
N MET D 53 50.47 3.63 9.76
CA MET D 53 49.48 3.94 8.73
C MET D 53 48.08 3.97 9.32
N ALA D 54 47.28 4.93 8.89
CA ALA D 54 45.95 5.14 9.45
C ALA D 54 44.85 4.56 8.57
N GLU D 55 43.96 3.76 9.18
CA GLU D 55 42.87 3.13 8.44
C GLU D 55 41.93 4.14 7.79
N VAL D 56 41.80 4.07 6.47
CA VAL D 56 40.89 4.94 5.75
C VAL D 56 39.51 4.29 5.60
N ARG D 57 39.46 3.17 4.89
CA ARG D 57 38.19 2.50 4.61
C ARG D 57 38.38 1.01 4.42
N SER D 58 37.49 0.22 5.03
CA SER D 58 37.50 -1.23 4.87
C SER D 58 36.40 -1.71 3.93
N TYR D 59 36.70 -2.73 3.13
CA TYR D 59 35.71 -3.33 2.26
C TYR D 59 35.46 -4.78 2.64
N CYS D 60 34.20 -5.14 2.82
CA CYS D 60 33.84 -6.52 3.10
C CYS D 60 33.90 -7.33 1.82
N TYR D 61 34.57 -8.48 1.87
CA TYR D 61 34.63 -9.35 0.71
C TYR D 61 34.13 -10.76 1.02
N GLU D 62 33.94 -11.07 2.29
CA GLU D 62 33.24 -12.31 2.64
C GLU D 62 32.21 -12.08 3.74
N ALA D 63 30.96 -12.42 3.45
CA ALA D 63 29.85 -12.19 4.37
C ALA D 63 28.90 -13.38 4.40
N SER D 64 27.90 -13.30 5.26
CA SER D 64 26.85 -14.31 5.34
C SER D 64 25.52 -13.68 5.77
N ILE D 65 24.42 -14.36 5.44
CA ILE D 65 23.09 -13.88 5.82
C ILE D 65 22.26 -14.96 6.50
N SER D 66 21.28 -14.52 7.30
CA SER D 66 20.34 -15.43 7.94
C SER D 66 19.10 -14.72 8.45
N ASP D 67 18.14 -15.51 8.95
CA ASP D 67 16.93 -14.98 9.57
C ASP D 67 16.19 -13.98 8.70
N MET D 68 15.97 -14.33 7.44
CA MET D 68 15.31 -13.40 6.52
C MET D 68 13.84 -13.22 6.89
N ALA D 69 13.33 -12.03 6.60
CA ALA D 69 11.96 -11.67 6.89
C ALA D 69 11.40 -10.92 5.71
N SER D 70 10.09 -11.05 5.49
CA SER D 70 9.46 -10.41 4.36
C SER D 70 8.18 -9.71 4.74
N ASP D 71 7.79 -8.74 3.92
CA ASP D 71 6.46 -8.16 4.01
C ASP D 71 5.96 -7.94 2.60
N SER D 72 4.68 -8.23 2.38
CA SER D 72 4.08 -8.03 1.07
C SER D 72 2.73 -7.36 1.19
N ARG D 73 2.45 -6.47 0.24
CA ARG D 73 1.16 -5.80 0.20
C ARG D 73 0.46 -6.12 -1.12
N CYS D 74 -0.86 -6.14 -1.09
CA CYS D 74 -1.65 -6.38 -2.28
C CYS D 74 -1.61 -5.16 -3.19
N PRO D 75 -1.96 -5.34 -4.48
CA PRO D 75 -2.13 -4.17 -5.36
C PRO D 75 -3.06 -3.14 -4.73
N THR D 76 -2.62 -1.88 -4.74
CA THR D 76 -3.30 -0.74 -4.10
C THR D 76 -3.17 -0.73 -2.58
N GLN D 77 -2.74 -1.85 -2.00
CA GLN D 77 -2.58 -1.90 -0.54
C GLN D 77 -1.23 -1.29 -0.14
N GLY D 78 -0.52 -0.78 -1.13
CA GLY D 78 0.64 0.07 -0.88
C GLY D 78 2.00 -0.57 -0.92
N GLU D 79 2.98 0.17 -0.40
CA GLU D 79 4.34 -0.31 -0.28
C GLU D 79 4.49 -1.15 0.99
N ALA D 80 5.39 -2.13 0.94
CA ALA D 80 5.64 -2.98 2.10
C ALA D 80 6.59 -2.30 3.10
N TYR D 81 6.57 -2.77 4.35
CA TYR D 81 7.39 -2.17 5.39
C TYR D 81 7.78 -3.17 6.47
N LEU D 82 9.06 -3.16 6.83
CA LEU D 82 9.55 -3.87 8.01
C LEU D 82 10.33 -2.90 8.88
N ASP D 83 10.41 -3.16 10.19
CA ASP D 83 11.24 -2.36 11.07
C ASP D 83 12.68 -2.44 10.61
N LYS D 84 13.17 -3.67 10.51
CA LYS D 84 14.55 -3.97 10.13
C LYS D 84 14.96 -3.37 8.78
N GLN D 85 13.99 -2.82 8.05
CA GLN D 85 14.26 -2.11 6.80
C GLN D 85 15.18 -0.92 7.04
N SER D 86 15.14 -0.36 8.24
CA SER D 86 16.00 0.77 8.58
C SER D 86 17.18 0.33 9.46
N ASP D 87 17.19 -0.95 9.83
CA ASP D 87 18.23 -1.49 10.70
C ASP D 87 19.52 -1.66 9.93
N THR D 88 20.64 -1.40 10.60
CA THR D 88 21.96 -1.43 9.97
C THR D 88 22.56 -2.84 9.96
N GLN D 89 21.94 -3.73 10.72
CA GLN D 89 22.40 -5.12 10.77
C GLN D 89 21.72 -5.95 9.69
N TYR D 90 20.78 -5.34 8.98
CA TYR D 90 20.01 -6.03 7.95
C TYR D 90 20.26 -5.43 6.57
N VAL D 91 20.13 -6.26 5.55
CA VAL D 91 20.19 -5.82 4.17
C VAL D 91 18.84 -6.12 3.52
N CYS D 92 18.29 -5.16 2.79
CA CYS D 92 16.92 -5.27 2.31
C CYS D 92 16.77 -5.10 0.81
N LYS D 93 15.57 -5.38 0.32
CA LYS D 93 15.24 -5.09 -1.07
C LYS D 93 13.74 -4.96 -1.29
N ARG D 94 13.37 -3.88 -1.98
CA ARG D 94 12.01 -3.69 -2.49
C ARG D 94 11.92 -4.37 -3.84
N THR D 95 10.70 -4.73 -4.25
CA THR D 95 10.45 -5.29 -5.58
C THR D 95 8.95 -5.47 -5.81
N LEU D 96 8.58 -5.79 -7.04
CA LEU D 96 7.19 -6.03 -7.39
C LEU D 96 6.97 -7.48 -7.78
N VAL D 97 5.84 -8.06 -7.34
CA VAL D 97 5.56 -9.46 -7.59
C VAL D 97 4.10 -9.66 -8.00
N ASP D 98 3.80 -10.74 -8.71
CA ASP D 98 2.43 -11.03 -9.14
C ASP D 98 1.54 -11.49 -7.98
N ARG D 99 0.36 -10.87 -7.88
CA ARG D 99 -0.61 -11.17 -6.83
C ARG D 99 -2.02 -11.37 -7.39
N GLY D 100 -2.84 -12.14 -6.69
CA GLY D 100 -4.23 -12.32 -7.07
C GLY D 100 -5.02 -13.17 -6.08
N TRP D 101 -6.20 -13.60 -6.49
CA TRP D 101 -7.07 -14.46 -5.66
C TRP D 101 -6.35 -15.73 -5.22
N GLY D 102 -5.40 -16.18 -6.04
CA GLY D 102 -4.65 -17.39 -5.76
C GLY D 102 -3.78 -17.30 -4.51
N ASN D 103 -3.48 -16.09 -4.05
CA ASN D 103 -2.65 -15.93 -2.87
C ASN D 103 -3.06 -14.80 -1.91
N GLY D 104 -4.36 -14.56 -1.76
CA GLY D 104 -4.85 -13.69 -0.71
C GLY D 104 -5.15 -12.26 -1.08
N CYS D 105 -5.04 -11.94 -2.37
CA CYS D 105 -5.36 -10.59 -2.84
C CYS D 105 -6.66 -10.59 -3.62
N GLY D 106 -7.46 -9.54 -3.44
CA GLY D 106 -8.75 -9.46 -4.10
C GLY D 106 -8.68 -9.00 -5.54
N LEU D 107 -7.50 -8.55 -5.94
CA LEU D 107 -7.30 -8.00 -7.28
C LEU D 107 -6.00 -8.49 -7.90
N PHE D 108 -5.98 -8.61 -9.23
CA PHE D 108 -4.84 -9.19 -9.94
C PHE D 108 -3.83 -8.16 -10.41
N GLY D 109 -2.59 -8.27 -9.92
CA GLY D 109 -1.55 -7.36 -10.39
C GLY D 109 -0.27 -7.30 -9.59
N LYS D 110 0.22 -6.08 -9.37
CA LYS D 110 1.52 -5.88 -8.75
C LYS D 110 1.45 -5.61 -7.26
N GLY D 111 2.08 -6.47 -6.48
CA GLY D 111 2.19 -6.29 -5.05
C GLY D 111 3.62 -5.95 -4.65
N SER D 112 3.75 -5.00 -3.73
CA SER D 112 5.05 -4.63 -3.19
C SER D 112 5.57 -5.73 -2.28
N LEU D 113 6.89 -5.90 -2.28
CA LEU D 113 7.52 -6.97 -1.50
C LEU D 113 8.89 -6.55 -0.99
N VAL D 114 9.00 -6.40 0.32
CA VAL D 114 10.29 -6.09 0.92
C VAL D 114 10.85 -7.34 1.61
N THR D 115 12.13 -7.59 1.40
CA THR D 115 12.80 -8.70 2.09
C THR D 115 14.10 -8.24 2.73
N CYS D 116 14.25 -8.52 4.01
CA CYS D 116 15.44 -8.12 4.77
C CYS D 116 16.08 -9.31 5.46
N ALA D 117 17.41 -9.41 5.37
CA ALA D 117 18.11 -10.50 6.04
C ALA D 117 19.24 -9.96 6.90
N LYS D 118 19.52 -10.65 8.01
CA LYS D 118 20.66 -10.31 8.85
C LYS D 118 21.93 -10.31 8.02
N PHE D 119 22.78 -9.31 8.21
CA PHE D 119 24.04 -9.24 7.50
C PHE D 119 25.18 -9.29 8.50
N ALA D 120 26.22 -10.04 8.16
CA ALA D 120 27.42 -10.10 8.98
C ALA D 120 28.65 -10.30 8.11
N CYS D 121 29.73 -9.58 8.41
CA CYS D 121 30.94 -9.69 7.62
C CYS D 121 31.90 -10.73 8.20
N SER D 122 32.37 -11.64 7.35
CA SER D 122 33.33 -12.65 7.76
C SER D 122 34.75 -12.14 7.57
N LYS D 123 35.04 -11.59 6.40
CA LYS D 123 36.37 -11.11 6.14
C LYS D 123 36.36 -9.84 5.34
N LYS D 124 37.25 -8.93 5.68
CA LYS D 124 37.31 -7.59 5.09
C LYS D 124 38.75 -7.19 4.74
N MET D 125 38.91 -6.42 3.67
CA MET D 125 40.21 -5.85 3.32
C MET D 125 40.25 -4.38 3.76
N THR D 126 41.46 -3.84 3.92
CA THR D 126 41.62 -2.50 4.48
C THR D 126 42.59 -1.61 3.72
N GLY D 127 42.13 -0.41 3.39
CA GLY D 127 42.99 0.59 2.77
C GLY D 127 43.51 1.55 3.83
N LYS D 128 44.80 1.89 3.74
CA LYS D 128 45.42 2.75 4.75
C LYS D 128 46.14 3.93 4.10
N SER D 129 46.20 5.05 4.84
CA SER D 129 46.79 6.28 4.35
C SER D 129 48.30 6.30 4.57
N ILE D 130 49.04 6.67 3.54
CA ILE D 130 50.49 6.81 3.66
C ILE D 130 50.89 8.27 3.66
N GLN D 131 51.32 8.74 4.82
CA GLN D 131 51.81 10.11 4.95
C GLN D 131 53.34 10.12 5.02
N PRO D 132 53.97 11.07 4.31
CA PRO D 132 55.43 11.18 4.19
C PRO D 132 56.16 11.32 5.53
N GLU D 133 55.44 11.56 6.62
CA GLU D 133 56.06 11.75 7.93
C GLU D 133 56.51 10.43 8.55
N ASN D 134 56.00 9.33 8.01
CA ASN D 134 56.31 8.00 8.54
C ASN D 134 57.17 7.20 7.59
N LEU D 135 57.26 7.67 6.36
CA LEU D 135 58.14 7.09 5.36
C LEU D 135 59.58 7.14 5.87
N GLU D 136 60.34 6.08 5.64
CA GLU D 136 61.70 6.01 6.15
C GLU D 136 62.59 5.15 5.25
N TYR D 137 63.30 5.80 4.33
CA TYR D 137 64.20 5.11 3.43
C TYR D 137 65.41 4.57 4.20
N ARG D 138 65.95 3.45 3.75
CA ARG D 138 67.17 2.91 4.34
C ARG D 138 68.23 2.63 3.29
N ILE D 139 69.40 3.25 3.48
CA ILE D 139 70.49 3.14 2.50
C ILE D 139 71.73 2.54 3.15
N MET D 140 72.28 1.50 2.54
CA MET D 140 73.53 0.92 3.01
C MET D 140 74.69 1.39 2.13
N LEU D 141 75.78 1.77 2.79
CA LEU D 141 77.02 2.19 2.11
C LEU D 141 78.18 1.28 2.48
N SER D 142 78.88 0.75 1.48
CA SER D 142 80.03 -0.09 1.75
C SER D 142 81.25 0.44 1.00
N VAL D 143 82.43 0.08 1.48
CA VAL D 143 83.66 0.44 0.78
C VAL D 143 83.75 -0.80 -0.09
N HIS D 144 84.19 -0.61 -1.33
CA HIS D 144 84.49 -1.71 -2.24
C HIS D 144 85.34 -2.89 -1.78
N GLY D 145 86.58 -2.60 -1.38
CA GLY D 145 87.45 -3.63 -0.83
C GLY D 145 87.83 -3.41 0.63
N SER D 146 88.13 -4.50 1.31
CA SER D 146 88.57 -4.46 2.70
C SER D 146 88.88 -5.87 3.21
N GLU D 162 84.15 -0.63 10.50
CA GLU D 162 83.29 0.46 10.03
C GLU D 162 83.57 0.76 8.56
N ASN D 163 83.58 -0.29 7.75
CA ASN D 163 83.68 -0.12 6.30
C ASN D 163 82.30 -0.24 5.67
N ARG D 164 81.31 -0.52 6.52
CA ARG D 164 79.92 -0.65 6.11
C ARG D 164 78.99 0.10 7.06
N ALA D 165 78.26 1.08 6.52
CA ALA D 165 77.36 1.88 7.33
C ALA D 165 75.93 1.78 6.79
N LYS D 166 74.97 2.21 7.60
CA LYS D 166 73.56 2.22 7.21
C LYS D 166 72.95 3.53 7.68
N VAL D 167 72.32 4.26 6.75
CA VAL D 167 71.74 5.56 7.04
C VAL D 167 70.25 5.61 6.67
N GLU D 168 69.57 6.64 7.16
CA GLU D 168 68.12 6.75 7.00
C GLU D 168 67.69 8.09 6.40
N ILE D 169 67.09 8.02 5.22
CA ILE D 169 66.55 9.21 4.54
C ILE D 169 65.05 9.31 4.76
N THR D 170 64.58 10.48 5.20
CA THR D 170 63.16 10.75 5.28
C THR D 170 62.83 12.02 4.49
N PRO D 171 61.59 12.14 3.98
CA PRO D 171 61.19 13.37 3.28
C PRO D 171 61.28 14.61 4.17
N ASN D 172 61.43 14.41 5.48
CA ASN D 172 61.65 15.51 6.41
C ASN D 172 63.11 15.59 6.83
N SER D 173 63.96 14.87 6.12
CA SER D 173 65.41 14.89 6.35
C SER D 173 66.16 14.30 5.15
N PRO D 174 66.13 15.02 4.01
CA PRO D 174 66.69 14.52 2.74
C PRO D 174 68.22 14.42 2.75
N ARG D 175 68.86 15.01 3.75
CA ARG D 175 70.31 15.00 3.85
C ARG D 175 70.80 14.15 5.01
N ALA D 176 71.89 13.42 4.79
CA ALA D 176 72.47 12.57 5.83
C ALA D 176 73.93 12.24 5.54
N GLU D 177 74.73 12.07 6.60
CA GLU D 177 76.15 11.80 6.46
C GLU D 177 76.54 10.44 7.03
N ALA D 178 77.51 9.78 6.41
CA ALA D 178 77.95 8.46 6.86
C ALA D 178 79.47 8.33 6.94
N THR D 179 79.98 8.00 8.12
CA THR D 179 81.41 7.85 8.31
C THR D 179 81.86 6.42 8.03
N LEU D 180 83.11 6.27 7.59
CA LEU D 180 83.62 4.97 7.15
C LEU D 180 85.05 4.66 7.64
N GLY D 181 85.28 4.86 8.93
CA GLY D 181 86.57 4.53 9.54
C GLY D 181 87.74 5.30 8.96
N GLY D 182 88.67 4.57 8.34
CA GLY D 182 89.87 5.17 7.79
C GLY D 182 89.66 5.80 6.43
N PHE D 183 88.43 5.72 5.93
CA PHE D 183 88.09 6.28 4.62
C PHE D 183 87.31 7.59 4.74
N GLY D 184 87.32 8.18 5.92
CA GLY D 184 86.69 9.48 6.12
C GLY D 184 85.18 9.41 6.27
N SER D 185 84.47 10.10 5.38
CA SER D 185 83.01 10.12 5.41
C SER D 185 82.40 10.58 4.08
N LEU D 186 81.15 10.20 3.87
CA LEU D 186 80.40 10.57 2.67
C LEU D 186 79.16 11.40 3.01
N GLY D 187 78.79 12.27 2.07
CA GLY D 187 77.63 13.13 2.23
C GLY D 187 76.52 12.81 1.24
N LEU D 188 75.29 12.79 1.72
CA LEU D 188 74.13 12.43 0.89
C LEU D 188 73.03 13.48 0.93
N ASP D 189 72.59 13.91 -0.26
CA ASP D 189 71.41 14.78 -0.36
C ASP D 189 70.41 14.11 -1.29
N CYS D 190 69.21 13.77 -0.80
CA CYS D 190 68.31 12.98 -1.62
C CYS D 190 66.93 13.60 -1.84
N GLU D 191 66.48 13.60 -3.09
CA GLU D 191 65.14 14.08 -3.43
C GLU D 191 64.09 12.99 -3.22
N PRO D 192 63.30 13.11 -2.15
CA PRO D 192 62.30 12.08 -1.83
C PRO D 192 61.09 12.17 -2.75
N ARG D 193 60.84 13.36 -3.26
CA ARG D 193 59.71 13.63 -4.15
C ARG D 193 59.76 12.78 -5.42
N THR D 194 60.91 12.79 -6.09
CA THR D 194 61.06 12.13 -7.37
C THR D 194 61.04 10.60 -7.25
N GLY D 195 61.06 10.12 -6.02
CA GLY D 195 61.00 8.69 -5.77
C GLY D 195 59.76 7.92 -6.13
N LEU D 196 58.66 8.22 -5.45
CA LEU D 196 57.33 7.74 -5.82
C LEU D 196 56.27 8.66 -5.26
N ASP D 197 55.18 8.81 -6.01
CA ASP D 197 54.10 9.71 -5.64
C ASP D 197 53.17 9.03 -4.64
N PHE D 198 53.12 9.55 -3.42
CA PHE D 198 52.43 8.87 -2.32
C PHE D 198 51.14 9.53 -1.81
N SER D 199 50.72 10.63 -2.44
CA SER D 199 49.48 11.28 -2.05
C SER D 199 48.34 10.84 -2.97
N ASP D 200 48.67 9.92 -3.87
CA ASP D 200 47.68 9.36 -4.78
C ASP D 200 47.61 7.85 -4.56
N LEU D 201 48.09 7.40 -3.41
CA LEU D 201 48.19 5.99 -3.12
C LEU D 201 47.71 5.60 -1.73
N TYR D 202 47.25 4.36 -1.63
CA TYR D 202 46.77 3.76 -0.40
C TYR D 202 47.48 2.43 -0.16
N TYR D 203 47.56 2.02 1.10
CA TYR D 203 48.13 0.73 1.45
C TYR D 203 47.03 -0.29 1.71
N LEU D 204 46.87 -1.24 0.79
CA LEU D 204 45.82 -2.24 0.89
C LEU D 204 46.34 -3.55 1.42
N THR D 205 45.71 -4.05 2.49
CA THR D 205 45.97 -5.40 2.95
C THR D 205 44.69 -6.23 2.85
N MET D 206 44.81 -7.40 2.22
CA MET D 206 43.71 -8.34 2.10
C MET D 206 44.24 -9.74 2.40
N ASN D 207 43.78 -10.32 3.50
CA ASN D 207 44.17 -11.67 3.89
C ASN D 207 45.69 -11.80 3.99
N ASN D 208 46.29 -10.86 4.70
CA ASN D 208 47.74 -10.82 4.89
C ASN D 208 48.54 -10.73 3.58
N LYS D 209 47.90 -10.21 2.54
CA LYS D 209 48.60 -9.88 1.29
C LYS D 209 48.53 -8.37 1.14
N HIS D 210 49.48 -7.77 0.43
CA HIS D 210 49.62 -6.32 0.49
C HIS D 210 49.95 -5.68 -0.86
N TRP D 211 49.25 -4.58 -1.17
CA TRP D 211 49.48 -3.81 -2.39
C TRP D 211 49.49 -2.30 -2.10
N LEU D 212 50.03 -1.54 -3.05
CA LEU D 212 49.85 -0.10 -3.08
C LEU D 212 48.88 0.18 -4.21
N VAL D 213 47.78 0.86 -3.91
CA VAL D 213 46.75 1.07 -4.95
C VAL D 213 46.37 2.54 -5.08
N HIS D 214 45.84 2.91 -6.24
CA HIS D 214 45.42 4.30 -6.46
C HIS D 214 44.14 4.59 -5.70
N LYS D 215 44.02 5.82 -5.21
CA LYS D 215 42.91 6.21 -4.34
C LYS D 215 41.57 6.15 -5.06
N GLU D 216 41.53 6.65 -6.28
CA GLU D 216 40.29 6.67 -7.05
C GLU D 216 39.76 5.25 -7.24
N TRP D 217 40.63 4.37 -7.75
CA TRP D 217 40.28 2.98 -7.97
C TRP D 217 39.81 2.30 -6.69
N PHE D 218 40.39 2.71 -5.56
CA PHE D 218 40.03 2.15 -4.26
C PHE D 218 38.65 2.61 -3.80
N HIS D 219 38.34 3.86 -4.04
CA HIS D 219 37.02 4.40 -3.70
C HIS D 219 35.94 3.78 -4.59
N ASP D 220 36.30 3.46 -5.82
CA ASP D 220 35.36 2.92 -6.80
C ASP D 220 35.05 1.45 -6.58
N ILE D 221 35.77 0.82 -5.65
CA ILE D 221 35.55 -0.58 -5.33
C ILE D 221 34.11 -0.79 -4.88
N PRO D 222 33.34 -1.59 -5.64
CA PRO D 222 31.93 -1.85 -5.37
C PRO D 222 31.71 -2.98 -4.35
N LEU D 223 31.98 -2.70 -3.09
CA LEU D 223 31.81 -3.68 -2.01
C LEU D 223 31.30 -2.98 -0.76
N PRO D 224 30.73 -3.75 0.19
CA PRO D 224 30.29 -3.14 1.45
C PRO D 224 31.43 -2.45 2.17
N TRP D 225 31.20 -1.26 2.69
CA TRP D 225 32.29 -0.49 3.28
C TRP D 225 31.92 0.32 4.51
N HIS D 226 32.92 0.57 5.35
CA HIS D 226 32.74 1.40 6.55
C HIS D 226 33.93 2.35 6.58
N ALA D 227 33.82 3.40 7.38
CA ALA D 227 34.95 4.30 7.67
C ALA D 227 35.93 3.64 8.62
N GLY D 228 36.92 4.42 9.06
CA GLY D 228 37.96 3.91 9.95
C GLY D 228 37.29 2.93 10.89
N ALA D 229 37.90 1.77 11.08
CA ALA D 229 37.35 0.76 12.00
C ALA D 229 37.24 1.50 13.32
N ASP D 230 36.01 1.76 13.76
CA ASP D 230 35.75 2.26 15.10
C ASP D 230 35.46 1.12 16.06
N THR D 231 35.12 1.46 17.30
CA THR D 231 34.78 0.45 18.29
C THR D 231 33.33 0.00 18.16
N GLY D 232 32.90 -0.90 19.03
CA GLY D 232 31.54 -1.40 19.01
C GLY D 232 31.24 -2.21 17.77
N THR D 233 30.63 -1.57 16.78
CA THR D 233 30.28 -2.26 15.52
C THR D 233 30.47 -1.37 14.30
N PRO D 234 31.09 -1.92 13.26
CA PRO D 234 31.22 -1.24 11.96
C PRO D 234 29.87 -1.04 11.30
N HIS D 235 29.69 0.09 10.63
CA HIS D 235 28.46 0.38 9.90
C HIS D 235 28.66 0.10 8.41
N TRP D 236 28.29 -1.09 7.97
CA TRP D 236 28.55 -1.51 6.59
C TRP D 236 27.61 -0.83 5.60
N ASN D 237 28.18 0.03 4.76
CA ASN D 237 27.45 0.66 3.67
C ASN D 237 27.38 -0.29 2.49
N ASN D 238 26.40 -0.07 1.61
CA ASN D 238 26.25 -0.84 0.37
C ASN D 238 26.40 -2.35 0.55
N LYS D 239 25.71 -2.91 1.55
CA LYS D 239 25.75 -4.34 1.79
C LYS D 239 25.23 -5.11 0.58
N GLU D 240 24.33 -4.46 -0.16
CA GLU D 240 23.71 -5.02 -1.35
C GLU D 240 24.71 -5.66 -2.30
N ALA D 241 25.95 -5.16 -2.28
CA ALA D 241 26.99 -5.61 -3.19
C ALA D 241 27.39 -7.08 -2.99
N LEU D 242 27.21 -7.62 -1.79
CA LEU D 242 27.65 -8.98 -1.52
C LEU D 242 26.52 -10.00 -1.41
N VAL D 243 25.32 -9.59 -1.79
CA VAL D 243 24.14 -10.42 -1.63
C VAL D 243 23.16 -10.21 -2.78
N GLU D 244 22.57 -11.30 -3.30
CA GLU D 244 21.53 -11.13 -4.30
C GLU D 244 20.20 -11.79 -3.91
N PHE D 245 19.12 -11.12 -4.29
CA PHE D 245 17.77 -11.57 -4.02
C PHE D 245 17.20 -12.15 -5.31
N LYS D 246 16.45 -13.25 -5.20
CA LYS D 246 15.96 -13.96 -6.38
C LYS D 246 14.53 -14.44 -6.23
N ASP D 247 13.89 -14.65 -7.38
CA ASP D 247 12.61 -15.38 -7.49
C ASP D 247 11.56 -14.92 -6.50
N ALA D 248 11.21 -13.64 -6.58
CA ALA D 248 10.23 -13.05 -5.69
C ALA D 248 8.88 -13.77 -5.79
N HIS D 249 8.42 -14.31 -4.67
CA HIS D 249 7.11 -14.95 -4.61
C HIS D 249 6.09 -14.01 -3.98
N ALA D 250 4.87 -14.48 -3.84
CA ALA D 250 3.77 -13.67 -3.35
C ALA D 250 4.06 -13.08 -1.97
N LYS D 251 4.66 -13.88 -1.09
CA LYS D 251 4.92 -13.44 0.27
C LYS D 251 6.39 -13.47 0.68
N ARG D 252 7.23 -14.12 -0.12
CA ARG D 252 8.67 -14.19 0.23
C ARG D 252 9.60 -14.09 -0.98
N GLN D 253 10.89 -14.17 -0.69
CA GLN D 253 11.94 -13.98 -1.69
C GLN D 253 13.16 -14.79 -1.28
N THR D 254 13.92 -15.31 -2.24
CA THR D 254 15.06 -16.16 -1.88
C THR D 254 16.38 -15.40 -1.91
N VAL D 255 16.99 -15.22 -0.75
CA VAL D 255 18.21 -14.43 -0.63
C VAL D 255 19.44 -15.31 -0.51
N VAL D 256 20.54 -14.91 -1.15
CA VAL D 256 21.78 -15.67 -1.08
C VAL D 256 23.01 -14.79 -1.28
N VAL D 257 24.05 -15.02 -0.48
CA VAL D 257 25.30 -14.28 -0.63
C VAL D 257 26.03 -14.66 -1.91
N LEU D 258 26.70 -13.69 -2.51
CA LEU D 258 27.70 -13.98 -3.53
C LEU D 258 28.86 -14.63 -2.80
N GLY D 259 29.74 -15.30 -3.53
CA GLY D 259 30.88 -15.93 -2.90
C GLY D 259 31.90 -14.92 -2.39
N SER D 260 32.89 -15.42 -1.66
CA SER D 260 34.04 -14.60 -1.27
C SER D 260 34.66 -14.00 -2.51
N GLN D 261 34.84 -12.69 -2.52
CA GLN D 261 35.36 -12.00 -3.70
C GLN D 261 36.85 -11.76 -3.58
N GLU D 262 37.52 -12.55 -2.75
CA GLU D 262 38.95 -12.41 -2.54
C GLU D 262 39.74 -12.66 -3.83
N GLY D 263 39.39 -13.75 -4.51
CA GLY D 263 40.04 -14.10 -5.76
C GLY D 263 39.83 -13.07 -6.84
N ALA D 264 38.64 -12.46 -6.85
CA ALA D 264 38.32 -11.43 -7.82
C ALA D 264 39.19 -10.21 -7.63
N VAL D 265 39.34 -9.79 -6.37
CA VAL D 265 40.17 -8.65 -6.03
C VAL D 265 41.64 -8.93 -6.35
N HIS D 266 42.09 -10.12 -5.99
CA HIS D 266 43.47 -10.55 -6.28
C HIS D 266 43.73 -10.50 -7.77
N THR D 267 42.72 -10.87 -8.56
CA THR D 267 42.82 -10.82 -10.01
C THR D 267 42.86 -9.36 -10.49
N ALA D 268 42.11 -8.49 -9.83
CA ALA D 268 42.08 -7.07 -10.19
C ALA D 268 43.40 -6.39 -9.84
N LEU D 269 44.12 -6.97 -8.89
CA LEU D 269 45.40 -6.41 -8.43
C LEU D 269 46.58 -7.14 -9.04
N ALA D 270 46.36 -7.73 -10.22
CA ALA D 270 47.40 -8.49 -10.90
C ALA D 270 48.60 -7.61 -11.26
N GLY D 271 48.34 -6.35 -11.58
CA GLY D 271 49.40 -5.44 -12.01
C GLY D 271 49.62 -4.25 -11.10
N ALA D 272 49.41 -4.42 -9.80
CA ALA D 272 49.65 -3.36 -8.83
C ALA D 272 50.96 -3.60 -8.08
N LEU D 273 51.55 -2.53 -7.57
CA LEU D 273 52.81 -2.62 -6.84
C LEU D 273 52.64 -3.43 -5.56
N GLU D 274 53.29 -4.58 -5.49
CA GLU D 274 53.19 -5.47 -4.32
C GLU D 274 54.13 -5.04 -3.20
N ALA D 275 53.58 -4.94 -1.99
CA ALA D 275 54.35 -4.58 -0.80
C ALA D 275 54.20 -5.67 0.27
N GLU D 276 54.92 -5.52 1.39
CA GLU D 276 54.82 -6.53 2.45
C GLU D 276 54.82 -5.90 3.84
N MET D 277 54.68 -6.72 4.88
CA MET D 277 54.54 -6.22 6.24
C MET D 277 55.55 -6.84 7.20
N ASP D 278 55.93 -6.09 8.22
CA ASP D 278 56.88 -6.55 9.23
C ASP D 278 56.60 -5.85 10.56
N GLY D 279 56.15 -6.62 11.55
CA GLY D 279 55.67 -6.06 12.80
C GLY D 279 54.40 -5.29 12.55
N ALA D 280 54.46 -3.96 12.72
CA ALA D 280 53.35 -3.09 12.32
C ALA D 280 53.77 -2.22 11.16
N LYS D 281 55.04 -2.33 10.78
CA LYS D 281 55.65 -1.46 9.78
C LYS D 281 55.57 -2.05 8.37
N GLY D 282 55.08 -1.23 7.44
CA GLY D 282 54.99 -1.60 6.05
C GLY D 282 56.34 -1.52 5.36
N ARG D 283 56.54 -2.36 4.35
CA ARG D 283 57.81 -2.47 3.66
C ARG D 283 57.58 -2.52 2.15
N LEU D 284 57.97 -1.45 1.47
CA LEU D 284 57.72 -1.29 0.04
C LEU D 284 58.93 -1.70 -0.80
N SER D 285 58.68 -2.53 -1.81
CA SER D 285 59.76 -3.02 -2.67
C SER D 285 59.82 -2.25 -3.98
N SER D 286 59.04 -1.17 -4.08
CA SER D 286 59.09 -0.28 -5.23
C SER D 286 59.75 1.04 -4.82
N GLY D 287 61.06 1.11 -4.97
CA GLY D 287 61.82 2.27 -4.54
C GLY D 287 62.52 3.02 -5.65
N HIS D 288 62.56 4.34 -5.51
CA HIS D 288 63.32 5.20 -6.41
C HIS D 288 63.82 6.39 -5.60
N LEU D 289 64.99 6.92 -5.99
CA LEU D 289 65.60 8.03 -5.28
C LEU D 289 66.72 8.68 -6.09
N LYS D 290 66.56 9.95 -6.43
CA LYS D 290 67.64 10.71 -7.04
C LYS D 290 68.47 11.37 -5.94
N CYS D 291 69.75 11.00 -5.87
CA CYS D 291 70.60 11.48 -4.80
C CYS D 291 71.92 12.09 -5.27
N ARG D 292 72.22 13.27 -4.73
CA ARG D 292 73.49 13.92 -4.89
C ARG D 292 74.50 13.37 -3.88
N LEU D 293 75.56 12.77 -4.42
CA LEU D 293 76.65 12.22 -3.66
C LEU D 293 77.78 13.25 -3.54
N LYS D 294 78.14 13.57 -2.30
CA LYS D 294 79.24 14.48 -2.03
C LYS D 294 80.41 13.74 -1.39
N MET D 295 81.54 13.70 -2.09
CA MET D 295 82.67 12.85 -1.72
C MET D 295 83.95 13.63 -1.41
N ASP D 296 83.82 14.91 -1.12
CA ASP D 296 84.99 15.76 -0.90
C ASP D 296 85.56 15.57 0.51
N LYS D 297 85.03 14.59 1.23
CA LYS D 297 85.56 14.21 2.53
C LYS D 297 85.91 12.73 2.52
N LEU D 298 85.80 12.12 1.35
CA LEU D 298 86.16 10.71 1.17
C LEU D 298 87.65 10.63 0.84
N ARG D 299 88.27 9.51 1.19
CA ARG D 299 89.72 9.38 1.12
C ARG D 299 90.18 7.94 1.10
N LEU D 300 91.28 7.66 0.40
CA LEU D 300 91.95 6.37 0.51
C LEU D 300 92.44 6.20 1.94
N LYS D 301 92.89 5.00 2.28
CA LYS D 301 93.38 4.72 3.61
C LYS D 301 94.27 5.79 4.24
N GLY D 302 94.92 6.59 3.40
CA GLY D 302 95.64 7.76 3.83
C GLY D 302 97.15 7.53 3.90
N VAL D 303 97.64 6.66 3.02
CA VAL D 303 99.07 6.35 2.97
C VAL D 303 99.38 5.52 1.74
N SER D 304 100.40 5.92 0.99
CA SER D 304 100.92 5.09 -0.07
C SER D 304 101.74 3.97 0.54
N TYR D 305 101.07 2.95 1.06
CA TYR D 305 101.72 1.80 1.69
C TYR D 305 102.75 1.16 0.76
N SER D 306 103.77 0.55 1.35
CA SER D 306 104.71 -0.27 0.59
C SER D 306 103.94 -1.46 0.04
N LEU D 307 104.43 -2.03 -1.06
CA LEU D 307 103.76 -3.16 -1.68
C LEU D 307 103.85 -4.40 -0.80
N CYS D 308 103.09 -5.42 -1.17
CA CYS D 308 103.14 -6.70 -0.47
C CYS D 308 104.29 -7.55 -1.01
N THR D 309 105.16 -8.00 -0.11
CA THR D 309 106.38 -8.70 -0.53
C THR D 309 106.14 -10.19 -0.81
N ALA D 310 105.37 -10.85 0.04
CA ALA D 310 105.19 -12.29 -0.08
C ALA D 310 104.30 -12.65 -1.26
N ALA D 311 104.01 -13.95 -1.41
CA ALA D 311 103.29 -14.47 -2.55
C ALA D 311 101.79 -14.61 -2.32
N PHE D 312 101.01 -14.29 -3.34
CA PHE D 312 99.56 -14.46 -3.30
C PHE D 312 99.16 -15.78 -3.94
N THR D 313 97.94 -16.22 -3.68
CA THR D 313 97.41 -17.42 -4.34
C THR D 313 95.89 -17.34 -4.47
N PHE D 314 95.38 -17.83 -5.59
CA PHE D 314 93.93 -17.84 -5.84
C PHE D 314 93.22 -18.82 -4.91
N THR D 315 92.18 -18.33 -4.24
CA THR D 315 91.31 -19.20 -3.45
C THR D 315 90.13 -19.61 -4.32
N LYS D 316 89.61 -18.64 -5.06
CA LYS D 316 88.59 -18.88 -6.06
C LYS D 316 89.14 -18.52 -7.43
N ILE D 317 88.94 -19.40 -8.41
CA ILE D 317 89.29 -19.08 -9.78
C ILE D 317 88.48 -17.86 -10.22
N PRO D 318 89.11 -16.96 -11.01
CA PRO D 318 88.48 -15.70 -11.43
C PRO D 318 87.13 -15.90 -12.11
N ALA D 319 86.12 -15.16 -11.66
CA ALA D 319 84.78 -15.30 -12.19
C ALA D 319 84.25 -13.99 -12.75
N GLU D 320 83.67 -14.05 -13.95
CA GLU D 320 83.12 -12.87 -14.59
C GLU D 320 81.73 -12.56 -14.07
N THR D 321 81.49 -11.29 -13.74
CA THR D 321 80.17 -10.86 -13.28
C THR D 321 79.22 -10.68 -14.45
N LEU D 322 78.06 -10.10 -14.18
CA LEU D 322 77.06 -9.88 -15.22
C LEU D 322 77.43 -8.71 -16.11
N HIS D 323 78.44 -7.94 -15.71
CA HIS D 323 78.78 -6.71 -16.41
C HIS D 323 80.17 -6.74 -17.03
N GLY D 324 80.64 -7.93 -17.36
CA GLY D 324 81.95 -8.10 -17.98
C GLY D 324 83.14 -7.93 -17.04
N THR D 325 82.87 -7.36 -15.88
CA THR D 325 83.90 -7.15 -14.87
C THR D 325 84.29 -8.46 -14.20
N VAL D 326 85.51 -8.51 -13.69
CA VAL D 326 86.02 -9.72 -13.07
C VAL D 326 86.23 -9.56 -11.57
N THR D 327 85.74 -10.52 -10.80
CA THR D 327 86.04 -10.56 -9.38
C THR D 327 87.09 -11.63 -9.14
N VAL D 328 88.07 -11.30 -8.29
CA VAL D 328 89.08 -12.26 -7.91
C VAL D 328 89.19 -12.31 -6.38
N GLU D 329 89.52 -13.49 -5.87
CA GLU D 329 89.81 -13.63 -4.44
C GLU D 329 91.16 -14.29 -4.24
N VAL D 330 92.00 -13.69 -3.40
CA VAL D 330 93.35 -14.21 -3.18
C VAL D 330 93.70 -14.37 -1.70
N GLN D 331 94.77 -15.11 -1.44
CA GLN D 331 95.26 -15.35 -0.09
C GLN D 331 96.74 -14.97 0.00
N TYR D 332 97.08 -14.12 0.98
CA TYR D 332 98.42 -13.55 1.09
C TYR D 332 99.23 -14.15 2.23
N ALA D 333 100.46 -14.57 1.94
CA ALA D 333 101.29 -15.27 2.92
C ALA D 333 102.36 -14.38 3.54
N GLY D 334 102.03 -13.12 3.82
CA GLY D 334 102.99 -12.17 4.35
C GLY D 334 102.72 -11.73 5.77
N THR D 335 103.63 -10.94 6.33
CA THR D 335 103.47 -10.40 7.66
C THR D 335 103.78 -8.90 7.70
N ASP D 336 103.80 -8.29 6.51
CA ASP D 336 104.12 -6.87 6.39
C ASP D 336 102.86 -6.02 6.28
N GLY D 337 101.74 -6.56 6.74
CA GLY D 337 100.49 -5.82 6.77
C GLY D 337 100.52 -4.73 7.83
N PRO D 338 99.88 -3.58 7.57
CA PRO D 338 99.17 -3.27 6.32
C PRO D 338 100.10 -3.01 5.12
N CYS D 339 99.83 -3.67 4.01
CA CYS D 339 100.61 -3.51 2.80
C CYS D 339 99.73 -3.36 1.57
N LYS D 340 100.22 -2.63 0.59
CA LYS D 340 99.43 -2.43 -0.60
C LYS D 340 99.32 -3.74 -1.28
N VAL D 341 98.38 -3.84 -2.19
CA VAL D 341 98.26 -5.03 -3.04
C VAL D 341 98.67 -4.78 -4.48
N PRO D 342 99.70 -5.50 -4.95
CA PRO D 342 100.07 -5.44 -6.36
C PRO D 342 99.02 -6.11 -7.22
N ALA D 343 98.20 -5.32 -7.91
CA ALA D 343 97.15 -5.88 -8.75
C ALA D 343 96.91 -5.03 -10.00
N GLN D 344 96.86 -5.68 -11.15
CA GLN D 344 96.64 -4.99 -12.41
C GLN D 344 96.30 -5.99 -13.52
N MET D 345 96.30 -5.50 -14.75
CA MET D 345 96.14 -6.36 -15.92
C MET D 345 97.12 -5.95 -17.00
N ALA D 346 97.42 -6.87 -17.91
CA ALA D 346 98.38 -6.57 -18.97
C ALA D 346 98.11 -7.40 -20.22
N VAL D 347 99.04 -7.35 -21.17
CA VAL D 347 98.97 -8.16 -22.37
C VAL D 347 100.35 -8.72 -22.69
N ASP D 348 101.38 -7.92 -22.44
CA ASP D 348 102.75 -8.35 -22.63
C ASP D 348 103.40 -8.61 -21.28
N MET D 349 103.89 -9.83 -21.09
CA MET D 349 104.43 -10.27 -19.81
C MET D 349 105.89 -9.88 -19.60
N GLN D 350 106.48 -9.19 -20.57
CA GLN D 350 107.85 -8.73 -20.45
C GLN D 350 107.88 -7.29 -19.93
N THR D 351 107.07 -6.44 -20.54
CA THR D 351 107.04 -5.03 -20.16
C THR D 351 106.01 -4.72 -19.09
N LEU D 352 104.99 -5.56 -19.01
CA LEU D 352 103.90 -5.38 -18.05
C LEU D 352 103.26 -4.00 -18.18
N THR D 353 102.57 -3.78 -19.30
CA THR D 353 101.90 -2.50 -19.55
C THR D 353 100.50 -2.53 -18.94
N PRO D 354 100.20 -1.56 -18.07
CA PRO D 354 98.93 -1.48 -17.33
C PRO D 354 97.71 -1.22 -18.20
N VAL D 355 97.03 -2.29 -18.63
CA VAL D 355 95.78 -2.15 -19.35
C VAL D 355 94.60 -2.27 -18.38
N GLY D 356 93.40 -2.01 -18.89
CA GLY D 356 92.19 -2.06 -18.08
C GLY D 356 92.24 -1.11 -16.91
N ARG D 357 91.52 -1.44 -15.85
CA ARG D 357 91.59 -0.67 -14.60
C ARG D 357 90.92 -1.40 -13.45
N LEU D 358 91.17 -0.91 -12.24
CA LEU D 358 90.64 -1.54 -11.02
C LEU D 358 89.34 -0.88 -10.59
N ILE D 359 88.35 -1.70 -10.26
CA ILE D 359 87.12 -1.19 -9.66
C ILE D 359 87.15 -1.02 -8.15
N THR D 360 87.69 -2.01 -7.45
CA THR D 360 88.16 -1.88 -6.08
C THR D 360 89.42 -1.03 -6.16
N ALA D 361 89.26 0.27 -5.93
CA ALA D 361 90.37 1.21 -6.06
C ALA D 361 91.40 1.07 -4.94
N ASN D 362 92.65 0.89 -5.35
CA ASN D 362 93.79 0.71 -4.44
C ASN D 362 93.50 -0.29 -3.32
N PRO D 363 93.58 -1.59 -3.66
CA PRO D 363 93.35 -2.67 -2.70
C PRO D 363 94.45 -2.74 -1.64
N VAL D 364 94.07 -2.81 -0.38
CA VAL D 364 95.03 -2.78 0.72
C VAL D 364 94.80 -3.88 1.75
N ILE D 365 95.72 -4.83 1.81
CA ILE D 365 95.73 -5.81 2.90
C ILE D 365 96.05 -5.10 4.20
N THR D 366 95.17 -5.20 5.19
CA THR D 366 95.38 -4.49 6.45
C THR D 366 95.62 -5.43 7.63
N GLU D 367 95.88 -6.70 7.34
CA GLU D 367 96.12 -7.67 8.40
C GLU D 367 97.58 -8.14 8.42
N SER D 368 98.26 -7.86 9.52
CA SER D 368 99.67 -8.19 9.66
C SER D 368 99.90 -9.69 9.86
N THR D 369 98.83 -10.42 10.13
CA THR D 369 98.91 -11.88 10.23
C THR D 369 98.89 -12.47 8.82
N GLU D 370 99.52 -13.63 8.66
CA GLU D 370 99.61 -14.25 7.34
C GLU D 370 98.32 -14.97 6.94
N ASN D 371 98.28 -15.41 5.69
CA ASN D 371 97.19 -16.21 5.14
C ASN D 371 95.82 -15.52 5.15
N SER D 372 95.84 -14.19 5.17
CA SER D 372 94.60 -13.42 5.08
C SER D 372 94.03 -13.49 3.66
N LYS D 373 92.75 -13.17 3.50
CA LYS D 373 92.10 -13.24 2.19
C LYS D 373 91.57 -11.87 1.76
N MET D 374 91.55 -11.63 0.45
CA MET D 374 91.05 -10.37 -0.07
C MET D 374 90.38 -10.50 -1.43
N MET D 375 89.32 -9.71 -1.63
CA MET D 375 88.61 -9.67 -2.90
C MET D 375 88.92 -8.40 -3.66
N LEU D 376 89.10 -8.51 -4.97
CA LEU D 376 89.30 -7.35 -5.83
C LEU D 376 88.35 -7.41 -7.02
N GLU D 377 87.91 -6.26 -7.50
CA GLU D 377 87.15 -6.22 -8.75
C GLU D 377 87.88 -5.41 -9.82
N LEU D 378 87.91 -5.95 -11.04
CA LEU D 378 88.67 -5.36 -12.13
C LEU D 378 87.79 -5.20 -13.36
N ASP D 379 88.18 -4.27 -14.23
CA ASP D 379 87.49 -4.03 -15.49
C ASP D 379 88.47 -4.18 -16.64
N PRO D 380 88.59 -5.40 -17.17
CA PRO D 380 89.60 -5.79 -18.17
C PRO D 380 89.37 -5.17 -19.55
N PRO D 381 90.37 -5.32 -20.46
CA PRO D 381 90.16 -5.07 -21.88
C PRO D 381 89.58 -6.33 -22.55
N PHE D 382 89.39 -6.28 -23.86
CA PHE D 382 88.73 -7.38 -24.56
C PHE D 382 89.74 -8.39 -25.11
N GLY D 383 89.21 -9.52 -25.57
CA GLY D 383 90.03 -10.60 -26.09
C GLY D 383 90.94 -11.18 -25.01
N ASP D 384 92.17 -11.51 -25.39
CA ASP D 384 93.15 -11.98 -24.43
C ASP D 384 93.63 -10.83 -23.54
N SER D 385 93.86 -11.15 -22.27
CA SER D 385 94.41 -10.20 -21.30
C SER D 385 94.86 -10.99 -20.08
N TYR D 386 95.76 -10.43 -19.29
CA TYR D 386 96.33 -11.15 -18.16
C TYR D 386 96.07 -10.46 -16.83
N ILE D 387 95.47 -11.20 -15.90
CA ILE D 387 95.28 -10.69 -14.55
C ILE D 387 96.55 -10.93 -13.74
N VAL D 388 97.14 -9.87 -13.23
CA VAL D 388 98.41 -9.97 -12.54
C VAL D 388 98.33 -9.52 -11.09
N ILE D 389 98.77 -10.39 -10.17
CA ILE D 389 98.69 -10.10 -8.75
C ILE D 389 99.96 -10.48 -8.01
N GLY D 390 100.57 -9.52 -7.31
CA GLY D 390 101.81 -9.77 -6.61
C GLY D 390 103.00 -9.27 -7.40
N VAL D 391 104.22 -9.55 -6.92
CA VAL D 391 105.41 -8.98 -7.54
C VAL D 391 106.43 -10.00 -8.03
N GLY D 392 107.00 -9.72 -9.21
CA GLY D 392 108.15 -10.41 -9.75
C GLY D 392 108.06 -11.93 -9.89
N GLU D 393 109.00 -12.62 -9.26
CA GLU D 393 109.13 -14.08 -9.38
C GLU D 393 107.86 -14.80 -8.95
N LYS D 394 107.43 -14.56 -7.71
CA LYS D 394 106.26 -15.23 -7.16
C LYS D 394 104.97 -14.45 -7.39
N LYS D 395 104.81 -13.92 -8.60
CA LYS D 395 103.58 -13.22 -8.95
C LYS D 395 102.61 -14.19 -9.61
N ILE D 396 101.31 -13.92 -9.46
CA ILE D 396 100.29 -14.68 -10.14
C ILE D 396 99.89 -14.07 -11.45
N THR D 397 99.88 -14.89 -12.49
CA THR D 397 99.37 -14.50 -13.78
C THR D 397 98.20 -15.40 -14.15
N HIS D 398 97.07 -14.80 -14.50
CA HIS D 398 95.93 -15.59 -14.92
C HIS D 398 95.43 -15.19 -16.31
N HIS D 399 95.43 -16.20 -17.19
CA HIS D 399 94.94 -16.10 -18.55
C HIS D 399 93.47 -15.72 -18.55
N TRP D 400 93.12 -14.62 -19.22
CA TRP D 400 91.74 -14.18 -19.24
C TRP D 400 91.24 -13.80 -20.63
N HIS D 401 90.22 -14.51 -21.09
CA HIS D 401 89.60 -14.22 -22.38
C HIS D 401 88.24 -13.55 -22.16
N ARG D 402 88.12 -12.31 -22.59
CA ARG D 402 86.86 -11.58 -22.49
C ARG D 402 86.23 -11.43 -23.87
N SER D 403 85.14 -12.17 -24.10
CA SER D 403 84.50 -12.23 -25.41
C SER D 403 83.50 -11.10 -25.63
N GLY D 404 83.67 -9.99 -24.93
CA GLY D 404 82.78 -8.84 -25.07
C GLY D 404 81.40 -9.09 -24.48
N SER D 405 80.65 -10.00 -25.10
CA SER D 405 79.33 -10.36 -24.61
C SER D 405 79.28 -11.80 -24.10
N GLN E 1 35.80 -20.11 26.38
CA GLN E 1 35.90 -18.79 25.73
C GLN E 1 34.88 -17.81 26.28
N VAL E 2 33.65 -18.28 26.50
CA VAL E 2 32.57 -17.44 27.00
C VAL E 2 31.60 -18.21 27.91
N GLN E 3 31.20 -17.63 29.02
CA GLN E 3 30.19 -18.23 29.85
C GLN E 3 29.00 -17.30 29.99
N LEU E 4 27.83 -17.91 30.11
CA LEU E 4 26.58 -17.20 30.31
C LEU E 4 25.88 -17.81 31.52
N GLN E 5 25.37 -16.99 32.43
CA GLN E 5 24.58 -17.54 33.54
C GLN E 5 23.30 -16.75 33.79
N GLU E 6 22.19 -17.47 33.88
CA GLU E 6 20.88 -16.87 34.09
C GLU E 6 20.63 -16.69 35.58
N SER E 7 19.80 -15.70 35.91
CA SER E 7 19.48 -15.39 37.30
C SER E 7 18.12 -14.70 37.40
N GLY E 8 17.43 -14.93 38.52
CA GLY E 8 16.13 -14.36 38.76
C GLY E 8 15.30 -15.25 39.66
N PRO E 9 14.11 -14.77 40.06
CA PRO E 9 13.17 -15.52 40.90
C PRO E 9 12.74 -16.84 40.26
N GLY E 10 12.52 -17.85 41.08
CA GLY E 10 12.10 -19.16 40.60
C GLY E 10 10.61 -19.40 40.73
N LEU E 11 9.88 -18.35 41.09
CA LEU E 11 8.43 -18.43 41.24
C LEU E 11 7.77 -17.09 40.91
N VAL E 12 6.74 -17.13 40.06
CA VAL E 12 6.05 -15.91 39.66
C VAL E 12 4.53 -16.07 39.78
N LYS E 13 3.91 -15.09 40.43
CA LYS E 13 2.45 -15.02 40.53
C LYS E 13 1.83 -14.93 39.14
N PRO E 14 0.77 -15.73 38.90
CA PRO E 14 0.01 -15.67 37.64
C PRO E 14 -0.39 -14.24 37.32
N SER E 15 -0.42 -13.91 36.03
CA SER E 15 -0.68 -12.54 35.55
C SER E 15 0.39 -11.55 36.01
N GLY E 16 1.51 -12.07 36.50
CA GLY E 16 2.61 -11.24 36.94
C GLY E 16 3.62 -11.00 35.84
N THR E 17 4.78 -10.46 36.20
CA THR E 17 5.83 -10.19 35.22
C THR E 17 7.13 -10.90 35.58
N LEU E 18 7.54 -11.81 34.71
CA LEU E 18 8.78 -12.56 34.87
C LEU E 18 9.99 -11.69 34.47
N SER E 19 10.98 -11.65 35.34
CA SER E 19 12.23 -10.96 35.05
C SER E 19 13.40 -11.92 35.13
N LEU E 20 14.24 -11.93 34.11
CA LEU E 20 15.45 -12.75 34.13
C LEU E 20 16.64 -12.00 33.56
N THR E 21 17.81 -12.19 34.17
CA THR E 21 19.03 -11.56 33.71
C THR E 21 20.06 -12.61 33.32
N CYS E 22 20.67 -12.43 32.15
CA CYS E 22 21.79 -13.26 31.73
C CYS E 22 23.09 -12.47 31.86
N ALA E 23 24.01 -13.01 32.66
CA ALA E 23 25.32 -12.41 32.88
C ALA E 23 26.38 -13.10 32.04
N VAL E 24 27.08 -12.30 31.24
CA VAL E 24 28.07 -12.83 30.31
C VAL E 24 29.50 -12.49 30.75
N SER E 25 30.30 -13.54 30.97
CA SER E 25 31.72 -13.35 31.27
C SER E 25 32.55 -14.08 30.22
N GLY E 26 33.85 -13.82 30.21
CA GLY E 26 34.73 -14.43 29.23
C GLY E 26 34.78 -13.66 27.93
N GLY E 27 33.94 -12.64 27.82
CA GLY E 27 33.91 -11.83 26.62
C GLY E 27 32.87 -10.74 26.68
N SER E 28 33.07 -9.69 25.88
CA SER E 28 32.15 -8.57 25.83
C SER E 28 30.81 -8.99 25.21
N ILE E 29 29.75 -8.35 25.66
CA ILE E 29 28.43 -8.56 25.08
C ILE E 29 28.28 -7.66 23.86
N SER E 30 29.24 -6.77 23.69
CA SER E 30 29.22 -5.80 22.61
C SER E 30 29.96 -6.31 21.38
N SER E 31 30.27 -7.61 21.36
CA SER E 31 30.91 -8.22 20.20
C SER E 31 29.91 -8.30 19.05
N SER E 32 30.31 -8.95 17.96
CA SER E 32 29.45 -9.05 16.78
C SER E 32 28.53 -10.27 16.83
N ASN E 33 27.80 -10.42 17.93
CA ASN E 33 26.93 -11.58 18.14
C ASN E 33 25.51 -11.19 18.53
N TRP E 34 24.56 -12.05 18.19
CA TRP E 34 23.18 -11.87 18.61
C TRP E 34 22.92 -12.67 19.88
N TRP E 35 22.18 -12.07 20.81
CA TRP E 35 21.95 -12.70 22.10
C TRP E 35 20.49 -13.07 22.25
N SER E 36 20.24 -14.34 22.58
CA SER E 36 18.89 -14.87 22.50
C SER E 36 18.34 -15.41 23.80
N TRP E 37 17.02 -15.53 23.86
CA TRP E 37 16.34 -16.25 24.93
C TRP E 37 15.53 -17.38 24.33
N VAL E 38 15.62 -18.54 24.97
CA VAL E 38 14.96 -19.77 24.52
C VAL E 38 14.40 -20.46 25.77
N ARG E 39 13.22 -21.05 25.69
CA ARG E 39 12.71 -21.77 26.85
C ARG E 39 12.24 -23.19 26.54
N GLN E 40 12.06 -23.98 27.59
CA GLN E 40 11.64 -25.37 27.47
C GLN E 40 10.76 -25.79 28.64
N PRO E 41 9.45 -25.95 28.39
CA PRO E 41 8.56 -26.50 29.41
C PRO E 41 8.95 -27.94 29.71
N PRO E 42 8.86 -28.36 30.99
CA PRO E 42 9.28 -29.69 31.43
C PRO E 42 8.75 -30.82 30.54
N GLY E 43 9.64 -31.72 30.15
CA GLY E 43 9.29 -32.87 29.33
C GLY E 43 8.81 -32.50 27.93
N LYS E 44 9.08 -31.27 27.51
CA LYS E 44 8.63 -30.81 26.20
C LYS E 44 9.75 -30.17 25.39
N GLY E 45 9.40 -29.68 24.20
CA GLY E 45 10.39 -29.20 23.25
C GLY E 45 10.89 -27.79 23.51
N LEU E 46 11.72 -27.29 22.59
CA LEU E 46 12.34 -25.98 22.74
C LEU E 46 11.51 -24.92 22.07
N GLU E 47 11.59 -23.70 22.61
CA GLU E 47 10.83 -22.57 22.07
C GLU E 47 11.67 -21.30 22.11
N TRP E 48 11.90 -20.71 20.94
CA TRP E 48 12.69 -19.49 20.87
C TRP E 48 11.88 -18.29 21.34
N ILE E 49 12.37 -17.62 22.37
CA ILE E 49 11.70 -16.45 22.91
C ILE E 49 12.08 -15.19 22.14
N GLY E 50 13.37 -14.91 22.07
CA GLY E 50 13.77 -13.67 21.41
C GLY E 50 15.24 -13.40 21.21
N GLU E 51 15.56 -12.15 20.88
CA GLU E 51 16.87 -11.81 20.35
C GLU E 51 17.16 -10.32 20.48
N ILE E 52 18.40 -9.98 20.81
CA ILE E 52 18.84 -8.59 20.80
C ILE E 52 20.31 -8.48 20.43
N TYR E 53 20.65 -7.40 19.72
CA TYR E 53 22.01 -7.07 19.37
C TYR E 53 22.42 -5.87 20.21
N HIS E 54 23.71 -5.76 20.56
CA HIS E 54 24.16 -4.77 21.54
C HIS E 54 23.77 -3.33 21.21
N SER E 55 23.46 -3.08 19.94
CA SER E 55 23.04 -1.76 19.49
C SER E 55 21.56 -1.50 19.79
N GLY E 56 20.93 -2.40 20.54
CA GLY E 56 19.57 -2.23 21.00
C GLY E 56 18.51 -2.90 20.14
N SER E 57 18.88 -3.20 18.90
CA SER E 57 17.95 -3.80 17.94
C SER E 57 17.46 -5.19 18.38
N THR E 58 16.14 -5.35 18.44
CA THR E 58 15.54 -6.60 18.90
C THR E 58 14.79 -7.36 17.81
N ASN E 59 14.62 -8.66 18.05
CA ASN E 59 13.73 -9.52 17.26
C ASN E 59 13.01 -10.48 18.19
N TYR E 60 11.68 -10.50 18.15
CA TYR E 60 10.93 -11.36 19.07
C TYR E 60 10.16 -12.45 18.32
N ASN E 61 9.80 -13.50 19.05
CA ASN E 61 8.91 -14.53 18.54
C ASN E 61 7.48 -14.01 18.39
N PRO E 62 6.93 -14.06 17.17
CA PRO E 62 5.58 -13.56 16.88
C PRO E 62 4.50 -14.20 17.74
N SER E 63 4.62 -15.50 18.01
CA SER E 63 3.65 -16.19 18.86
C SER E 63 3.71 -15.63 20.28
N LEU E 64 4.76 -14.86 20.55
CA LEU E 64 4.84 -14.05 21.75
C LEU E 64 4.71 -12.58 21.40
N LYS E 65 5.82 -11.85 21.45
CA LYS E 65 5.82 -10.41 21.18
C LYS E 65 4.50 -9.64 21.44
N SER E 66 4.08 -9.59 22.70
CA SER E 66 2.90 -8.86 23.12
C SER E 66 3.12 -8.71 24.61
N ARG E 67 3.99 -9.58 25.10
CA ARG E 67 4.35 -9.73 26.50
C ARG E 67 5.87 -9.70 26.77
N VAL E 68 6.68 -9.74 25.72
CA VAL E 68 8.13 -9.83 25.91
C VAL E 68 8.88 -8.53 25.61
N THR E 69 9.87 -8.24 26.45
CA THR E 69 10.85 -7.19 26.15
C THR E 69 12.25 -7.70 26.46
N ILE E 70 13.18 -7.45 25.56
CA ILE E 70 14.56 -7.86 25.75
C ILE E 70 15.46 -6.63 25.73
N SER E 71 16.36 -6.52 26.70
CA SER E 71 17.17 -5.32 26.83
C SER E 71 18.63 -5.63 27.16
N VAL E 72 19.51 -4.63 27.00
CA VAL E 72 20.94 -4.84 27.27
C VAL E 72 21.51 -3.85 28.27
N ASP E 73 22.40 -4.33 29.12
CA ASP E 73 23.15 -3.47 30.03
C ASP E 73 24.64 -3.69 29.82
N LYS E 74 25.26 -2.83 29.02
CA LYS E 74 26.68 -2.93 28.73
C LYS E 74 27.54 -2.69 29.97
N SER E 75 27.00 -1.94 30.93
CA SER E 75 27.70 -1.65 32.17
C SER E 75 28.07 -2.92 32.93
N LYS E 76 27.06 -3.70 33.30
CA LYS E 76 27.29 -4.94 34.04
C LYS E 76 27.48 -6.12 33.10
N ASN E 77 27.52 -5.82 31.80
CA ASN E 77 27.72 -6.83 30.76
C ASN E 77 26.63 -7.91 30.77
N GLN E 78 25.38 -7.48 30.83
CA GLN E 78 24.24 -8.40 30.93
C GLN E 78 23.21 -8.13 29.85
N PHE E 79 22.24 -9.03 29.73
CA PHE E 79 21.03 -8.72 28.96
C PHE E 79 19.84 -9.42 29.58
N SER E 80 18.66 -8.79 29.49
CA SER E 80 17.51 -9.23 30.27
C SER E 80 16.25 -9.52 29.47
N LEU E 81 15.41 -10.36 30.06
CA LEU E 81 14.13 -10.75 29.50
C LEU E 81 12.99 -10.44 30.48
N LYS E 82 12.04 -9.65 30.01
CA LYS E 82 10.78 -9.39 30.72
C LYS E 82 9.63 -10.09 30.01
N LEU E 83 8.82 -10.82 30.76
CA LEU E 83 7.67 -11.51 30.20
C LEU E 83 6.43 -11.25 31.04
N SER E 84 5.53 -10.42 30.53
CA SER E 84 4.33 -10.03 31.30
C SER E 84 3.16 -11.00 31.15
N SER E 85 2.13 -10.78 31.98
CA SER E 85 0.87 -11.50 31.89
C SER E 85 1.06 -13.01 31.89
N VAL E 86 1.89 -13.51 32.79
CA VAL E 86 2.30 -14.92 32.76
C VAL E 86 1.14 -15.88 33.05
N THR E 87 1.13 -16.97 32.31
CA THR E 87 0.17 -18.05 32.52
C THR E 87 0.93 -19.27 32.97
N ALA E 88 0.23 -20.39 33.17
CA ALA E 88 0.89 -21.63 33.52
C ALA E 88 1.70 -22.16 32.34
N ALA E 89 1.34 -21.69 31.14
CA ALA E 89 2.04 -22.06 29.92
C ALA E 89 3.44 -21.47 29.89
N ASP E 90 3.70 -20.52 30.80
CA ASP E 90 4.99 -19.85 30.86
C ASP E 90 5.92 -20.54 31.87
N THR E 91 5.37 -21.48 32.64
CA THR E 91 6.17 -22.31 33.54
C THR E 91 7.15 -23.14 32.71
N ALA E 92 8.44 -22.84 32.83
CA ALA E 92 9.45 -23.51 31.99
C ALA E 92 10.88 -23.26 32.45
N VAL E 93 11.81 -23.94 31.79
CA VAL E 93 13.24 -23.73 32.01
C VAL E 93 13.76 -22.74 30.97
N TYR E 94 14.34 -21.64 31.43
CA TYR E 94 14.77 -20.58 30.53
C TYR E 94 16.29 -20.58 30.34
N TYR E 95 16.70 -20.43 29.09
CA TYR E 95 18.11 -20.33 28.72
C TYR E 95 18.39 -19.03 27.98
N CYS E 96 19.47 -18.36 28.35
CA CYS E 96 20.03 -17.32 27.50
C CYS E 96 21.06 -17.99 26.61
N ALA E 97 21.26 -17.45 25.41
CA ALA E 97 22.13 -18.09 24.43
C ALA E 97 22.81 -17.06 23.55
N ARG E 98 23.75 -17.51 22.73
CA ARG E 98 24.46 -16.59 21.85
C ARG E 98 24.45 -17.12 20.42
N ASP E 99 24.66 -16.20 19.47
CA ASP E 99 24.79 -16.56 18.06
C ASP E 99 26.21 -16.26 17.56
N ARG E 100 26.83 -17.27 16.94
CA ARG E 100 28.16 -17.15 16.44
C ARG E 100 28.20 -15.93 15.57
N ASP E 101 29.39 -15.51 15.23
CA ASP E 101 29.67 -14.55 14.21
C ASP E 101 28.99 -14.61 12.85
N ASP E 102 28.94 -15.78 12.24
CA ASP E 102 28.48 -15.93 10.87
C ASP E 102 26.96 -16.07 10.83
N LEU E 103 26.29 -15.38 11.75
CA LEU E 103 24.83 -15.43 11.82
C LEU E 103 24.35 -16.84 12.16
N SER E 104 25.25 -17.65 12.71
CA SER E 104 24.92 -19.05 13.01
C SER E 104 24.37 -19.09 14.42
N PRO E 105 23.28 -19.82 14.63
CA PRO E 105 22.64 -19.70 15.94
C PRO E 105 23.11 -20.64 16.97
N PHE E 106 23.08 -20.21 18.21
CA PHE E 106 23.27 -21.05 19.38
C PHE E 106 24.58 -21.82 19.51
N ASP E 107 25.68 -21.10 19.52
CA ASP E 107 27.01 -21.65 19.78
C ASP E 107 27.38 -21.66 21.28
N TYR E 108 26.72 -20.83 22.07
CA TYR E 108 26.90 -20.85 23.53
C TYR E 108 25.56 -20.76 24.26
N TRP E 109 25.46 -21.53 25.34
CA TRP E 109 24.24 -21.58 26.16
C TRP E 109 24.54 -21.30 27.64
N GLY E 110 23.49 -21.01 28.39
CA GLY E 110 23.59 -20.86 29.83
C GLY E 110 23.24 -22.18 30.50
N GLN E 111 23.31 -22.20 31.84
CA GLN E 111 22.97 -23.41 32.58
C GLN E 111 21.46 -23.67 32.55
N GLY E 112 20.69 -22.59 32.47
CA GLY E 112 19.25 -22.67 32.51
C GLY E 112 18.74 -22.28 33.89
N THR E 113 17.51 -21.80 33.95
CA THR E 113 16.88 -21.47 35.23
C THR E 113 15.39 -21.79 35.19
N LEU E 114 14.92 -22.52 36.19
CA LEU E 114 13.51 -22.90 36.23
C LEU E 114 12.66 -21.75 36.72
N VAL E 115 11.52 -21.53 36.06
CA VAL E 115 10.52 -20.61 36.57
C VAL E 115 9.13 -21.25 36.56
N THR E 116 8.58 -21.41 37.76
CA THR E 116 7.22 -21.88 37.94
C THR E 116 6.27 -20.70 38.00
N VAL E 117 5.11 -20.82 37.36
CA VAL E 117 4.06 -19.81 37.51
C VAL E 117 2.97 -20.35 38.40
N SER E 118 2.93 -19.87 39.64
CA SER E 118 2.04 -20.43 40.64
C SER E 118 1.61 -19.39 41.68
N SER E 119 0.37 -19.51 42.13
CA SER E 119 -0.14 -18.68 43.19
C SER E 119 0.31 -19.23 44.54
N ALA E 120 0.70 -20.50 44.55
CA ALA E 120 1.14 -21.17 45.76
C ALA E 120 2.40 -20.52 46.31
N SER E 121 2.66 -20.72 47.60
CA SER E 121 3.79 -20.09 48.26
C SER E 121 5.00 -21.00 48.36
N THR E 122 6.16 -20.38 48.57
CA THR E 122 7.41 -21.13 48.67
C THR E 122 7.52 -21.80 50.02
N LYS E 123 8.10 -23.00 50.04
CA LYS E 123 8.32 -23.74 51.28
C LYS E 123 9.59 -24.59 51.21
N GLY E 124 10.43 -24.46 52.23
CA GLY E 124 11.65 -25.22 52.29
C GLY E 124 11.37 -26.68 52.64
N PRO E 125 12.26 -27.59 52.19
CA PRO E 125 12.10 -29.04 52.39
C PRO E 125 12.62 -29.55 53.71
N SER E 126 12.15 -30.72 54.12
CA SER E 126 12.72 -31.43 55.25
C SER E 126 13.58 -32.57 54.72
N VAL E 127 14.71 -32.82 55.37
CA VAL E 127 15.59 -33.89 54.92
C VAL E 127 15.63 -35.02 55.95
N PHE E 128 15.30 -36.22 55.50
CA PHE E 128 15.26 -37.38 56.39
C PHE E 128 16.21 -38.47 55.92
N PRO E 129 16.89 -39.13 56.87
CA PRO E 129 17.89 -40.15 56.52
C PRO E 129 17.30 -41.47 56.03
N LEU E 130 17.79 -41.93 54.88
CA LEU E 130 17.50 -43.28 54.41
C LEU E 130 18.68 -44.18 54.74
N ALA E 131 18.70 -44.66 55.98
CA ALA E 131 19.81 -45.42 56.53
C ALA E 131 19.97 -46.80 55.89
N PRO E 132 21.22 -47.23 55.70
CA PRO E 132 21.49 -48.58 55.19
C PRO E 132 21.08 -49.65 56.19
N SER E 133 20.79 -50.85 55.71
CA SER E 133 20.37 -51.93 56.59
C SER E 133 21.19 -53.19 56.34
N SER E 134 21.71 -53.78 57.42
CA SER E 134 22.52 -54.99 57.34
C SER E 134 21.66 -56.21 57.00
N GLY E 140 29.56 -57.17 50.63
CA GLY E 140 29.41 -56.86 49.22
C GLY E 140 29.14 -55.38 48.97
N THR E 141 27.88 -55.05 48.77
CA THR E 141 27.48 -53.69 48.49
C THR E 141 26.15 -53.32 49.16
N ALA E 142 26.16 -52.23 49.91
CA ALA E 142 24.94 -51.74 50.56
C ALA E 142 24.36 -50.56 49.78
N ALA E 143 23.38 -49.88 50.37
CA ALA E 143 22.75 -48.73 49.74
C ALA E 143 22.17 -47.79 50.79
N LEU E 144 22.28 -46.48 50.54
CA LEU E 144 21.77 -45.48 51.48
C LEU E 144 21.28 -44.24 50.74
N GLY E 145 20.68 -43.29 51.45
CA GLY E 145 20.23 -42.08 50.80
C GLY E 145 19.58 -41.01 51.66
N CYS E 146 18.94 -40.06 51.00
CA CYS E 146 18.25 -38.94 51.66
C CYS E 146 16.87 -38.71 51.06
N LEU E 147 15.92 -38.35 51.92
CA LEU E 147 14.57 -38.01 51.49
C LEU E 147 14.32 -36.52 51.66
N VAL E 148 14.25 -35.82 50.54
CA VAL E 148 13.94 -34.40 50.51
C VAL E 148 12.44 -34.22 50.34
N LYS E 149 11.72 -34.14 51.45
CA LYS E 149 10.27 -34.18 51.44
C LYS E 149 9.61 -32.81 51.66
N ASP E 150 8.54 -32.56 50.90
CA ASP E 150 7.68 -31.39 51.05
C ASP E 150 8.39 -30.05 50.82
N TYR E 151 8.48 -29.63 49.57
CA TYR E 151 9.05 -28.32 49.24
C TYR E 151 8.40 -27.73 47.99
N PHE E 152 8.60 -26.42 47.80
CA PHE E 152 8.07 -25.71 46.64
C PHE E 152 8.75 -24.35 46.50
N PRO E 153 9.04 -23.93 45.26
CA PRO E 153 8.89 -24.75 44.04
C PRO E 153 10.16 -25.52 43.74
N GLU E 154 10.19 -26.20 42.61
CA GLU E 154 11.39 -26.87 42.16
C GLU E 154 12.42 -25.84 41.70
N PRO E 155 13.71 -26.20 41.67
CA PRO E 155 14.27 -27.50 42.07
C PRO E 155 15.11 -27.46 43.34
N VAL E 156 15.51 -28.63 43.80
CA VAL E 156 16.58 -28.76 44.78
C VAL E 156 17.74 -29.50 44.13
N THR E 157 18.96 -29.19 44.53
CA THR E 157 20.12 -29.96 44.11
C THR E 157 20.75 -30.64 45.31
N VAL E 158 21.03 -31.93 45.18
CA VAL E 158 21.59 -32.68 46.29
C VAL E 158 22.93 -33.30 45.94
N SER E 159 23.96 -32.96 46.71
CA SER E 159 25.28 -33.53 46.51
C SER E 159 25.63 -34.49 47.64
N TRP E 160 26.82 -35.06 47.58
CA TRP E 160 27.30 -35.95 48.64
C TRP E 160 28.74 -35.64 49.01
N ASN E 161 28.99 -35.47 50.31
CA ASN E 161 30.31 -35.13 50.84
C ASN E 161 30.89 -33.89 50.16
N SER E 162 30.07 -32.84 50.09
CA SER E 162 30.42 -31.59 49.42
C SER E 162 30.76 -31.80 47.94
N GLY E 163 30.29 -32.92 47.39
CA GLY E 163 30.47 -33.21 45.97
C GLY E 163 31.63 -34.13 45.64
N ALA E 164 32.17 -34.79 46.65
CA ALA E 164 33.36 -35.62 46.46
C ALA E 164 33.05 -37.11 46.38
N LEU E 165 31.77 -37.42 46.37
CA LEU E 165 31.29 -38.77 46.33
C LEU E 165 30.25 -38.69 45.28
N THR E 166 30.63 -38.85 44.04
CA THR E 166 29.77 -38.55 42.93
C THR E 166 29.32 -39.82 42.31
N SER E 167 30.18 -40.78 42.39
CA SER E 167 30.03 -42.03 41.68
C SER E 167 29.10 -43.02 42.38
N GLY E 168 28.23 -43.65 41.60
CA GLY E 168 27.24 -44.57 42.14
C GLY E 168 26.03 -43.82 42.67
N VAL E 169 25.89 -42.57 42.25
CA VAL E 169 24.84 -41.70 42.73
C VAL E 169 23.66 -41.66 41.75
N HIS E 170 22.45 -41.73 42.30
CA HIS E 170 21.22 -41.61 41.55
C HIS E 170 20.25 -40.68 42.28
N THR E 171 20.06 -39.48 41.75
CA THR E 171 19.05 -38.57 42.28
C THR E 171 17.81 -38.62 41.40
N PHE E 172 16.70 -39.06 41.98
CA PHE E 172 15.46 -39.22 41.25
C PHE E 172 14.74 -37.90 41.03
N PRO E 173 14.08 -37.75 39.86
CA PRO E 173 13.24 -36.59 39.60
C PRO E 173 12.08 -36.47 40.61
N ALA E 174 11.76 -35.25 41.01
CA ALA E 174 10.76 -35.03 42.05
C ALA E 174 9.35 -35.30 41.56
N VAL E 175 8.57 -35.98 42.39
CA VAL E 175 7.15 -36.18 42.11
C VAL E 175 6.32 -35.15 42.89
N LEU E 176 5.22 -34.71 42.29
CA LEU E 176 4.35 -33.75 42.95
C LEU E 176 3.30 -34.51 43.76
N GLN E 177 3.01 -34.03 44.96
CA GLN E 177 2.11 -34.73 45.86
C GLN E 177 0.73 -34.11 45.94
N SER E 178 -0.19 -34.81 46.59
CA SER E 178 -1.56 -34.33 46.78
C SER E 178 -1.56 -33.06 47.59
N SER E 179 -0.54 -32.91 48.45
CA SER E 179 -0.38 -31.72 49.26
C SER E 179 0.08 -30.53 48.41
N GLY E 180 0.47 -30.81 47.18
CA GLY E 180 0.96 -29.78 46.28
C GLY E 180 2.43 -29.52 46.50
N LEU E 181 3.05 -30.32 47.36
CA LEU E 181 4.46 -30.17 47.69
C LEU E 181 5.30 -31.26 47.03
N TYR E 182 6.43 -30.86 46.46
CA TYR E 182 7.34 -31.80 45.83
C TYR E 182 8.09 -32.64 46.85
N SER E 183 8.33 -33.90 46.49
CA SER E 183 9.14 -34.80 47.29
C SER E 183 10.19 -35.43 46.38
N LEU E 184 11.28 -35.89 46.96
CA LEU E 184 12.43 -36.36 46.18
C LEU E 184 13.29 -37.31 46.99
N SER E 185 13.99 -38.22 46.31
CA SER E 185 14.92 -39.11 46.99
C SER E 185 16.27 -39.15 46.26
N SER E 186 17.34 -39.07 47.02
CA SER E 186 18.68 -39.23 46.47
C SER E 186 19.33 -40.49 47.01
N VAL E 187 20.00 -41.25 46.16
CA VAL E 187 20.43 -42.59 46.51
C VAL E 187 21.90 -42.82 46.12
N VAL E 188 22.63 -43.57 46.95
CA VAL E 188 24.01 -43.94 46.62
C VAL E 188 24.36 -45.36 47.10
N THR E 189 25.10 -46.09 46.29
CA THR E 189 25.55 -47.44 46.63
C THR E 189 27.05 -47.48 46.93
N VAL E 190 27.42 -48.04 48.07
CA VAL E 190 28.80 -48.12 48.52
C VAL E 190 29.13 -49.55 48.96
N PRO E 191 30.44 -49.87 49.08
CA PRO E 191 30.83 -51.17 49.66
C PRO E 191 30.36 -51.34 51.11
N SER E 192 30.04 -52.57 51.49
CA SER E 192 29.52 -52.86 52.83
C SER E 192 30.53 -52.53 53.93
N SER E 193 31.79 -52.86 53.66
CA SER E 193 32.87 -52.66 54.63
C SER E 193 33.05 -51.19 55.00
N SER E 194 32.85 -50.30 54.03
CA SER E 194 33.13 -48.88 54.19
C SER E 194 32.14 -48.16 55.10
N LEU E 195 31.06 -48.85 55.46
CA LEU E 195 29.96 -48.23 56.20
C LEU E 195 30.39 -47.59 57.52
N GLY E 196 31.19 -48.32 58.30
CA GLY E 196 31.59 -47.85 59.62
C GLY E 196 32.79 -46.93 59.62
N THR E 197 33.53 -46.91 58.51
CA THR E 197 34.77 -46.15 58.44
C THR E 197 34.70 -44.94 57.51
N GLN E 198 33.50 -44.53 57.14
CA GLN E 198 33.33 -43.41 56.22
C GLN E 198 32.07 -42.60 56.53
N THR E 199 32.27 -41.31 56.82
CA THR E 199 31.15 -40.40 57.05
C THR E 199 30.43 -40.07 55.75
N TYR E 200 29.12 -40.29 55.71
CA TYR E 200 28.33 -40.00 54.53
C TYR E 200 27.33 -38.87 54.79
N ILE E 201 27.56 -37.73 54.16
CA ILE E 201 26.69 -36.57 54.32
C ILE E 201 26.04 -36.21 52.98
N CYS E 202 24.72 -35.95 53.00
CA CYS E 202 24.07 -35.44 51.79
C CYS E 202 23.80 -33.94 51.94
N ASN E 203 24.06 -33.20 50.88
CA ASN E 203 23.96 -31.76 50.91
C ASN E 203 22.81 -31.27 50.03
N VAL E 204 21.70 -30.96 50.67
CA VAL E 204 20.49 -30.52 49.99
C VAL E 204 20.46 -29.00 49.87
N ASN E 205 20.15 -28.51 48.68
CA ASN E 205 20.06 -27.08 48.45
C ASN E 205 18.78 -26.70 47.72
N HIS E 206 17.95 -25.90 48.38
CA HIS E 206 16.74 -25.34 47.78
C HIS E 206 16.90 -23.83 47.67
N LYS E 207 17.16 -23.35 46.46
CA LYS E 207 17.42 -21.92 46.23
C LYS E 207 16.22 -20.98 46.40
N PRO E 208 15.03 -21.36 45.91
CA PRO E 208 13.91 -20.42 46.06
C PRO E 208 13.62 -20.08 47.52
N SER E 209 13.72 -21.07 48.39
CA SER E 209 13.47 -20.88 49.81
C SER E 209 14.69 -20.36 50.54
N ASN E 210 15.84 -20.40 49.87
CA ASN E 210 17.14 -20.11 50.47
C ASN E 210 17.43 -21.07 51.64
N THR E 211 17.08 -22.33 51.44
CA THR E 211 17.39 -23.36 52.44
C THR E 211 18.55 -24.23 51.98
N LYS E 212 19.38 -24.64 52.94
CA LYS E 212 20.48 -25.55 52.67
C LYS E 212 20.67 -26.43 53.90
N VAL E 213 20.79 -27.74 53.69
CA VAL E 213 20.86 -28.69 54.80
C VAL E 213 21.89 -29.79 54.56
N ASP E 214 22.70 -30.08 55.56
CA ASP E 214 23.63 -31.20 55.48
C ASP E 214 23.21 -32.30 56.45
N LYS E 215 22.99 -33.50 55.92
CA LYS E 215 22.46 -34.60 56.73
C LYS E 215 23.39 -35.81 56.79
N ARG E 216 23.67 -36.27 58.01
CA ARG E 216 24.46 -37.48 58.23
C ARG E 216 23.60 -38.72 58.11
N VAL E 217 23.99 -39.61 57.20
CA VAL E 217 23.27 -40.87 57.01
C VAL E 217 24.05 -42.05 57.59
N GLU E 218 23.73 -42.41 58.83
CA GLU E 218 24.39 -43.50 59.52
C GLU E 218 23.44 -44.68 59.67
N PRO E 219 23.99 -45.89 59.89
CA PRO E 219 23.15 -47.07 60.10
C PRO E 219 22.39 -47.03 61.44
N ASP F 1 5.01 -18.85 9.18
CA ASP F 1 6.00 -19.48 10.05
C ASP F 1 6.30 -20.91 9.61
N ILE F 2 7.58 -21.22 9.47
CA ILE F 2 7.99 -22.53 9.00
C ILE F 2 7.87 -23.56 10.11
N VAL F 3 7.33 -24.72 9.77
CA VAL F 3 7.14 -25.81 10.72
C VAL F 3 8.15 -26.93 10.49
N MET F 4 8.93 -27.25 11.51
CA MET F 4 9.89 -28.33 11.43
C MET F 4 9.29 -29.58 12.05
N THR F 5 9.31 -30.67 11.30
CA THR F 5 8.78 -31.95 11.76
C THR F 5 9.90 -32.97 11.89
N GLN F 6 10.09 -33.50 13.11
CA GLN F 6 11.12 -34.51 13.33
C GLN F 6 10.51 -35.90 13.39
N SER F 7 11.02 -36.79 12.55
CA SER F 7 10.58 -38.18 12.54
C SER F 7 11.77 -39.13 12.65
N PRO F 8 11.70 -40.09 13.58
CA PRO F 8 10.58 -40.31 14.49
C PRO F 8 10.64 -39.38 15.70
N SER F 9 9.70 -39.53 16.63
CA SER F 9 9.70 -38.76 17.86
C SER F 9 10.59 -39.45 18.88
N SER F 10 10.48 -40.77 18.92
CA SER F 10 11.31 -41.61 19.78
C SER F 10 11.94 -42.70 18.95
N LEU F 11 12.99 -43.31 19.49
CA LEU F 11 13.80 -44.26 18.73
C LEU F 11 14.71 -45.04 19.66
N SER F 12 14.83 -46.33 19.42
CA SER F 12 15.69 -47.17 20.25
C SER F 12 16.58 -48.06 19.37
N ALA F 13 17.87 -48.12 19.71
CA ALA F 13 18.82 -48.93 18.97
C ALA F 13 19.98 -49.37 19.85
N SER F 14 20.69 -50.41 19.41
CA SER F 14 21.82 -50.93 20.16
C SER F 14 23.10 -50.17 19.82
N VAL F 15 24.08 -50.26 20.71
CA VAL F 15 25.37 -49.61 20.49
C VAL F 15 26.00 -50.13 19.20
N GLY F 16 26.48 -49.22 18.36
CA GLY F 16 27.10 -49.59 17.11
C GLY F 16 26.16 -49.50 15.92
N ASP F 17 24.85 -49.52 16.20
CA ASP F 17 23.86 -49.42 15.14
C ASP F 17 23.93 -48.08 14.41
N ARG F 18 23.44 -48.08 13.18
CA ARG F 18 23.33 -46.86 12.40
C ARG F 18 21.98 -46.22 12.68
N VAL F 19 21.99 -45.00 13.20
CA VAL F 19 20.74 -44.32 13.52
C VAL F 19 20.54 -43.07 12.67
N THR F 20 19.33 -42.95 12.11
CA THR F 20 18.98 -41.82 11.27
C THR F 20 17.72 -41.11 11.75
N ILE F 21 17.84 -39.80 11.95
CA ILE F 21 16.71 -38.94 12.27
C ILE F 21 16.42 -38.03 11.10
N THR F 22 15.15 -37.83 10.79
CA THR F 22 14.75 -37.01 9.64
C THR F 22 14.07 -35.74 10.12
N CYS F 23 14.35 -34.65 9.41
CA CYS F 23 13.78 -33.34 9.71
C CYS F 23 13.18 -32.70 8.46
N ARG F 24 11.86 -32.59 8.41
CA ARG F 24 11.18 -31.98 7.28
C ARG F 24 10.82 -30.53 7.58
N ALA F 25 10.83 -29.70 6.56
CA ALA F 25 10.48 -28.29 6.71
C ALA F 25 9.28 -27.93 5.83
N SER F 26 8.34 -27.19 6.39
CA SER F 26 7.12 -26.83 5.67
C SER F 26 7.41 -25.96 4.45
N GLN F 27 8.51 -25.24 4.50
CA GLN F 27 8.95 -24.43 3.36
C GLN F 27 10.45 -24.60 3.15
N GLY F 28 10.95 -24.05 2.04
CA GLY F 28 12.37 -24.13 1.75
C GLY F 28 13.20 -23.30 2.72
N ILE F 29 14.22 -23.93 3.30
CA ILE F 29 15.12 -23.25 4.22
C ILE F 29 16.53 -23.15 3.65
N ARG F 30 16.72 -23.65 2.44
CA ARG F 30 18.01 -23.88 1.79
C ARG F 30 18.83 -24.76 2.77
N ASN F 31 19.99 -24.29 3.13
CA ASN F 31 20.88 -25.06 3.98
C ASN F 31 21.14 -24.41 5.34
N ASP F 32 20.24 -23.50 5.73
CA ASP F 32 20.34 -22.87 7.03
C ASP F 32 19.67 -23.73 8.10
N LEU F 33 20.28 -24.88 8.39
CA LEU F 33 19.71 -25.82 9.34
C LEU F 33 20.74 -26.31 10.35
N GLY F 34 20.34 -26.40 11.61
CA GLY F 34 21.24 -26.79 12.66
C GLY F 34 20.76 -27.99 13.46
N TRP F 35 21.70 -28.80 13.93
CA TRP F 35 21.40 -29.94 14.78
C TRP F 35 22.01 -29.79 16.16
N TYR F 36 21.19 -30.05 17.18
CA TYR F 36 21.58 -29.90 18.56
C TYR F 36 21.35 -31.18 19.34
N GLN F 37 22.20 -31.43 20.33
CA GLN F 37 22.05 -32.58 21.20
C GLN F 37 21.76 -32.13 22.62
N GLN F 38 20.69 -32.64 23.21
CA GLN F 38 20.41 -32.28 24.59
C GLN F 38 20.42 -33.49 25.51
N LYS F 39 21.45 -33.55 26.35
CA LYS F 39 21.49 -34.46 27.47
C LYS F 39 20.53 -33.91 28.52
N PRO F 40 19.94 -34.77 29.34
CA PRO F 40 18.93 -34.40 30.33
C PRO F 40 19.46 -33.49 31.45
N GLY F 41 18.67 -32.47 31.79
CA GLY F 41 19.01 -31.56 32.87
C GLY F 41 20.03 -30.51 32.47
N LYS F 42 20.51 -30.59 31.23
CA LYS F 42 21.55 -29.69 30.75
C LYS F 42 21.08 -28.95 29.50
N ALA F 43 21.84 -27.92 29.11
CA ALA F 43 21.52 -27.13 27.93
C ALA F 43 21.96 -27.85 26.65
N PRO F 44 21.24 -27.60 25.54
CA PRO F 44 21.59 -28.24 24.27
C PRO F 44 22.93 -27.75 23.73
N LYS F 45 23.81 -28.69 23.37
CA LYS F 45 25.06 -28.36 22.71
C LYS F 45 24.90 -28.55 21.21
N ARG F 46 25.55 -27.69 20.43
CA ARG F 46 25.42 -27.76 18.99
C ARG F 46 26.19 -28.95 18.42
N LEU F 47 25.62 -29.57 17.40
CA LEU F 47 26.28 -30.67 16.71
C LEU F 47 26.64 -30.24 15.30
N ILE F 48 25.65 -29.69 14.59
CA ILE F 48 25.85 -29.42 13.17
C ILE F 48 25.30 -28.07 12.71
N TYR F 49 25.89 -27.44 11.70
CA TYR F 49 25.61 -26.03 11.38
C TYR F 49 25.05 -25.42 10.05
N ALA F 50 25.49 -25.95 8.93
CA ALA F 50 24.97 -25.50 7.69
C ALA F 50 24.43 -26.71 7.01
N ALA F 51 23.75 -27.50 7.80
CA ALA F 51 23.20 -28.75 7.36
C ALA F 51 24.15 -29.89 7.26
N SER F 52 25.42 -29.57 7.01
CA SER F 52 26.39 -30.61 6.85
C SER F 52 27.75 -30.31 7.45
N SER F 53 27.91 -29.18 8.12
CA SER F 53 29.19 -28.86 8.74
C SER F 53 29.35 -29.38 10.16
N LEU F 54 30.22 -30.37 10.31
CA LEU F 54 30.58 -30.90 11.62
C LEU F 54 31.29 -29.80 12.42
N GLN F 55 31.05 -29.77 13.73
CA GLN F 55 31.57 -28.69 14.56
C GLN F 55 32.66 -29.16 15.54
N SER F 56 33.53 -28.23 15.94
CA SER F 56 34.66 -28.53 16.82
C SER F 56 34.23 -29.15 18.15
N GLY F 57 34.86 -30.26 18.51
CA GLY F 57 34.57 -30.93 19.76
C GLY F 57 33.41 -31.91 19.65
N VAL F 58 33.17 -32.38 18.44
CA VAL F 58 32.10 -33.34 18.17
C VAL F 58 32.63 -34.49 17.33
N PRO F 59 32.44 -35.73 17.78
CA PRO F 59 32.96 -36.90 17.07
C PRO F 59 32.46 -36.94 15.63
N SER F 60 33.26 -37.50 14.73
CA SER F 60 32.91 -37.53 13.32
C SER F 60 31.86 -38.58 13.01
N ARG F 61 31.43 -39.31 14.03
CA ARG F 61 30.38 -40.32 13.85
C ARG F 61 29.03 -39.65 13.64
N PHE F 62 28.94 -38.37 13.99
CA PHE F 62 27.78 -37.55 13.68
C PHE F 62 27.96 -36.89 12.31
N SER F 63 26.91 -36.90 11.50
CA SER F 63 26.96 -36.24 10.19
C SER F 63 25.58 -35.78 9.75
N GLY F 64 25.51 -34.63 9.11
CA GLY F 64 24.26 -34.11 8.61
C GLY F 64 24.25 -33.97 7.11
N SER F 65 23.12 -34.27 6.50
CA SER F 65 22.96 -34.13 5.06
C SER F 65 21.61 -33.54 4.70
N GLY F 66 21.48 -33.11 3.46
CA GLY F 66 20.22 -32.57 2.97
C GLY F 66 20.27 -31.10 2.60
N SER F 67 19.19 -30.65 1.96
CA SER F 67 19.02 -29.27 1.55
C SER F 67 17.57 -29.08 1.15
N GLY F 68 17.09 -27.84 1.15
CA GLY F 68 15.73 -27.56 0.73
C GLY F 68 14.69 -27.77 1.83
N THR F 69 14.10 -28.95 1.89
CA THR F 69 13.06 -29.25 2.86
C THR F 69 13.29 -30.55 3.62
N GLU F 70 14.12 -31.44 3.07
CA GLU F 70 14.36 -32.73 3.70
C GLU F 70 15.79 -32.82 4.24
N PHE F 71 15.93 -33.06 5.54
CA PHE F 71 17.23 -33.08 6.18
C PHE F 71 17.45 -34.34 6.99
N THR F 72 18.71 -34.70 7.18
CA THR F 72 19.06 -35.97 7.79
C THR F 72 20.19 -35.84 8.81
N LEU F 73 19.92 -36.31 10.02
CA LEU F 73 20.97 -36.49 11.01
C LEU F 73 21.32 -37.98 11.08
N THR F 74 22.60 -38.28 10.97
CA THR F 74 23.05 -39.66 11.03
C THR F 74 24.12 -39.83 12.10
N ILE F 75 23.88 -40.74 13.02
CA ILE F 75 24.93 -41.18 13.92
C ILE F 75 25.31 -42.58 13.46
N SER F 76 26.52 -42.70 12.92
CA SER F 76 26.96 -43.89 12.23
C SER F 76 27.10 -45.10 13.14
N SER F 77 27.80 -44.91 14.26
CA SER F 77 27.97 -45.97 15.24
C SER F 77 27.57 -45.46 16.62
N LEU F 78 26.45 -45.96 17.13
CA LEU F 78 25.90 -45.50 18.39
C LEU F 78 26.86 -45.65 19.57
N GLN F 79 26.57 -44.92 20.63
CA GLN F 79 27.39 -44.92 21.83
C GLN F 79 26.51 -44.74 23.06
N PRO F 80 26.93 -45.29 24.20
CA PRO F 80 26.22 -45.06 25.46
C PRO F 80 26.03 -43.57 25.77
N GLU F 81 27.00 -42.74 25.40
CA GLU F 81 26.93 -41.31 25.66
C GLU F 81 26.11 -40.58 24.59
N ASP F 82 25.57 -41.35 23.64
CA ASP F 82 24.72 -40.76 22.62
C ASP F 82 23.26 -40.75 23.04
N PHE F 83 23.00 -41.13 24.30
CA PHE F 83 21.66 -41.01 24.85
C PHE F 83 21.34 -39.54 25.08
N ALA F 84 20.40 -39.02 24.31
CA ALA F 84 19.98 -37.63 24.41
C ALA F 84 18.73 -37.43 23.59
N THR F 85 18.18 -36.22 23.62
CA THR F 85 17.13 -35.88 22.66
C THR F 85 17.69 -34.82 21.72
N TYR F 86 17.59 -35.07 20.42
CA TYR F 86 18.22 -34.23 19.41
C TYR F 86 17.20 -33.31 18.74
N TYR F 87 17.59 -32.06 18.55
CA TYR F 87 16.71 -31.07 17.97
C TYR F 87 17.23 -30.54 16.65
N CYS F 88 16.33 -30.22 15.72
CA CYS F 88 16.70 -29.49 14.51
C CYS F 88 16.15 -28.07 14.59
N LEU F 89 16.87 -27.11 14.03
CA LEU F 89 16.50 -25.71 14.14
C LEU F 89 16.79 -25.00 12.83
N GLN F 90 15.75 -24.46 12.20
CA GLN F 90 15.95 -23.68 10.99
C GLN F 90 16.14 -22.21 11.36
N HIS F 91 16.99 -21.52 10.60
CA HIS F 91 17.22 -20.10 10.83
C HIS F 91 17.36 -19.40 9.49
N ASN F 92 16.71 -19.98 8.48
CA ASN F 92 16.68 -19.37 7.16
C ASN F 92 15.69 -18.22 7.13
N SER F 93 14.62 -18.33 7.92
CA SER F 93 13.59 -17.30 7.95
C SER F 93 13.26 -16.91 9.38
N TYR F 94 13.05 -15.62 9.60
CA TYR F 94 12.53 -15.13 10.87
C TYR F 94 11.02 -15.43 10.95
N PRO F 95 10.57 -16.03 12.06
CA PRO F 95 11.33 -16.44 13.24
C PRO F 95 11.97 -17.81 13.09
N ARG F 96 12.99 -18.08 13.90
CA ARG F 96 13.58 -19.40 13.94
C ARG F 96 12.66 -20.37 14.69
N THR F 97 12.62 -21.61 14.24
CA THR F 97 11.74 -22.62 14.82
C THR F 97 12.45 -23.95 15.03
N PHE F 98 12.11 -24.63 16.12
CA PHE F 98 12.66 -25.96 16.38
C PHE F 98 11.73 -27.06 15.88
N GLY F 99 12.28 -28.24 15.68
CA GLY F 99 11.49 -29.44 15.52
C GLY F 99 11.08 -29.85 16.91
N GLN F 100 10.15 -30.80 17.02
CA GLN F 100 9.65 -31.21 18.34
C GLN F 100 10.68 -32.00 19.13
N GLY F 101 11.71 -32.47 18.45
CA GLY F 101 12.77 -33.22 19.10
C GLY F 101 12.63 -34.72 18.98
N THR F 102 13.76 -35.41 18.93
CA THR F 102 13.76 -36.87 18.84
C THR F 102 14.55 -37.47 20.01
N LYS F 103 13.86 -38.22 20.86
CA LYS F 103 14.52 -38.83 22.01
C LYS F 103 15.12 -40.19 21.64
N VAL F 104 16.42 -40.33 21.88
CA VAL F 104 17.14 -41.54 21.50
C VAL F 104 17.45 -42.43 22.70
N GLU F 105 16.83 -43.60 22.74
CA GLU F 105 17.06 -44.59 23.79
C GLU F 105 18.14 -45.57 23.35
N ILE F 106 18.57 -46.44 24.25
CA ILE F 106 19.65 -47.37 23.95
C ILE F 106 19.32 -48.80 24.39
N LYS F 107 19.48 -49.75 23.45
CA LYS F 107 19.27 -51.16 23.74
C LYS F 107 20.52 -51.81 24.33
N ARG F 108 20.32 -52.69 25.30
CA ARG F 108 21.44 -53.43 25.88
C ARG F 108 21.05 -54.86 26.25
N THR F 109 22.06 -55.50 26.80
CA THR F 109 21.98 -56.80 27.41
C THR F 109 21.23 -56.45 28.66
N VAL F 110 20.16 -57.19 28.87
CA VAL F 110 19.09 -56.81 29.81
C VAL F 110 19.77 -57.20 31.12
N ALA F 111 19.38 -56.53 32.21
CA ALA F 111 19.94 -56.78 33.52
C ALA F 111 18.87 -56.71 34.60
N ALA F 112 19.17 -57.27 35.77
CA ALA F 112 18.22 -57.29 36.88
C ALA F 112 18.51 -56.18 37.88
N PRO F 113 17.46 -55.63 38.51
CA PRO F 113 17.61 -54.54 39.46
C PRO F 113 18.12 -54.98 40.83
N SER F 114 19.10 -54.24 41.36
CA SER F 114 19.49 -54.43 42.76
C SER F 114 18.38 -53.85 43.65
N VAL F 115 17.74 -54.71 44.43
CA VAL F 115 16.60 -54.28 45.23
C VAL F 115 17.01 -53.92 46.65
N PHE F 116 16.44 -52.83 47.17
CA PHE F 116 16.71 -52.42 48.54
C PHE F 116 15.47 -51.78 49.17
N ILE F 117 15.33 -51.89 50.48
CA ILE F 117 14.17 -51.31 51.17
C ILE F 117 14.60 -50.44 52.34
N PHE F 118 13.80 -49.41 52.60
CA PHE F 118 14.11 -48.41 53.63
C PHE F 118 12.88 -48.02 54.44
N PRO F 119 12.91 -48.33 55.75
CA PRO F 119 11.90 -47.90 56.71
C PRO F 119 11.99 -46.41 56.97
N PRO F 120 10.90 -45.77 57.40
CA PRO F 120 10.93 -44.34 57.69
C PRO F 120 11.85 -44.02 58.86
N SER F 121 12.30 -42.76 58.92
CA SER F 121 13.16 -42.32 60.02
C SER F 121 12.33 -41.85 61.20
N ASP F 122 12.81 -42.12 62.40
CA ASP F 122 12.13 -41.70 63.63
C ASP F 122 11.96 -40.19 63.64
N GLU F 123 12.94 -39.48 63.10
CA GLU F 123 12.89 -38.04 62.98
C GLU F 123 11.69 -37.60 62.15
N GLN F 124 11.37 -38.36 61.11
CA GLN F 124 10.20 -38.08 60.29
C GLN F 124 8.94 -38.51 61.03
N LEU F 125 9.04 -39.61 61.76
CA LEU F 125 7.92 -40.11 62.56
C LEU F 125 7.45 -39.07 63.55
N LYS F 126 8.38 -38.25 64.04
CA LYS F 126 8.05 -37.17 64.97
C LYS F 126 7.01 -36.21 64.38
N SER F 127 7.10 -35.94 63.08
CA SER F 127 6.23 -34.97 62.44
C SER F 127 4.91 -35.58 61.95
N GLY F 128 4.72 -36.87 62.20
CA GLY F 128 3.43 -37.51 61.97
C GLY F 128 3.22 -38.17 60.62
N THR F 129 4.24 -38.14 59.77
CA THR F 129 4.14 -38.77 58.46
C THR F 129 5.15 -39.92 58.34
N ALA F 130 4.77 -40.98 57.64
CA ALA F 130 5.63 -42.13 57.48
C ALA F 130 5.83 -42.48 56.00
N SER F 131 7.04 -42.25 55.50
CA SER F 131 7.38 -42.61 54.12
C SER F 131 8.24 -43.87 54.11
N VAL F 132 7.79 -44.87 53.35
CA VAL F 132 8.56 -46.08 53.14
C VAL F 132 9.16 -46.04 51.74
N VAL F 133 10.39 -46.51 51.58
CA VAL F 133 11.07 -46.39 50.29
C VAL F 133 11.54 -47.74 49.74
N CYS F 134 11.26 -47.99 48.48
CA CYS F 134 11.73 -49.20 47.79
C CYS F 134 12.55 -48.84 46.55
N LEU F 135 13.82 -49.23 46.54
CA LEU F 135 14.74 -48.87 45.48
C LEU F 135 15.06 -50.04 44.53
N LEU F 136 14.96 -49.78 43.24
CA LEU F 136 15.39 -50.72 42.21
C LEU F 136 16.56 -50.08 41.48
N ASN F 137 17.72 -50.72 41.49
CA ASN F 137 18.94 -50.08 41.03
C ASN F 137 19.59 -50.71 39.80
N ASN F 138 19.87 -49.86 38.81
CA ASN F 138 20.67 -50.23 37.65
C ASN F 138 20.14 -51.44 36.89
N PHE F 139 18.99 -51.29 36.26
CA PHE F 139 18.36 -52.38 35.52
C PHE F 139 17.97 -51.97 34.12
N TYR F 140 17.54 -52.95 33.33
CA TYR F 140 17.08 -52.74 31.96
C TYR F 140 16.26 -53.95 31.53
N PRO F 141 15.16 -53.72 30.80
CA PRO F 141 14.66 -52.44 30.31
C PRO F 141 13.81 -51.65 31.30
N ARG F 142 13.02 -50.73 30.77
CA ARG F 142 12.22 -49.81 31.57
C ARG F 142 11.17 -50.52 32.41
N GLU F 143 10.43 -51.45 31.79
CA GLU F 143 9.27 -52.05 32.42
C GLU F 143 9.59 -52.76 33.72
N ALA F 144 8.85 -52.41 34.77
CA ALA F 144 9.02 -53.01 36.09
C ALA F 144 7.72 -52.93 36.88
N LYS F 145 7.41 -53.99 37.61
CA LYS F 145 6.18 -54.05 38.38
C LYS F 145 6.48 -54.08 39.88
N VAL F 146 6.29 -52.94 40.53
CA VAL F 146 6.59 -52.80 41.96
C VAL F 146 5.32 -52.78 42.79
N GLN F 147 5.12 -53.84 43.58
CA GLN F 147 3.93 -53.95 44.43
C GLN F 147 4.31 -53.85 45.91
N TRP F 148 3.49 -53.13 46.68
CA TRP F 148 3.70 -52.99 48.12
C TRP F 148 2.81 -53.96 48.90
N LYS F 149 3.33 -54.45 50.02
CA LYS F 149 2.56 -55.36 50.87
C LYS F 149 2.72 -55.02 52.35
N VAL F 150 1.60 -54.76 53.02
CA VAL F 150 1.61 -54.44 54.45
C VAL F 150 0.91 -55.53 55.24
N ASP F 151 1.70 -56.39 55.88
CA ASP F 151 1.19 -57.60 56.53
C ASP F 151 0.46 -58.45 55.50
N ASN F 152 1.11 -58.66 54.36
CA ASN F 152 0.56 -59.38 53.22
C ASN F 152 -0.74 -58.79 52.68
N ALA F 153 -1.00 -57.51 52.98
CA ALA F 153 -2.14 -56.82 52.41
C ALA F 153 -1.65 -55.95 51.24
N LEU F 154 -2.16 -56.26 50.04
CA LEU F 154 -1.73 -55.56 48.84
C LEU F 154 -2.24 -54.12 48.85
N GLN F 155 -1.33 -53.18 48.61
CA GLN F 155 -1.63 -51.76 48.71
C GLN F 155 -1.87 -51.13 47.34
N SER F 156 -2.56 -50.00 47.33
CA SER F 156 -2.81 -49.26 46.09
C SER F 156 -3.31 -47.84 46.37
N GLY F 157 -2.92 -46.91 45.50
CA GLY F 157 -3.41 -45.54 45.55
C GLY F 157 -2.68 -44.64 46.52
N ASN F 158 -1.79 -45.20 47.33
CA ASN F 158 -1.09 -44.43 48.35
C ASN F 158 0.42 -44.45 48.19
N SER F 159 0.89 -44.76 46.98
CA SER F 159 2.33 -44.76 46.70
C SER F 159 2.64 -43.93 45.46
N GLN F 160 3.90 -43.56 45.29
CA GLN F 160 4.31 -42.81 44.11
C GLN F 160 5.63 -43.30 43.52
N GLU F 161 5.75 -43.28 42.20
CA GLU F 161 6.94 -43.79 41.53
C GLU F 161 7.77 -42.68 40.91
N SER F 162 9.07 -42.90 40.82
CA SER F 162 9.98 -41.99 40.15
C SER F 162 11.06 -42.79 39.43
N VAL F 163 11.42 -42.37 38.22
CA VAL F 163 12.42 -43.09 37.42
C VAL F 163 13.57 -42.19 36.97
N THR F 164 14.80 -42.66 37.12
CA THR F 164 15.96 -41.91 36.65
C THR F 164 15.96 -41.84 35.13
N GLU F 165 16.86 -41.02 34.59
CA GLU F 165 17.06 -40.98 33.16
C GLU F 165 18.10 -42.04 32.81
N GLN F 166 18.01 -42.58 31.59
CA GLN F 166 18.93 -43.63 31.17
C GLN F 166 20.37 -43.17 31.25
N ASP F 167 21.19 -43.95 31.93
CA ASP F 167 22.57 -43.56 32.18
C ASP F 167 23.37 -43.56 30.88
N SER F 168 24.47 -42.80 30.86
CA SER F 168 25.21 -42.59 29.63
C SER F 168 26.49 -43.41 29.57
N LYS F 169 26.64 -44.37 30.47
CA LYS F 169 27.80 -45.26 30.44
C LYS F 169 27.42 -46.73 30.58
N ASP F 170 26.53 -47.05 31.53
CA ASP F 170 26.06 -48.42 31.65
C ASP F 170 24.66 -48.57 31.06
N SER F 171 24.10 -47.44 30.61
CA SER F 171 22.80 -47.40 29.96
C SER F 171 21.70 -48.12 30.74
N THR F 172 21.65 -47.86 32.05
CA THR F 172 20.65 -48.48 32.90
C THR F 172 19.59 -47.48 33.32
N TYR F 173 18.48 -48.00 33.86
CA TYR F 173 17.49 -47.19 34.53
C TYR F 173 17.58 -47.43 36.04
N SER F 174 17.00 -46.53 36.82
CA SER F 174 16.87 -46.72 38.27
C SER F 174 15.55 -46.15 38.75
N LEU F 175 14.85 -46.92 39.57
CA LEU F 175 13.51 -46.53 39.99
C LEU F 175 13.38 -46.49 41.52
N SER F 176 12.57 -45.55 41.99
CA SER F 176 12.27 -45.42 43.41
C SER F 176 10.76 -45.33 43.62
N SER F 177 10.23 -46.23 44.46
CA SER F 177 8.83 -46.15 44.84
C SER F 177 8.72 -45.70 46.29
N THR F 178 7.71 -44.90 46.59
CA THR F 178 7.57 -44.35 47.93
C THR F 178 6.15 -44.49 48.43
N LEU F 179 6.00 -45.33 49.45
CA LEU F 179 4.75 -45.51 50.17
C LEU F 179 4.57 -44.35 51.14
N THR F 180 3.35 -43.84 51.25
CA THR F 180 3.09 -42.75 52.19
C THR F 180 1.90 -43.09 53.09
N LEU F 181 2.15 -43.10 54.40
CA LEU F 181 1.11 -43.39 55.36
C LEU F 181 1.11 -42.33 56.46
N SER F 182 -0.03 -42.15 57.12
CA SER F 182 -0.05 -41.34 58.33
C SER F 182 0.68 -42.14 59.41
N LYS F 183 1.20 -41.45 60.40
CA LYS F 183 1.93 -42.10 61.49
C LYS F 183 1.08 -43.20 62.12
N ALA F 184 -0.16 -42.85 62.46
CA ALA F 184 -1.10 -43.76 63.09
C ALA F 184 -1.26 -45.07 62.31
N ASP F 185 -1.57 -44.96 61.02
CA ASP F 185 -1.81 -46.14 60.19
C ASP F 185 -0.52 -46.93 59.94
N TYR F 186 0.63 -46.27 60.10
CA TYR F 186 1.91 -46.95 59.98
C TYR F 186 2.17 -47.81 61.22
N GLU F 187 1.86 -47.25 62.38
CA GLU F 187 2.12 -47.95 63.64
C GLU F 187 1.14 -49.10 63.87
N LYS F 188 0.05 -49.12 63.10
CA LYS F 188 -0.98 -50.14 63.25
C LYS F 188 -0.59 -51.49 62.65
N HIS F 189 0.56 -51.55 61.97
CA HIS F 189 0.96 -52.77 61.29
C HIS F 189 2.37 -53.23 61.69
N LYS F 190 2.81 -54.33 61.08
CA LYS F 190 4.05 -54.99 61.50
C LYS F 190 5.05 -55.19 60.37
N VAL F 191 4.69 -55.98 59.36
CA VAL F 191 5.62 -56.35 58.31
C VAL F 191 5.39 -55.54 57.03
N TYR F 192 6.45 -54.90 56.54
CA TYR F 192 6.36 -54.13 55.29
C TYR F 192 7.27 -54.72 54.21
N ALA F 193 6.68 -55.06 53.06
CA ALA F 193 7.39 -55.78 52.01
C ALA F 193 7.21 -55.11 50.63
N CYS F 194 8.17 -55.36 49.75
CA CYS F 194 8.17 -54.78 48.41
C CYS F 194 8.48 -55.86 47.38
N GLU F 195 7.46 -56.33 46.67
CA GLU F 195 7.65 -57.38 45.66
C GLU F 195 7.91 -56.76 44.29
N VAL F 196 8.98 -57.20 43.65
CA VAL F 196 9.43 -56.64 42.38
C VAL F 196 9.43 -57.64 41.23
N THR F 197 8.80 -57.25 40.13
CA THR F 197 8.76 -58.07 38.92
C THR F 197 9.51 -57.36 37.79
N HIS F 198 10.34 -58.12 37.08
CA HIS F 198 11.19 -57.57 36.02
C HIS F 198 11.77 -58.73 35.22
N GLN F 199 11.89 -58.58 33.90
CA GLN F 199 12.28 -59.68 33.04
C GLN F 199 13.69 -60.19 33.32
N GLY F 200 14.49 -59.38 34.01
CA GLY F 200 15.82 -59.78 34.42
C GLY F 200 15.81 -60.76 35.57
N LEU F 201 14.64 -60.91 36.19
CA LEU F 201 14.46 -61.84 37.29
C LEU F 201 13.65 -63.05 36.84
N SER F 202 14.14 -64.25 37.15
CA SER F 202 13.45 -65.49 36.82
C SER F 202 12.14 -65.59 37.60
N SER F 203 12.15 -65.06 38.81
CA SER F 203 10.95 -64.96 39.64
C SER F 203 11.06 -63.71 40.50
N PRO F 204 9.92 -63.10 40.87
CA PRO F 204 9.86 -61.86 41.65
C PRO F 204 10.79 -61.83 42.86
N VAL F 205 11.32 -60.65 43.18
CA VAL F 205 12.20 -60.51 44.35
C VAL F 205 11.60 -59.59 45.40
N THR F 206 11.61 -60.04 46.65
CA THR F 206 10.98 -59.29 47.74
C THR F 206 11.97 -58.89 48.84
N LYS F 207 11.97 -57.61 49.18
CA LYS F 207 12.70 -57.12 50.34
C LYS F 207 11.69 -56.59 51.36
N SER F 208 11.90 -56.91 52.64
CA SER F 208 10.94 -56.55 53.67
C SER F 208 11.57 -56.28 55.02
N PHE F 209 10.77 -55.76 55.95
CA PHE F 209 11.26 -55.51 57.30
C PHE F 209 10.13 -55.52 58.34
N ASN F 210 10.51 -55.69 59.60
CA ASN F 210 9.58 -55.60 60.72
C ASN F 210 9.79 -54.30 61.48
N ARG F 211 8.72 -53.74 62.01
CA ARG F 211 8.77 -52.41 62.62
C ARG F 211 9.53 -52.40 63.95
N GLY F 212 10.47 -51.47 64.07
CA GLY F 212 11.26 -51.31 65.28
C GLY F 212 12.56 -52.07 65.24
N GLU F 213 12.84 -52.69 64.10
CA GLU F 213 14.04 -53.52 63.95
C GLU F 213 14.81 -53.16 62.68
#